data_1XDO
#
_entry.id   1XDO
#
_cell.length_a   154.000
_cell.length_b   154.000
_cell.length_c   155.000
_cell.angle_alpha   90.00
_cell.angle_beta   90.00
_cell.angle_gamma   90.00
#
_symmetry.space_group_name_H-M   'P 42 21 2'
#
_entity_poly.entity_id   1
_entity_poly.type   'polypeptide(L)'
_entity_poly.pdbx_seq_one_letter_code
;GQEKLYIEKELSWLSFNERVLQEAADKSNPLIERMRFLGIYSNNLDEFYKVRFAELKRRIIISEEQGSNSHSRHLLGKIQ
SRVLKADQEFDGLYNELLLEMARNQIFLINERQLSVNQQNWLRHYFKQYLRQHITPILINPDTDLVQFLKDDYTYLAVEI
IRGDTIRYALLEIPSDKVPRFVNLPPEAPRRRKPMILLDNILRYCLDDIFKGFFDYDALNAYSMKMTRDAEYDLVHEMEA
SLMELMSSSLKQRLTAEPVRFVYQRDMPNALVEVLREKLTISRYDSIVPGGRYHNFKDFINFPNVGKANLVNKPLPRLRH
IWFDKAQFRNGFDAIRERDVLLYYPYHTFEHVLELLRQASFDPSVLAIKINIYRVAKDSRIIDSMIHAAHNGKKVTVVVE
LQARFDEEANIHWAKRLTEAGVHVIFSAPGLKIHAKLFLISRKENGEVVRYAHIGTGNFNEKTARLYTDYSLLTADARIT
NEVRRVFNFIENPYRPVTFDYLMVSPQNSRRLLYEMVDREIANAQQGLPSGITLKLNNLVDKGLVDRLYAASSSGVPVNL
LVRGMCSLIPNLEGISDNIRAISIVDRYLEHDRVYIFENGGDKKVYLSSADWMTRNIDYRIEVATPLLDPRLKQRVLDII
DILFSDTVKARYIDKELSNRYVPRGNRRKVRAQLAIYDYIKSLEQPE
;
_entity_poly.pdbx_strand_id   A,B
#
# COMPACT_ATOMS: atom_id res chain seq x y z
N GLY A 1 30.17 -39.30 -25.63
CA GLY A 1 29.94 -39.55 -24.19
C GLY A 1 30.35 -40.94 -23.74
N GLN A 2 31.12 -41.00 -22.66
CA GLN A 2 31.60 -42.27 -22.09
C GLN A 2 31.69 -42.24 -20.56
N GLU A 3 32.73 -41.61 -20.01
CA GLU A 3 32.92 -41.52 -18.56
C GLU A 3 32.82 -40.08 -18.05
N LYS A 4 31.59 -39.64 -17.79
CA LYS A 4 31.33 -38.28 -17.31
C LYS A 4 32.52 -37.58 -16.67
N LEU A 5 32.98 -36.53 -17.34
CA LEU A 5 34.08 -35.76 -16.82
C LEU A 5 33.52 -34.68 -15.90
N TYR A 6 32.27 -34.29 -16.12
CA TYR A 6 31.59 -33.27 -15.30
C TYR A 6 30.17 -33.76 -15.01
N ILE A 7 29.38 -33.02 -14.23
CA ILE A 7 27.99 -33.42 -13.90
C ILE A 7 27.07 -32.41 -14.50
N GLU A 8 26.02 -32.85 -15.18
CA GLU A 8 25.07 -31.91 -15.76
C GLU A 8 24.50 -31.03 -14.66
N LYS A 9 24.63 -29.72 -14.82
CA LYS A 9 24.13 -28.78 -13.80
C LYS A 9 22.66 -28.94 -13.46
N GLU A 10 21.85 -29.32 -14.44
CA GLU A 10 20.43 -29.51 -14.19
C GLU A 10 20.20 -30.68 -13.26
N LEU A 11 21.06 -31.69 -13.33
CA LEU A 11 20.92 -32.83 -12.45
C LEU A 11 21.45 -32.44 -11.09
N SER A 12 22.54 -31.66 -11.10
CA SER A 12 23.16 -31.22 -9.87
C SER A 12 22.16 -30.40 -9.09
N TRP A 13 21.31 -29.68 -9.81
CA TRP A 13 20.33 -28.85 -9.18
C TRP A 13 19.23 -29.69 -8.53
N LEU A 14 18.78 -30.72 -9.25
CA LEU A 14 17.75 -31.55 -8.67
C LEU A 14 18.26 -32.05 -7.33
N SER A 15 19.52 -32.48 -7.31
CA SER A 15 20.14 -33.00 -6.10
C SER A 15 20.17 -31.91 -5.03
N PHE A 16 20.36 -30.67 -5.47
CA PHE A 16 20.38 -29.56 -4.54
C PHE A 16 19.04 -29.36 -3.84
N ASN A 17 17.96 -29.34 -4.61
CA ASN A 17 16.64 -29.16 -4.04
C ASN A 17 16.30 -30.37 -3.16
N GLU A 18 16.90 -31.51 -3.47
CA GLU A 18 16.69 -32.71 -2.67
C GLU A 18 17.29 -32.47 -1.29
N ARG A 19 18.43 -31.80 -1.25
CA ARG A 19 19.08 -31.48 0.01
C ARG A 19 18.09 -30.60 0.80
N VAL A 20 17.37 -29.75 0.07
CA VAL A 20 16.37 -28.90 0.70
C VAL A 20 15.28 -29.76 1.33
N LEU A 21 14.87 -30.82 0.62
CA LEU A 21 13.84 -31.73 1.11
C LEU A 21 14.34 -32.38 2.39
N GLN A 22 15.64 -32.72 2.41
CA GLN A 22 16.24 -33.33 3.60
C GLN A 22 15.99 -32.45 4.83
N GLU A 23 15.75 -31.16 4.61
CA GLU A 23 15.47 -30.27 5.72
C GLU A 23 14.07 -30.53 6.25
N ALA A 24 13.15 -30.86 5.35
CA ALA A 24 11.77 -31.16 5.70
C ALA A 24 11.71 -32.47 6.51
N ALA A 25 12.62 -33.38 6.19
CA ALA A 25 12.69 -34.67 6.84
C ALA A 25 13.44 -34.57 8.16
N ASP A 26 14.59 -33.91 8.12
CA ASP A 26 15.45 -33.72 9.29
C ASP A 26 14.63 -33.38 10.53
N LYS A 27 14.51 -34.36 11.42
CA LYS A 27 13.75 -34.18 12.65
C LYS A 27 14.38 -33.18 13.61
N SER A 28 15.63 -32.81 13.37
CA SER A 28 16.31 -31.86 14.24
C SER A 28 15.73 -30.45 14.05
N ASN A 29 14.91 -30.27 13.02
CA ASN A 29 14.30 -28.98 12.78
C ASN A 29 12.90 -29.02 13.36
N PRO A 30 12.42 -27.89 13.91
CA PRO A 30 11.08 -27.81 14.49
C PRO A 30 10.02 -28.23 13.48
N LEU A 31 8.91 -28.78 13.94
CA LEU A 31 7.86 -29.26 13.02
C LEU A 31 7.37 -28.24 12.01
N ILE A 32 6.96 -27.06 12.46
CA ILE A 32 6.46 -26.06 11.52
C ILE A 32 7.52 -25.60 10.54
N GLU A 33 8.77 -25.54 10.99
CA GLU A 33 9.84 -25.15 10.09
C GLU A 33 9.96 -26.18 8.95
N ARG A 34 9.76 -27.44 9.28
CA ARG A 34 9.84 -28.50 8.29
C ARG A 34 8.71 -28.43 7.28
N MET A 35 7.53 -27.98 7.74
CA MET A 35 6.37 -27.83 6.87
C MET A 35 6.72 -26.80 5.82
N ARG A 36 7.14 -25.66 6.33
CA ARG A 36 7.52 -24.54 5.51
C ARG A 36 8.61 -24.90 4.53
N PHE A 37 9.49 -25.80 4.91
CA PHE A 37 10.51 -26.21 3.99
C PHE A 37 9.84 -26.83 2.78
N LEU A 38 8.86 -27.70 3.01
CA LEU A 38 8.13 -28.33 1.90
C LEU A 38 7.72 -27.25 0.90
N GLY A 39 7.40 -26.07 1.43
CA GLY A 39 7.01 -24.95 0.58
C GLY A 39 8.20 -24.45 -0.21
N ILE A 40 9.34 -24.35 0.44
CA ILE A 40 10.55 -23.92 -0.22
C ILE A 40 10.85 -24.89 -1.35
N TYR A 41 10.85 -26.17 -1.01
CA TYR A 41 11.12 -27.23 -1.95
C TYR A 41 10.25 -27.07 -3.18
N SER A 42 8.94 -26.87 -2.96
CA SER A 42 7.96 -26.69 -4.03
C SER A 42 8.18 -25.44 -4.86
N ASN A 43 8.41 -24.31 -4.18
CA ASN A 43 8.63 -23.08 -4.88
C ASN A 43 9.87 -23.16 -5.74
N ASN A 44 10.82 -23.98 -5.31
CA ASN A 44 12.06 -24.12 -6.06
C ASN A 44 11.78 -24.88 -7.34
N LEU A 45 11.20 -26.06 -7.20
CA LEU A 45 10.90 -26.90 -8.35
C LEU A 45 10.02 -26.11 -9.31
N ASP A 46 9.21 -25.23 -8.75
CA ASP A 46 8.33 -24.38 -9.54
C ASP A 46 9.18 -23.50 -10.46
N GLU A 47 10.20 -22.87 -9.89
CA GLU A 47 11.08 -21.98 -10.65
C GLU A 47 11.99 -22.81 -11.55
N PHE A 48 12.17 -24.07 -11.18
CA PHE A 48 13.01 -24.96 -11.96
C PHE A 48 12.40 -25.14 -13.36
N TYR A 49 11.10 -25.37 -13.40
CA TYR A 49 10.41 -25.55 -14.67
C TYR A 49 10.18 -24.27 -15.43
N LYS A 50 9.95 -23.19 -14.69
CA LYS A 50 9.71 -21.91 -15.31
C LYS A 50 10.96 -21.35 -15.96
N VAL A 51 12.11 -21.62 -15.36
CA VAL A 51 13.34 -21.07 -15.88
C VAL A 51 14.40 -22.09 -16.35
N ARG A 52 15.26 -22.55 -15.45
CA ARG A 52 16.31 -23.50 -15.81
C ARG A 52 15.92 -24.62 -16.75
N PHE A 53 14.75 -25.23 -16.53
CA PHE A 53 14.31 -26.31 -17.41
C PHE A 53 13.89 -25.79 -18.78
N ALA A 54 13.25 -24.63 -18.82
CA ALA A 54 12.82 -24.02 -20.07
C ALA A 54 14.07 -23.65 -20.85
N GLU A 55 15.12 -23.27 -20.13
CA GLU A 55 16.40 -22.89 -20.70
C GLU A 55 17.04 -24.10 -21.35
N LEU A 56 17.10 -25.21 -20.62
CA LEU A 56 17.68 -26.43 -21.14
C LEU A 56 16.97 -26.87 -22.41
N LYS A 57 15.64 -26.80 -22.41
CA LYS A 57 14.87 -27.17 -23.60
C LYS A 57 15.45 -26.45 -24.81
N ARG A 58 15.42 -25.11 -24.76
CA ARG A 58 15.93 -24.28 -25.84
C ARG A 58 17.30 -24.70 -26.34
N ARG A 59 18.24 -24.87 -25.41
CA ARG A 59 19.59 -25.28 -25.78
C ARG A 59 19.57 -26.56 -26.59
N ILE A 60 18.80 -27.52 -26.10
CA ILE A 60 18.66 -28.80 -26.78
C ILE A 60 18.00 -28.60 -28.13
N ILE A 61 17.12 -27.61 -28.22
CA ILE A 61 16.46 -27.30 -29.46
C ILE A 61 17.47 -26.57 -30.35
N ILE A 62 18.06 -25.50 -29.84
CA ILE A 62 19.07 -24.74 -30.58
C ILE A 62 20.10 -25.72 -31.14
N SER A 63 20.32 -26.79 -30.40
CA SER A 63 21.25 -27.81 -30.83
C SER A 63 20.63 -28.36 -32.12
N GLU A 64 19.44 -28.96 -32.01
CA GLU A 64 18.70 -29.53 -33.13
C GLU A 64 18.75 -28.67 -34.41
N GLU A 65 17.70 -27.85 -34.62
CA GLU A 65 17.54 -26.95 -35.77
C GLU A 65 18.43 -27.23 -36.98
N GLN A 66 19.75 -27.25 -36.73
CA GLN A 66 20.74 -27.51 -37.76
C GLN A 66 21.85 -28.46 -37.27
N GLY A 67 22.17 -28.44 -35.97
CA GLY A 67 23.22 -29.32 -35.48
C GLY A 67 23.30 -29.63 -33.99
N SER A 68 22.36 -30.45 -33.49
CA SER A 68 22.33 -30.85 -32.08
C SER A 68 23.38 -31.92 -31.74
N ASN A 69 24.29 -31.61 -30.82
CA ASN A 69 25.35 -32.55 -30.48
C ASN A 69 25.66 -32.81 -28.99
N SER A 70 24.62 -33.19 -28.23
CA SER A 70 24.76 -33.52 -26.80
C SER A 70 23.64 -34.54 -26.52
N HIS A 71 23.92 -35.58 -25.72
CA HIS A 71 22.90 -36.59 -25.44
C HIS A 71 21.76 -36.04 -24.61
N SER A 72 21.14 -35.01 -25.19
CA SER A 72 20.02 -34.23 -24.67
C SER A 72 18.76 -34.96 -24.22
N ARG A 73 18.19 -35.82 -25.07
CA ARG A 73 16.97 -36.55 -24.73
C ARG A 73 17.26 -37.68 -23.72
N HIS A 74 18.54 -37.97 -23.51
CA HIS A 74 18.98 -38.98 -22.56
C HIS A 74 19.06 -38.30 -21.20
N LEU A 75 19.27 -36.98 -21.25
CA LEU A 75 19.35 -36.13 -20.07
C LEU A 75 17.92 -35.77 -19.66
N LEU A 76 17.10 -35.39 -20.64
CA LEU A 76 15.71 -35.05 -20.40
C LEU A 76 15.12 -36.15 -19.55
N GLY A 77 15.29 -37.39 -20.05
CA GLY A 77 14.80 -38.56 -19.35
C GLY A 77 15.31 -38.61 -17.93
N LYS A 78 16.64 -38.62 -17.76
CA LYS A 78 17.23 -38.64 -16.43
C LYS A 78 16.57 -37.56 -15.58
N ILE A 79 16.39 -36.38 -16.17
CA ILE A 79 15.77 -35.29 -15.44
C ILE A 79 14.41 -35.63 -14.88
N GLN A 80 13.46 -36.02 -15.73
CA GLN A 80 12.13 -36.32 -15.21
C GLN A 80 12.08 -37.61 -14.40
N SER A 81 13.13 -38.42 -14.51
CA SER A 81 13.16 -39.66 -13.76
C SER A 81 13.54 -39.33 -12.33
N ARG A 82 14.41 -38.33 -12.16
CA ARG A 82 14.82 -37.89 -10.83
C ARG A 82 13.65 -37.13 -10.21
N VAL A 83 12.94 -36.36 -11.05
CA VAL A 83 11.80 -35.60 -10.59
C VAL A 83 10.63 -36.45 -10.12
N LEU A 84 10.27 -37.45 -10.92
CA LEU A 84 9.17 -38.33 -10.54
C LEU A 84 9.52 -39.02 -9.24
N LYS A 85 10.73 -39.57 -9.19
CA LYS A 85 11.23 -40.27 -8.01
C LYS A 85 11.17 -39.36 -6.79
N ALA A 86 11.41 -38.08 -7.03
CA ALA A 86 11.37 -37.11 -5.95
C ALA A 86 9.93 -36.86 -5.54
N ASP A 87 9.07 -36.60 -6.53
CA ASP A 87 7.67 -36.34 -6.24
C ASP A 87 7.08 -37.42 -5.34
N GLN A 88 7.43 -38.67 -5.59
CA GLN A 88 6.91 -39.76 -4.77
C GLN A 88 7.52 -39.67 -3.37
N GLU A 89 8.75 -39.16 -3.29
CA GLU A 89 9.42 -39.00 -2.00
C GLU A 89 8.80 -37.83 -1.25
N PHE A 90 8.44 -36.80 -2.00
CA PHE A 90 7.82 -35.63 -1.40
C PHE A 90 6.54 -36.11 -0.75
N ASP A 91 5.78 -36.92 -1.50
CA ASP A 91 4.53 -37.45 -1.01
C ASP A 91 4.68 -38.20 0.29
N GLY A 92 5.75 -38.98 0.41
CA GLY A 92 5.97 -39.70 1.65
C GLY A 92 6.07 -38.75 2.83
N LEU A 93 7.02 -37.82 2.75
CA LEU A 93 7.24 -36.83 3.80
C LEU A 93 5.96 -36.12 4.23
N TYR A 94 5.25 -35.51 3.27
CA TYR A 94 4.04 -34.80 3.60
C TYR A 94 3.12 -35.66 4.44
N ASN A 95 3.02 -36.94 4.11
CA ASN A 95 2.17 -37.84 4.87
C ASN A 95 2.68 -38.01 6.27
N GLU A 96 3.97 -38.29 6.35
CA GLU A 96 4.64 -38.50 7.62
C GLU A 96 4.45 -37.26 8.49
N LEU A 97 4.66 -36.09 7.90
CA LEU A 97 4.53 -34.83 8.62
C LEU A 97 3.08 -34.57 9.05
N LEU A 98 2.14 -34.96 8.20
CA LEU A 98 0.74 -34.77 8.54
C LEU A 98 0.43 -35.52 9.81
N LEU A 99 0.93 -36.75 9.87
CA LEU A 99 0.76 -37.62 11.03
C LEU A 99 1.38 -36.93 12.24
N GLU A 100 2.65 -36.56 12.09
CA GLU A 100 3.38 -35.91 13.15
C GLU A 100 2.66 -34.67 13.65
N MET A 101 2.10 -33.88 12.73
CA MET A 101 1.39 -32.70 13.16
C MET A 101 0.20 -33.06 14.05
N ALA A 102 -0.48 -34.14 13.70
CA ALA A 102 -1.63 -34.61 14.48
C ALA A 102 -1.20 -34.97 15.90
N ARG A 103 -0.01 -35.58 16.02
CA ARG A 103 0.54 -35.97 17.32
C ARG A 103 0.68 -34.73 18.18
N ASN A 104 0.91 -33.59 17.54
CA ASN A 104 1.05 -32.35 18.26
C ASN A 104 -0.28 -31.63 18.39
N GLN A 105 -1.36 -32.35 18.09
CA GLN A 105 -2.71 -31.82 18.20
C GLN A 105 -3.14 -30.86 17.08
N ILE A 106 -2.49 -30.94 15.94
CA ILE A 106 -2.86 -30.09 14.83
C ILE A 106 -3.44 -31.01 13.80
N PHE A 107 -4.50 -30.57 13.13
CA PHE A 107 -5.11 -31.41 12.11
C PHE A 107 -5.53 -30.66 10.86
N LEU A 108 -4.79 -30.91 9.78
CA LEU A 108 -5.12 -30.31 8.50
C LEU A 108 -6.13 -31.29 7.91
N ILE A 109 -7.41 -30.95 8.00
CA ILE A 109 -8.50 -31.80 7.52
C ILE A 109 -9.18 -31.26 6.26
N ASN A 110 -9.95 -32.10 5.58
CA ASN A 110 -10.65 -31.67 4.36
C ASN A 110 -12.15 -31.44 4.54
N GLU A 111 -12.82 -30.90 3.53
CA GLU A 111 -14.26 -30.62 3.63
C GLU A 111 -15.14 -31.83 3.96
N ARG A 112 -14.70 -33.01 3.54
CA ARG A 112 -15.47 -34.22 3.81
C ARG A 112 -15.29 -34.70 5.25
N GLN A 113 -14.22 -34.27 5.90
CA GLN A 113 -13.94 -34.68 7.28
C GLN A 113 -14.46 -33.71 8.35
N LEU A 114 -15.26 -32.72 7.94
CA LEU A 114 -15.76 -31.75 8.90
C LEU A 114 -16.79 -32.38 9.83
N SER A 115 -17.04 -31.72 10.95
CA SER A 115 -18.02 -32.20 11.92
C SER A 115 -19.36 -31.58 11.56
N VAL A 116 -20.45 -32.20 12.00
CA VAL A 116 -21.79 -31.68 11.71
C VAL A 116 -22.03 -30.39 12.48
N ASN A 117 -20.94 -29.68 12.77
CA ASN A 117 -21.00 -28.43 13.51
C ASN A 117 -20.09 -27.39 12.87
N GLN A 118 -18.89 -27.83 12.52
CA GLN A 118 -17.91 -26.96 11.88
C GLN A 118 -18.49 -26.58 10.53
N GLN A 119 -19.23 -27.52 9.92
CA GLN A 119 -19.86 -27.28 8.64
C GLN A 119 -20.65 -25.98 8.75
N ASN A 120 -21.59 -25.97 9.67
CA ASN A 120 -22.40 -24.79 9.89
C ASN A 120 -21.53 -23.61 10.28
N TRP A 121 -20.34 -23.90 10.81
CA TRP A 121 -19.45 -22.82 11.18
C TRP A 121 -18.80 -22.19 9.96
N LEU A 122 -18.36 -23.04 9.04
CA LEU A 122 -17.71 -22.60 7.81
C LEU A 122 -18.62 -21.75 6.96
N ARG A 123 -19.80 -22.30 6.67
CA ARG A 123 -20.79 -21.61 5.86
C ARG A 123 -20.91 -20.17 6.36
N HIS A 124 -21.04 -20.03 7.67
CA HIS A 124 -21.17 -18.72 8.26
C HIS A 124 -19.90 -17.91 7.99
N TYR A 125 -18.76 -18.51 8.29
CA TYR A 125 -17.47 -17.88 8.08
C TYR A 125 -17.37 -17.43 6.62
N PHE A 126 -17.72 -18.34 5.71
CA PHE A 126 -17.66 -18.04 4.28
C PHE A 126 -18.46 -16.82 3.88
N LYS A 127 -19.75 -16.83 4.22
CA LYS A 127 -20.63 -15.72 3.87
C LYS A 127 -20.15 -14.41 4.47
N GLN A 128 -19.52 -14.48 5.64
CA GLN A 128 -19.06 -13.27 6.31
C GLN A 128 -17.65 -12.80 6.01
N TYR A 129 -16.86 -13.63 5.34
CA TYR A 129 -15.48 -13.22 5.06
C TYR A 129 -14.95 -13.56 3.68
N LEU A 130 -15.26 -14.77 3.21
CA LEU A 130 -14.76 -15.22 1.94
C LEU A 130 -15.60 -14.83 0.74
N ARG A 131 -16.90 -15.06 0.85
CA ARG A 131 -17.80 -14.77 -0.26
C ARG A 131 -17.43 -13.57 -1.12
N GLN A 132 -17.27 -12.41 -0.49
CA GLN A 132 -16.95 -11.20 -1.22
C GLN A 132 -15.77 -11.29 -2.16
N HIS A 133 -14.90 -12.27 -1.94
CA HIS A 133 -13.72 -12.43 -2.77
C HIS A 133 -13.89 -13.52 -3.80
N ILE A 134 -14.97 -14.26 -3.64
CA ILE A 134 -15.22 -15.39 -4.51
C ILE A 134 -16.40 -15.18 -5.40
N THR A 135 -16.11 -14.79 -6.65
CA THR A 135 -17.12 -14.54 -7.65
C THR A 135 -16.93 -15.44 -8.87
N PRO A 136 -17.90 -16.30 -9.13
CA PRO A 136 -17.84 -17.22 -10.24
C PRO A 136 -17.46 -16.53 -11.55
N ILE A 137 -16.63 -17.20 -12.34
CA ILE A 137 -16.28 -16.68 -13.63
C ILE A 137 -17.03 -17.67 -14.46
N LEU A 138 -17.95 -17.19 -15.26
CA LEU A 138 -18.75 -18.08 -16.08
C LEU A 138 -18.02 -18.40 -17.36
N ILE A 139 -18.02 -19.66 -17.73
CA ILE A 139 -17.33 -20.05 -18.95
C ILE A 139 -18.36 -20.14 -20.07
N ASN A 140 -18.35 -19.15 -20.95
CA ASN A 140 -19.27 -19.11 -22.09
C ASN A 140 -18.47 -19.25 -23.38
N PRO A 141 -19.14 -19.49 -24.50
CA PRO A 141 -18.46 -19.65 -25.80
C PRO A 141 -17.60 -18.46 -26.22
N ASP A 142 -17.89 -17.28 -25.68
CA ASP A 142 -17.14 -16.07 -26.02
C ASP A 142 -16.15 -15.66 -24.93
N THR A 143 -16.27 -16.26 -23.75
CA THR A 143 -15.36 -15.95 -22.66
C THR A 143 -13.98 -16.39 -23.13
N ASP A 144 -12.97 -15.56 -22.93
CA ASP A 144 -11.64 -15.95 -23.36
C ASP A 144 -10.68 -15.99 -22.17
N LEU A 145 -10.73 -17.08 -21.43
CA LEU A 145 -9.87 -17.25 -20.27
C LEU A 145 -8.49 -16.73 -20.62
N VAL A 146 -8.08 -17.03 -21.85
CA VAL A 146 -6.77 -16.64 -22.39
C VAL A 146 -6.17 -15.41 -21.71
N GLN A 147 -6.91 -14.30 -21.69
CA GLN A 147 -6.42 -13.07 -21.09
C GLN A 147 -6.55 -13.01 -19.58
N PHE A 148 -7.61 -12.37 -19.11
CA PHE A 148 -7.83 -12.17 -17.67
C PHE A 148 -7.48 -13.30 -16.70
N LEU A 149 -7.33 -14.54 -17.18
CA LEU A 149 -6.99 -15.63 -16.29
C LEU A 149 -5.60 -15.42 -15.67
N LYS A 150 -5.53 -15.45 -14.34
CA LYS A 150 -4.29 -15.22 -13.59
C LYS A 150 -3.23 -16.29 -13.75
N ASP A 151 -1.99 -15.88 -13.98
CA ASP A 151 -0.92 -16.84 -14.15
C ASP A 151 -0.39 -17.35 -12.83
N ASP A 152 -0.33 -18.67 -12.72
CA ASP A 152 0.16 -19.41 -11.55
C ASP A 152 -0.81 -19.52 -10.38
N TYR A 153 -2.02 -18.98 -10.52
CA TYR A 153 -3.02 -19.05 -9.47
C TYR A 153 -3.74 -20.38 -9.54
N THR A 154 -4.41 -20.76 -8.46
CA THR A 154 -5.16 -22.00 -8.48
C THR A 154 -6.60 -21.66 -8.76
N TYR A 155 -7.23 -22.43 -9.63
CA TYR A 155 -8.63 -22.19 -9.93
C TYR A 155 -9.44 -23.44 -9.68
N LEU A 156 -10.70 -23.25 -9.34
CA LEU A 156 -11.60 -24.37 -9.11
C LEU A 156 -12.57 -24.35 -10.27
N ALA A 157 -12.54 -25.40 -11.06
CA ALA A 157 -13.45 -25.52 -12.20
C ALA A 157 -14.73 -26.15 -11.66
N VAL A 158 -15.82 -25.39 -11.69
CA VAL A 158 -17.09 -25.90 -11.18
C VAL A 158 -17.96 -26.46 -12.29
N GLU A 159 -18.51 -27.63 -12.02
CA GLU A 159 -19.38 -28.30 -12.97
C GLU A 159 -20.81 -28.14 -12.47
N ILE A 160 -21.64 -27.46 -13.23
CA ILE A 160 -23.04 -27.26 -12.83
C ILE A 160 -23.89 -28.20 -13.66
N ILE A 161 -24.45 -29.20 -12.99
CA ILE A 161 -25.24 -30.22 -13.64
C ILE A 161 -26.74 -30.08 -13.43
N ARG A 162 -27.47 -30.09 -14.54
CA ARG A 162 -28.93 -29.96 -14.52
C ARG A 162 -29.43 -30.87 -15.63
N GLY A 163 -29.85 -32.08 -15.26
CA GLY A 163 -30.31 -33.04 -16.23
C GLY A 163 -29.13 -33.49 -17.04
N ASP A 164 -29.28 -33.52 -18.37
CA ASP A 164 -28.18 -33.93 -19.22
C ASP A 164 -27.44 -32.63 -19.60
N THR A 165 -27.68 -31.60 -18.80
CA THR A 165 -27.05 -30.30 -19.00
C THR A 165 -25.85 -30.10 -18.10
N ILE A 166 -24.85 -29.40 -18.62
CA ILE A 166 -23.64 -29.11 -17.87
C ILE A 166 -23.11 -27.72 -18.17
N ARG A 167 -23.08 -26.87 -17.15
CA ARG A 167 -22.56 -25.51 -17.30
C ARG A 167 -21.22 -25.47 -16.60
N TYR A 168 -20.31 -24.65 -17.09
CA TYR A 168 -19.00 -24.56 -16.48
C TYR A 168 -18.68 -23.16 -15.98
N ALA A 169 -18.08 -23.11 -14.79
CA ALA A 169 -17.72 -21.85 -14.16
C ALA A 169 -16.42 -22.00 -13.36
N LEU A 170 -15.64 -20.93 -13.30
CA LEU A 170 -14.38 -20.93 -12.55
C LEU A 170 -14.43 -20.13 -11.25
N LEU A 171 -13.70 -20.62 -10.26
CA LEU A 171 -13.60 -19.98 -8.97
C LEU A 171 -12.12 -19.82 -8.64
N GLU A 172 -11.67 -18.58 -8.50
CA GLU A 172 -10.28 -18.31 -8.18
C GLU A 172 -9.99 -18.45 -6.70
N ILE A 173 -9.02 -19.27 -6.34
CA ILE A 173 -8.66 -19.42 -4.93
C ILE A 173 -7.92 -18.13 -4.66
N PRO A 174 -8.52 -17.21 -3.90
CA PRO A 174 -7.91 -15.91 -3.58
C PRO A 174 -6.78 -15.92 -2.55
N SER A 175 -5.79 -16.78 -2.77
CA SER A 175 -4.64 -16.89 -1.85
C SER A 175 -3.96 -15.56 -1.52
N ASP A 176 -4.18 -14.55 -2.35
CA ASP A 176 -3.56 -13.27 -2.14
C ASP A 176 -4.29 -12.40 -1.10
N LYS A 177 -5.62 -12.43 -1.15
CA LYS A 177 -6.41 -11.63 -0.23
C LYS A 177 -6.73 -12.31 1.12
N VAL A 178 -6.93 -13.63 1.09
CA VAL A 178 -7.27 -14.40 2.29
C VAL A 178 -6.24 -15.48 2.63
N PRO A 179 -6.03 -15.78 3.93
CA PRO A 179 -5.06 -16.81 4.33
C PRO A 179 -5.44 -18.16 3.76
N ARG A 180 -4.47 -18.93 3.28
CA ARG A 180 -4.77 -20.22 2.70
C ARG A 180 -5.03 -21.34 3.70
N PHE A 181 -4.96 -21.04 4.99
CA PHE A 181 -5.24 -22.03 6.02
C PHE A 181 -6.10 -21.38 7.09
N VAL A 182 -7.32 -21.86 7.25
CA VAL A 182 -8.21 -21.30 8.26
C VAL A 182 -8.40 -22.27 9.44
N ASN A 183 -8.35 -21.74 10.65
CA ASN A 183 -8.52 -22.55 11.85
C ASN A 183 -9.99 -22.75 12.22
N LEU A 184 -10.42 -24.01 12.26
CA LEU A 184 -11.79 -24.32 12.60
C LEU A 184 -11.96 -24.43 14.11
N PRO A 185 -13.18 -24.19 14.61
CA PRO A 185 -13.44 -24.29 16.05
C PRO A 185 -13.33 -25.73 16.52
N PRO A 186 -12.54 -25.97 17.58
CA PRO A 186 -12.30 -27.30 18.18
C PRO A 186 -13.57 -28.06 18.48
N GLU A 187 -13.73 -29.23 17.85
CA GLU A 187 -14.94 -30.02 18.03
C GLU A 187 -15.20 -30.39 19.49
N ALA A 188 -14.55 -31.44 19.98
CA ALA A 188 -14.73 -31.86 21.37
C ALA A 188 -13.55 -31.49 22.26
N PRO A 189 -12.45 -32.28 22.25
CA PRO A 189 -11.37 -31.84 23.14
C PRO A 189 -10.81 -30.48 22.71
N ARG A 190 -10.80 -29.53 23.66
CA ARG A 190 -10.29 -28.18 23.40
C ARG A 190 -8.81 -28.22 23.03
N ARG A 191 -8.22 -29.41 23.14
CA ARG A 191 -6.81 -29.62 22.83
C ARG A 191 -6.54 -29.52 21.33
N ARG A 192 -7.34 -30.22 20.55
CA ARG A 192 -7.20 -30.24 19.10
C ARG A 192 -7.12 -28.87 18.45
N LYS A 193 -6.36 -28.82 17.36
CA LYS A 193 -6.15 -27.61 16.57
C LYS A 193 -6.45 -28.02 15.14
N PRO A 194 -7.73 -27.93 14.74
CA PRO A 194 -8.16 -28.29 13.39
C PRO A 194 -8.17 -27.13 12.41
N MET A 195 -7.60 -27.37 11.24
CA MET A 195 -7.60 -26.35 10.21
C MET A 195 -7.92 -26.93 8.85
N ILE A 196 -8.45 -26.10 7.98
CA ILE A 196 -8.84 -26.52 6.67
C ILE A 196 -8.25 -25.60 5.61
N LEU A 197 -8.04 -26.14 4.42
CA LEU A 197 -7.51 -25.34 3.32
C LEU A 197 -8.62 -24.46 2.72
N LEU A 198 -8.27 -23.23 2.37
CA LEU A 198 -9.23 -22.32 1.77
C LEU A 198 -9.86 -22.99 0.55
N ASP A 199 -9.05 -23.77 -0.17
CA ASP A 199 -9.51 -24.47 -1.35
C ASP A 199 -10.67 -25.36 -0.99
N ASN A 200 -10.54 -26.08 0.13
CA ASN A 200 -11.58 -26.98 0.57
C ASN A 200 -12.78 -26.29 1.25
N ILE A 201 -12.68 -25.02 1.58
CA ILE A 201 -13.82 -24.33 2.17
C ILE A 201 -14.79 -24.10 1.02
N LEU A 202 -14.23 -23.65 -0.11
CA LEU A 202 -14.98 -23.39 -1.33
C LEU A 202 -15.63 -24.66 -1.79
N ARG A 203 -14.78 -25.69 -1.90
CA ARG A 203 -15.22 -26.99 -2.31
C ARG A 203 -16.45 -27.35 -1.48
N TYR A 204 -16.42 -26.99 -0.20
CA TYR A 204 -17.53 -27.28 0.70
C TYR A 204 -18.73 -26.35 0.57
N CYS A 205 -18.51 -25.14 0.08
CA CYS A 205 -19.59 -24.17 -0.05
C CYS A 205 -20.14 -23.97 -1.46
N LEU A 206 -19.65 -24.76 -2.41
CA LEU A 206 -20.10 -24.66 -3.80
C LEU A 206 -21.58 -24.36 -3.91
N ASP A 207 -22.39 -25.00 -3.06
CA ASP A 207 -23.83 -24.77 -3.13
C ASP A 207 -24.24 -23.36 -2.76
N ASP A 208 -23.60 -22.82 -1.72
CA ASP A 208 -23.91 -21.46 -1.28
C ASP A 208 -23.35 -20.45 -2.26
N ILE A 209 -22.40 -20.87 -3.08
CA ILE A 209 -21.85 -19.93 -4.03
C ILE A 209 -22.74 -19.82 -5.28
N PHE A 210 -23.37 -20.93 -5.67
CA PHE A 210 -24.19 -20.93 -6.87
C PHE A 210 -25.70 -21.06 -6.80
N LYS A 211 -26.24 -21.60 -5.71
CA LYS A 211 -27.68 -21.77 -5.62
C LYS A 211 -28.52 -20.50 -5.83
N GLY A 212 -27.95 -19.35 -5.49
CA GLY A 212 -28.68 -18.12 -5.66
C GLY A 212 -29.18 -17.82 -7.07
N PHE A 213 -28.41 -18.20 -8.08
CA PHE A 213 -28.79 -17.91 -9.46
C PHE A 213 -28.76 -19.08 -10.42
N PHE A 214 -28.47 -20.26 -9.92
CA PHE A 214 -28.42 -21.41 -10.81
C PHE A 214 -29.27 -22.57 -10.33
N ASP A 215 -29.85 -23.28 -11.28
CA ASP A 215 -30.66 -24.45 -10.99
C ASP A 215 -29.81 -25.62 -11.43
N TYR A 216 -29.66 -26.61 -10.55
CA TYR A 216 -28.84 -27.78 -10.86
C TYR A 216 -29.11 -28.93 -9.89
N ASP A 217 -28.86 -30.16 -10.38
CA ASP A 217 -29.06 -31.37 -9.59
C ASP A 217 -27.80 -31.60 -8.78
N ALA A 218 -26.68 -31.14 -9.32
CA ALA A 218 -25.40 -31.30 -8.63
C ALA A 218 -24.32 -30.31 -9.07
N LEU A 219 -23.35 -30.14 -8.18
CA LEU A 219 -22.21 -29.28 -8.42
C LEU A 219 -20.91 -30.03 -8.13
N ASN A 220 -19.96 -29.99 -9.05
CA ASN A 220 -18.68 -30.65 -8.84
C ASN A 220 -17.57 -29.62 -9.06
N ALA A 221 -16.49 -29.73 -8.30
CA ALA A 221 -15.38 -28.80 -8.44
C ALA A 221 -14.10 -29.58 -8.61
N TYR A 222 -13.23 -29.07 -9.46
CA TYR A 222 -11.96 -29.71 -9.73
C TYR A 222 -10.94 -28.58 -9.85
N SER A 223 -9.77 -28.77 -9.25
CA SER A 223 -8.76 -27.73 -9.30
C SER A 223 -7.87 -27.82 -10.53
N MET A 224 -7.37 -26.66 -10.96
CA MET A 224 -6.49 -26.59 -12.10
C MET A 224 -5.59 -25.38 -11.93
N LYS A 225 -4.46 -25.40 -12.64
CA LYS A 225 -3.49 -24.33 -12.56
C LYS A 225 -2.73 -24.22 -13.87
N MET A 226 -2.44 -22.99 -14.27
CA MET A 226 -1.77 -22.72 -15.54
C MET A 226 -0.51 -21.87 -15.33
N THR A 227 0.60 -22.29 -15.95
CA THR A 227 1.87 -21.58 -15.82
C THR A 227 2.57 -21.37 -17.13
N ARG A 228 3.20 -20.21 -17.29
CA ARG A 228 3.91 -19.88 -18.52
C ARG A 228 5.41 -19.93 -18.26
N ASP A 229 6.18 -20.32 -19.27
CA ASP A 229 7.63 -20.39 -19.14
C ASP A 229 8.17 -18.95 -19.08
N ALA A 230 9.30 -18.76 -18.42
CA ALA A 230 9.92 -17.44 -18.29
C ALA A 230 10.31 -16.84 -19.65
N GLU A 231 10.79 -15.59 -19.63
CA GLU A 231 11.19 -14.92 -20.87
C GLU A 231 12.62 -15.17 -21.32
N TYR A 232 12.78 -15.39 -22.62
CA TYR A 232 14.08 -15.66 -23.25
C TYR A 232 14.67 -14.40 -23.90
N ASP A 233 15.97 -14.45 -24.27
CA ASP A 233 16.67 -13.34 -24.93
C ASP A 233 18.20 -13.47 -25.09
N LEU A 234 18.90 -13.93 -24.06
CA LEU A 234 20.36 -14.05 -24.10
C LEU A 234 20.97 -15.25 -24.81
N VAL A 235 20.26 -15.86 -25.78
CA VAL A 235 20.82 -17.03 -26.46
C VAL A 235 21.26 -16.75 -27.91
N HIS A 236 20.97 -15.55 -28.40
CA HIS A 236 21.32 -15.18 -29.77
C HIS A 236 22.71 -14.55 -29.90
N GLU A 237 23.37 -14.36 -28.76
CA GLU A 237 24.70 -13.76 -28.73
C GLU A 237 25.77 -14.79 -29.06
N MET A 238 25.38 -15.82 -29.80
CA MET A 238 26.29 -16.88 -30.20
C MET A 238 25.83 -17.40 -31.54
N GLU A 239 24.53 -17.28 -31.78
CA GLU A 239 23.95 -17.73 -33.03
C GLU A 239 24.49 -16.91 -34.18
N ALA A 240 25.81 -16.90 -34.33
CA ALA A 240 26.45 -16.17 -35.41
C ALA A 240 25.78 -16.68 -36.68
N SER A 241 26.38 -17.69 -37.30
CA SER A 241 25.83 -18.27 -38.52
C SER A 241 24.56 -19.08 -38.23
N LEU A 242 24.24 -19.26 -36.94
CA LEU A 242 23.04 -20.00 -36.53
C LEU A 242 21.79 -19.16 -36.73
N MET A 243 21.60 -18.20 -35.82
CA MET A 243 20.44 -17.32 -35.87
C MET A 243 20.25 -16.80 -37.27
N GLU A 244 21.36 -16.67 -37.99
CA GLU A 244 21.32 -16.19 -39.36
C GLU A 244 20.69 -17.24 -40.27
N LEU A 245 21.22 -18.46 -40.24
CA LEU A 245 20.69 -19.55 -41.08
C LEU A 245 19.36 -20.05 -40.51
N MET A 246 19.25 -20.02 -39.18
CA MET A 246 18.06 -20.46 -38.45
C MET A 246 16.78 -20.14 -39.18
N SER A 247 15.97 -21.17 -39.44
CA SER A 247 14.71 -20.98 -40.16
C SER A 247 13.59 -20.39 -39.32
N SER A 248 12.72 -19.62 -39.98
CA SER A 248 11.60 -18.97 -39.34
C SER A 248 10.71 -19.95 -38.59
N SER A 249 10.76 -21.21 -38.99
CA SER A 249 9.96 -22.24 -38.34
C SER A 249 10.54 -22.56 -36.98
N LEU A 250 11.82 -22.22 -36.78
CA LEU A 250 12.47 -22.47 -35.50
C LEU A 250 12.50 -21.23 -34.64
N LYS A 251 12.54 -20.06 -35.26
CA LYS A 251 12.56 -18.82 -34.48
C LYS A 251 11.18 -18.71 -33.85
N GLN A 252 10.16 -19.12 -34.60
CA GLN A 252 8.81 -19.07 -34.07
C GLN A 252 8.63 -20.18 -33.04
N ARG A 253 9.24 -21.33 -33.28
CA ARG A 253 9.14 -22.46 -32.36
C ARG A 253 10.13 -22.33 -31.22
N LEU A 254 10.83 -21.21 -31.14
CA LEU A 254 11.81 -21.03 -30.07
C LEU A 254 11.48 -19.80 -29.23
N THR A 255 10.92 -18.79 -29.88
CA THR A 255 10.53 -17.56 -29.19
C THR A 255 9.26 -17.82 -28.42
N ALA A 256 8.24 -18.30 -29.13
CA ALA A 256 6.96 -18.61 -28.54
C ALA A 256 7.16 -19.34 -27.21
N GLU A 257 6.72 -18.71 -26.12
CA GLU A 257 6.83 -19.27 -24.77
C GLU A 257 5.60 -20.10 -24.43
N PRO A 258 5.76 -21.44 -24.35
CA PRO A 258 4.69 -22.39 -24.05
C PRO A 258 3.89 -22.13 -22.78
N VAL A 259 2.87 -22.96 -22.58
CA VAL A 259 1.99 -22.86 -21.42
C VAL A 259 1.73 -24.23 -20.83
N ARG A 260 1.89 -24.36 -19.52
CA ARG A 260 1.63 -25.62 -18.83
C ARG A 260 0.30 -25.61 -18.13
N PHE A 261 -0.54 -26.57 -18.47
CA PHE A 261 -1.86 -26.68 -17.89
C PHE A 261 -1.98 -27.89 -17.00
N VAL A 262 -2.20 -27.68 -15.70
CA VAL A 262 -2.33 -28.80 -14.76
C VAL A 262 -3.74 -28.91 -14.22
N TYR A 263 -4.30 -30.12 -14.26
CA TYR A 263 -5.65 -30.32 -13.77
C TYR A 263 -5.81 -31.55 -12.89
N GLN A 264 -6.75 -31.47 -11.96
CA GLN A 264 -7.07 -32.59 -11.08
C GLN A 264 -7.36 -33.81 -11.96
N ARG A 265 -6.82 -34.96 -11.58
CA ARG A 265 -6.98 -36.22 -12.34
C ARG A 265 -8.36 -36.63 -12.83
N ASP A 266 -9.36 -36.44 -12.00
CA ASP A 266 -10.71 -36.87 -12.34
C ASP A 266 -11.61 -35.82 -12.96
N MET A 267 -11.02 -34.76 -13.48
CA MET A 267 -11.83 -33.74 -14.10
C MET A 267 -12.36 -34.40 -15.36
N PRO A 268 -13.69 -34.38 -15.55
CA PRO A 268 -14.33 -34.98 -16.71
C PRO A 268 -13.62 -34.52 -17.98
N ASN A 269 -13.28 -35.45 -18.86
CA ASN A 269 -12.59 -35.08 -20.06
C ASN A 269 -13.24 -33.92 -20.85
N ALA A 270 -14.56 -33.80 -20.76
CA ALA A 270 -15.26 -32.73 -21.48
C ALA A 270 -14.76 -31.36 -21.00
N LEU A 271 -14.58 -31.24 -19.69
CA LEU A 271 -14.13 -30.00 -19.08
C LEU A 271 -12.67 -29.74 -19.40
N VAL A 272 -11.87 -30.80 -19.38
CA VAL A 272 -10.47 -30.64 -19.70
C VAL A 272 -10.42 -30.01 -21.09
N GLU A 273 -11.20 -30.61 -22.01
CA GLU A 273 -11.29 -30.16 -23.39
C GLU A 273 -11.73 -28.72 -23.51
N VAL A 274 -12.77 -28.38 -22.75
CA VAL A 274 -13.28 -27.01 -22.76
C VAL A 274 -12.13 -26.06 -22.51
N LEU A 275 -11.32 -26.37 -21.50
CA LEU A 275 -10.18 -25.54 -21.13
C LEU A 275 -9.02 -25.59 -22.13
N ARG A 276 -8.75 -26.78 -22.68
CA ARG A 276 -7.67 -26.93 -23.65
C ARG A 276 -7.85 -25.84 -24.70
N GLU A 277 -9.10 -25.60 -25.07
CA GLU A 277 -9.42 -24.60 -26.07
C GLU A 277 -9.36 -23.18 -25.52
N LYS A 278 -10.19 -22.88 -24.54
CA LYS A 278 -10.22 -21.56 -23.94
C LYS A 278 -8.84 -21.08 -23.57
N LEU A 279 -7.93 -22.02 -23.33
CA LEU A 279 -6.57 -21.67 -22.95
C LEU A 279 -5.56 -21.80 -24.09
N THR A 280 -6.04 -21.61 -25.31
CA THR A 280 -5.19 -21.66 -26.52
C THR A 280 -4.11 -22.73 -26.46
N ILE A 281 -4.37 -23.81 -25.75
CA ILE A 281 -3.38 -24.86 -25.62
C ILE A 281 -3.01 -25.46 -26.97
N SER A 282 -2.04 -24.82 -27.64
CA SER A 282 -1.56 -25.22 -28.94
C SER A 282 -0.57 -26.38 -28.87
N ARG A 283 0.25 -26.50 -29.92
CA ARG A 283 1.24 -27.57 -30.02
C ARG A 283 2.26 -27.56 -28.89
N TYR A 284 3.17 -26.60 -28.95
CA TYR A 284 4.24 -26.49 -27.96
C TYR A 284 3.74 -26.39 -26.52
N ASP A 285 2.45 -26.19 -26.32
CA ASP A 285 1.88 -26.08 -24.97
C ASP A 285 1.72 -27.45 -24.32
N SER A 286 1.85 -27.47 -22.98
CA SER A 286 1.77 -28.71 -22.19
C SER A 286 0.49 -28.89 -21.35
N ILE A 287 -0.08 -30.08 -21.40
CA ILE A 287 -1.30 -30.40 -20.65
C ILE A 287 -1.02 -31.58 -19.73
N VAL A 288 -1.13 -31.38 -18.41
CA VAL A 288 -0.84 -32.46 -17.47
C VAL A 288 -1.81 -32.61 -16.31
N PRO A 289 -2.35 -33.83 -16.13
CA PRO A 289 -3.29 -34.14 -15.06
C PRO A 289 -2.58 -34.50 -13.78
N GLY A 290 -3.26 -34.30 -12.65
CA GLY A 290 -2.65 -34.66 -11.39
C GLY A 290 -2.94 -33.85 -10.16
N GLY A 291 -3.43 -34.51 -9.11
CA GLY A 291 -3.66 -33.84 -7.84
C GLY A 291 -4.82 -32.88 -7.60
N ARG A 292 -5.20 -32.81 -6.34
CA ARG A 292 -6.30 -31.97 -5.86
C ARG A 292 -5.78 -30.59 -5.49
N TYR A 293 -4.49 -30.52 -5.17
CA TYR A 293 -3.88 -29.25 -4.78
C TYR A 293 -2.60 -28.98 -5.55
N HIS A 294 -2.39 -27.69 -5.80
CA HIS A 294 -1.22 -27.22 -6.50
C HIS A 294 -0.73 -26.08 -5.63
N ASN A 295 0.36 -25.44 -6.02
CA ASN A 295 0.87 -24.34 -5.21
C ASN A 295 1.26 -24.79 -3.79
N PHE A 296 2.02 -25.88 -3.68
CA PHE A 296 2.44 -26.29 -2.35
C PHE A 296 3.34 -25.20 -1.82
N LYS A 297 3.80 -24.32 -2.72
CA LYS A 297 4.66 -23.21 -2.32
C LYS A 297 4.01 -22.46 -1.16
N ASP A 298 2.69 -22.41 -1.16
CA ASP A 298 1.95 -21.71 -0.11
C ASP A 298 2.24 -22.25 1.30
N PHE A 299 2.99 -23.34 1.38
CA PHE A 299 3.33 -23.93 2.67
C PHE A 299 4.50 -23.19 3.32
N ILE A 300 5.05 -22.21 2.60
CA ILE A 300 6.16 -21.46 3.13
C ILE A 300 5.62 -20.52 4.20
N ASN A 301 4.30 -20.44 4.29
CA ASN A 301 3.66 -19.58 5.28
C ASN A 301 2.74 -20.37 6.17
N PHE A 302 2.89 -21.69 6.17
CA PHE A 302 2.04 -22.50 7.02
C PHE A 302 2.08 -21.86 8.40
N PRO A 303 0.93 -21.49 8.95
CA PRO A 303 0.92 -20.88 10.28
C PRO A 303 1.35 -21.86 11.35
N ASN A 304 1.70 -21.35 12.52
CA ASN A 304 2.08 -22.22 13.62
C ASN A 304 1.08 -22.11 14.75
N VAL A 305 0.26 -23.14 14.88
CA VAL A 305 -0.77 -23.15 15.89
C VAL A 305 -0.34 -23.97 17.11
N GLY A 306 0.96 -24.20 17.24
CA GLY A 306 1.47 -24.95 18.37
C GLY A 306 2.32 -24.03 19.23
N LYS A 307 3.11 -24.59 20.14
CA LYS A 307 3.96 -23.77 20.99
C LYS A 307 5.26 -23.46 20.26
N ALA A 308 5.80 -22.27 20.52
CA ALA A 308 7.03 -21.80 19.88
C ALA A 308 8.01 -22.89 19.43
N ASN A 309 8.10 -23.95 20.23
CA ASN A 309 8.98 -25.07 19.93
C ASN A 309 8.90 -25.51 18.49
N LEU A 310 7.70 -25.49 17.93
CA LEU A 310 7.46 -25.91 16.55
C LEU A 310 8.01 -24.96 15.50
N VAL A 311 8.54 -23.82 15.94
CA VAL A 311 9.10 -22.82 15.04
C VAL A 311 10.51 -22.47 15.45
N ASN A 312 11.32 -22.03 14.48
CA ASN A 312 12.70 -21.65 14.79
C ASN A 312 12.67 -20.36 15.63
N LYS A 313 13.60 -20.27 16.58
CA LYS A 313 13.75 -19.10 17.43
C LYS A 313 14.58 -18.04 16.69
N PRO A 314 14.03 -16.84 16.50
CA PRO A 314 14.73 -15.75 15.79
C PRO A 314 15.89 -15.13 16.58
N LEU A 315 17.07 -15.10 15.96
CA LEU A 315 18.25 -14.53 16.60
C LEU A 315 18.18 -13.02 16.38
N PRO A 316 18.46 -12.23 17.43
CA PRO A 316 18.41 -10.76 17.27
C PRO A 316 19.62 -10.30 16.46
N ARG A 317 19.40 -9.42 15.49
CA ARG A 317 20.52 -8.96 14.70
C ARG A 317 21.37 -8.06 15.63
N LEU A 318 22.68 -8.29 15.63
CA LEU A 318 23.63 -7.58 16.49
C LEU A 318 24.24 -6.28 15.98
N ARG A 319 24.45 -5.34 16.90
CA ARG A 319 25.07 -4.06 16.54
C ARG A 319 26.57 -4.32 16.57
N HIS A 320 27.27 -3.77 15.60
CA HIS A 320 28.72 -3.94 15.56
C HIS A 320 29.25 -2.85 16.47
N ILE A 321 29.44 -3.20 17.74
CA ILE A 321 29.91 -2.26 18.74
C ILE A 321 30.94 -1.22 18.31
N TRP A 322 31.81 -1.60 17.37
CA TRP A 322 32.81 -0.67 16.87
C TRP A 322 32.19 0.68 16.47
N PHE A 323 31.07 0.65 15.74
CA PHE A 323 30.43 1.88 15.32
C PHE A 323 29.96 2.73 16.49
N ASP A 324 29.87 2.13 17.67
CA ASP A 324 29.40 2.85 18.83
C ASP A 324 30.46 3.48 19.73
N LYS A 325 31.69 3.00 19.65
CA LYS A 325 32.77 3.55 20.47
C LYS A 325 32.68 5.07 20.62
N ALA A 326 32.64 5.54 21.87
CA ALA A 326 32.52 6.97 22.15
C ALA A 326 33.61 7.84 21.52
N GLN A 327 34.75 7.25 21.20
CA GLN A 327 35.83 8.00 20.58
C GLN A 327 35.50 8.36 19.13
N PHE A 328 34.41 7.82 18.61
CA PHE A 328 33.99 8.10 17.24
C PHE A 328 32.82 9.08 17.29
N ARG A 329 32.99 10.22 16.63
CA ARG A 329 31.92 11.21 16.60
C ARG A 329 30.84 10.69 15.66
N ASN A 330 31.25 10.02 14.58
CA ASN A 330 30.29 9.47 13.63
C ASN A 330 30.83 8.30 12.84
N GLY A 331 29.97 7.77 11.97
CA GLY A 331 30.32 6.63 11.15
C GLY A 331 31.58 6.76 10.33
N PHE A 332 31.83 7.93 9.77
CA PHE A 332 33.02 8.12 8.97
C PHE A 332 34.31 8.01 9.78
N ASP A 333 34.24 8.28 11.08
CA ASP A 333 35.46 8.17 11.87
C ASP A 333 35.74 6.72 12.18
N ALA A 334 34.69 5.95 12.40
CA ALA A 334 34.84 4.54 12.69
C ALA A 334 35.49 3.81 11.52
N ILE A 335 35.09 4.17 10.31
CA ILE A 335 35.62 3.54 9.10
C ILE A 335 37.01 4.06 8.73
N ARG A 336 37.22 5.36 8.90
CA ARG A 336 38.52 5.95 8.58
C ARG A 336 39.57 5.30 9.45
N GLU A 337 39.16 4.98 10.67
CA GLU A 337 40.01 4.34 11.66
C GLU A 337 40.38 2.93 11.27
N ARG A 338 39.39 2.14 10.90
CA ARG A 338 39.64 0.76 10.51
C ARG A 338 38.62 0.23 9.53
N ASP A 339 39.07 -0.64 8.64
CA ASP A 339 38.17 -1.25 7.67
C ASP A 339 37.15 -2.02 8.51
N VAL A 340 35.88 -1.86 8.16
CA VAL A 340 34.80 -2.52 8.88
C VAL A 340 34.13 -3.60 8.03
N LEU A 341 34.03 -4.81 8.57
CA LEU A 341 33.41 -5.93 7.85
C LEU A 341 32.20 -6.47 8.60
N LEU A 342 31.00 -6.28 8.06
CA LEU A 342 29.78 -6.77 8.70
C LEU A 342 29.29 -8.05 8.05
N TYR A 343 28.76 -8.98 8.85
CA TYR A 343 28.23 -10.24 8.28
C TYR A 343 26.76 -10.37 8.66
N TYR A 344 25.91 -10.35 7.64
CA TYR A 344 24.48 -10.49 7.83
C TYR A 344 24.18 -12.00 7.79
N PRO A 345 23.07 -12.43 8.43
CA PRO A 345 22.11 -11.67 9.22
C PRO A 345 22.50 -11.50 10.68
N TYR A 346 23.70 -11.93 11.04
CA TYR A 346 24.15 -11.82 12.43
C TYR A 346 24.24 -10.35 12.87
N HIS A 347 24.52 -9.46 11.93
CA HIS A 347 24.60 -8.01 12.17
C HIS A 347 23.40 -7.30 11.56
N THR A 348 23.08 -6.10 12.04
CA THR A 348 21.96 -5.34 11.45
C THR A 348 22.40 -4.61 10.19
N PHE A 349 21.51 -4.51 9.22
CA PHE A 349 21.83 -3.79 8.00
C PHE A 349 21.77 -2.34 8.44
N GLU A 350 21.19 -2.15 9.62
CA GLU A 350 20.99 -0.83 10.20
C GLU A 350 22.19 0.11 10.22
N HIS A 351 23.41 -0.42 10.12
CA HIS A 351 24.57 0.45 10.08
C HIS A 351 24.68 1.15 8.72
N VAL A 352 24.80 0.37 7.65
CA VAL A 352 24.89 0.93 6.31
C VAL A 352 23.77 1.94 6.12
N LEU A 353 22.60 1.64 6.67
CA LEU A 353 21.45 2.54 6.56
C LEU A 353 21.61 3.79 7.39
N GLU A 354 22.33 3.70 8.50
CA GLU A 354 22.58 4.88 9.33
C GLU A 354 23.62 5.75 8.60
N LEU A 355 24.67 5.11 8.10
CA LEU A 355 25.73 5.81 7.37
C LEU A 355 25.15 6.62 6.23
N LEU A 356 24.36 5.97 5.38
CA LEU A 356 23.77 6.65 4.24
C LEU A 356 22.90 7.82 4.66
N ARG A 357 22.25 7.69 5.82
CA ARG A 357 21.39 8.77 6.28
C ARG A 357 22.24 9.96 6.74
N GLN A 358 23.46 9.68 7.17
CA GLN A 358 24.37 10.72 7.61
C GLN A 358 24.90 11.49 6.43
N ALA A 359 25.47 10.76 5.48
CA ALA A 359 26.01 11.34 4.26
C ALA A 359 25.02 12.27 3.58
N SER A 360 23.73 12.07 3.85
CA SER A 360 22.69 12.90 3.22
C SER A 360 22.59 14.32 3.79
N PHE A 361 23.20 14.58 4.95
CA PHE A 361 23.14 15.92 5.50
C PHE A 361 24.44 16.36 6.16
N ASP A 362 25.44 15.51 6.14
CA ASP A 362 26.73 15.89 6.70
C ASP A 362 27.37 16.93 5.77
N PRO A 363 27.56 18.15 6.29
CA PRO A 363 28.15 19.25 5.55
C PRO A 363 29.42 18.86 4.79
N SER A 364 30.23 18.00 5.37
CA SER A 364 31.46 17.62 4.70
C SER A 364 31.29 16.63 3.53
N VAL A 365 30.13 15.98 3.46
CA VAL A 365 29.87 15.04 2.37
C VAL A 365 29.64 15.81 1.08
N LEU A 366 30.48 15.56 0.10
CA LEU A 366 30.41 16.25 -1.19
C LEU A 366 29.55 15.54 -2.23
N ALA A 367 29.73 14.23 -2.38
CA ALA A 367 28.99 13.46 -3.35
C ALA A 367 28.72 12.03 -2.89
N ILE A 368 27.82 11.35 -3.60
CA ILE A 368 27.46 9.98 -3.27
C ILE A 368 27.09 9.24 -4.55
N LYS A 369 27.77 8.13 -4.84
CA LYS A 369 27.44 7.33 -6.02
C LYS A 369 26.97 5.97 -5.50
N ILE A 370 25.90 5.43 -6.07
CA ILE A 370 25.38 4.14 -5.60
C ILE A 370 24.42 3.45 -6.59
N ASN A 371 24.43 2.12 -6.61
CA ASN A 371 23.56 1.37 -7.53
C ASN A 371 22.31 0.72 -6.90
N ILE A 372 21.21 0.74 -7.65
CA ILE A 372 19.92 0.17 -7.24
C ILE A 372 19.54 -1.04 -8.08
N TYR A 373 19.90 -2.22 -7.59
CA TYR A 373 19.62 -3.48 -8.28
C TYR A 373 18.26 -3.98 -7.76
N ARG A 374 18.29 -5.14 -7.11
CA ARG A 374 17.12 -5.79 -6.52
C ARG A 374 17.07 -5.51 -5.00
N VAL A 375 16.96 -4.24 -4.63
CA VAL A 375 16.87 -3.82 -3.22
C VAL A 375 15.48 -4.16 -2.65
N ALA A 376 15.24 -3.80 -1.39
CA ALA A 376 13.93 -4.08 -0.77
C ALA A 376 12.86 -3.16 -1.35
N LYS A 377 11.59 -3.57 -1.23
CA LYS A 377 10.49 -2.76 -1.75
C LYS A 377 10.51 -1.34 -1.17
N ASP A 378 10.33 -0.34 -2.05
CA ASP A 378 10.34 1.08 -1.67
C ASP A 378 11.47 1.44 -0.69
N SER A 379 12.69 1.47 -1.22
CA SER A 379 13.89 1.76 -0.44
C SER A 379 13.92 3.04 0.38
N ARG A 380 14.51 2.91 1.55
CA ARG A 380 14.68 3.98 2.51
C ARG A 380 15.99 4.65 2.12
N ILE A 381 16.69 4.00 1.19
CA ILE A 381 17.95 4.51 0.66
C ILE A 381 17.59 5.57 -0.38
N ILE A 382 16.53 5.32 -1.14
CA ILE A 382 16.09 6.28 -2.15
C ILE A 382 15.77 7.62 -1.53
N ASP A 383 15.09 7.58 -0.39
CA ASP A 383 14.72 8.79 0.31
C ASP A 383 15.96 9.57 0.70
N SER A 384 17.00 8.83 1.11
CA SER A 384 18.26 9.43 1.54
C SER A 384 18.98 10.12 0.41
N MET A 385 18.99 9.49 -0.75
CA MET A 385 19.65 10.06 -1.90
C MET A 385 18.89 11.32 -2.29
N ILE A 386 17.60 11.36 -1.99
CA ILE A 386 16.79 12.53 -2.29
C ILE A 386 17.23 13.68 -1.39
N HIS A 387 17.45 13.37 -0.12
CA HIS A 387 17.88 14.40 0.81
C HIS A 387 19.22 14.96 0.44
N ALA A 388 20.13 14.05 0.14
CA ALA A 388 21.46 14.45 -0.25
C ALA A 388 21.30 15.42 -1.42
N ALA A 389 20.42 15.06 -2.35
CA ALA A 389 20.19 15.94 -3.49
C ALA A 389 19.77 17.30 -2.95
N HIS A 390 18.69 17.32 -2.16
CA HIS A 390 18.20 18.57 -1.58
C HIS A 390 19.24 19.33 -0.74
N ASN A 391 20.25 18.63 -0.24
CA ASN A 391 21.27 19.26 0.61
C ASN A 391 22.55 19.60 -0.17
N GLY A 392 22.51 19.45 -1.49
CA GLY A 392 23.70 19.71 -2.27
C GLY A 392 24.23 18.42 -2.87
N LYS A 393 25.09 17.71 -2.14
CA LYS A 393 25.70 16.45 -2.59
C LYS A 393 25.49 16.10 -4.07
N LYS A 394 26.57 15.91 -4.81
CA LYS A 394 26.42 15.51 -6.20
C LYS A 394 25.97 14.05 -6.08
N VAL A 395 24.68 13.79 -6.27
CA VAL A 395 24.20 12.43 -6.13
C VAL A 395 24.05 11.70 -7.44
N THR A 396 24.78 10.59 -7.56
CA THR A 396 24.74 9.77 -8.76
C THR A 396 24.14 8.43 -8.41
N VAL A 397 23.13 8.00 -9.15
CA VAL A 397 22.49 6.73 -8.86
C VAL A 397 22.34 5.90 -10.12
N VAL A 398 22.87 4.69 -10.08
CA VAL A 398 22.79 3.76 -11.20
C VAL A 398 21.64 2.80 -10.97
N VAL A 399 20.73 2.72 -11.93
CA VAL A 399 19.60 1.82 -11.82
C VAL A 399 19.60 0.83 -12.96
N GLU A 400 19.81 -0.43 -12.64
CA GLU A 400 19.77 -1.44 -13.68
C GLU A 400 18.28 -1.66 -13.87
N LEU A 401 17.86 -1.85 -15.11
CA LEU A 401 16.45 -2.00 -15.38
C LEU A 401 15.93 -3.41 -15.68
N GLN A 402 16.74 -4.43 -15.38
CA GLN A 402 16.34 -5.82 -15.61
C GLN A 402 17.14 -6.86 -14.82
N ALA A 403 16.61 -7.26 -13.65
CA ALA A 403 17.25 -8.26 -12.81
C ALA A 403 16.69 -9.63 -13.21
N ARG A 404 16.84 -10.65 -12.36
CA ARG A 404 16.31 -11.98 -12.68
C ARG A 404 14.79 -12.06 -12.55
N PHE A 405 14.26 -11.53 -11.45
CA PHE A 405 12.82 -11.53 -11.21
C PHE A 405 12.36 -10.16 -10.70
N ASP A 406 13.28 -9.42 -10.07
CA ASP A 406 12.99 -8.09 -9.56
C ASP A 406 13.49 -7.10 -10.60
N GLU A 407 12.82 -7.11 -11.75
CA GLU A 407 13.14 -6.27 -12.91
C GLU A 407 12.32 -4.98 -13.03
N GLU A 408 11.03 -5.12 -13.34
CA GLU A 408 10.12 -4.00 -13.50
C GLU A 408 9.94 -3.20 -12.21
N ALA A 409 10.65 -3.64 -11.17
CA ALA A 409 10.61 -2.99 -9.86
C ALA A 409 11.69 -1.91 -9.73
N ASN A 410 12.33 -1.60 -10.85
CA ASN A 410 13.38 -0.57 -10.89
C ASN A 410 13.17 0.34 -12.11
N ILE A 411 11.97 0.26 -12.72
CA ILE A 411 11.60 1.09 -13.88
C ILE A 411 10.84 2.33 -13.39
N HIS A 412 10.43 2.28 -12.13
CA HIS A 412 9.72 3.38 -11.47
C HIS A 412 10.71 4.13 -10.57
N TRP A 413 11.64 3.36 -10.00
CA TRP A 413 12.70 3.86 -9.11
C TRP A 413 13.55 4.92 -9.81
N ALA A 414 12.95 5.86 -10.54
CA ALA A 414 13.75 6.87 -11.24
C ALA A 414 13.09 8.21 -11.50
N LYS A 415 12.06 8.23 -12.32
CA LYS A 415 11.36 9.48 -12.64
C LYS A 415 11.32 10.41 -11.42
N ARG A 416 11.25 9.79 -10.25
CA ARG A 416 11.21 10.48 -8.97
C ARG A 416 12.51 11.27 -8.71
N LEU A 417 13.63 10.55 -8.61
CA LEU A 417 14.95 11.12 -8.36
C LEU A 417 15.32 12.33 -9.20
N THR A 418 15.40 12.12 -10.51
CA THR A 418 15.77 13.18 -11.45
C THR A 418 15.18 14.53 -11.09
N GLU A 419 13.90 14.53 -10.75
CA GLU A 419 13.17 15.74 -10.40
C GLU A 419 13.80 16.52 -9.26
N ALA A 420 14.35 15.81 -8.29
CA ALA A 420 14.96 16.43 -7.11
C ALA A 420 16.41 16.86 -7.23
N GLY A 421 17.09 16.42 -8.29
CA GLY A 421 18.48 16.81 -8.48
C GLY A 421 19.46 15.66 -8.53
N VAL A 422 18.94 14.46 -8.78
CA VAL A 422 19.78 13.26 -8.84
C VAL A 422 20.17 12.85 -10.26
N HIS A 423 21.46 12.55 -10.45
CA HIS A 423 21.92 12.11 -11.76
C HIS A 423 21.62 10.62 -11.82
N VAL A 424 20.64 10.24 -12.62
CA VAL A 424 20.27 8.83 -12.75
C VAL A 424 21.01 8.25 -13.94
N ILE A 425 21.38 6.98 -13.85
CA ILE A 425 22.10 6.31 -14.91
C ILE A 425 21.58 4.91 -15.07
N PHE A 426 21.05 4.59 -16.24
CA PHE A 426 20.48 3.27 -16.50
C PHE A 426 21.45 2.29 -17.15
N SER A 427 21.33 1.02 -16.80
CA SER A 427 22.18 -0.01 -17.37
C SER A 427 21.66 -0.35 -18.77
N ALA A 428 22.52 -0.95 -19.58
CA ALA A 428 22.19 -1.34 -20.95
C ALA A 428 20.93 -2.22 -21.03
N PRO A 429 20.56 -2.67 -22.25
CA PRO A 429 19.36 -3.51 -22.42
C PRO A 429 19.12 -4.42 -21.21
N GLY A 430 19.62 -5.65 -21.27
CA GLY A 430 19.45 -6.56 -20.16
C GLY A 430 20.80 -6.86 -19.54
N LEU A 431 21.25 -5.98 -18.66
CA LEU A 431 22.56 -6.13 -18.03
C LEU A 431 22.31 -6.20 -16.54
N LYS A 432 23.00 -7.10 -15.86
CA LYS A 432 22.78 -7.22 -14.43
C LYS A 432 23.96 -6.83 -13.56
N ILE A 433 23.74 -5.89 -12.65
CA ILE A 433 24.78 -5.45 -11.77
C ILE A 433 24.55 -6.17 -10.46
N HIS A 434 25.10 -7.37 -10.35
CA HIS A 434 24.91 -8.20 -9.14
C HIS A 434 25.82 -7.79 -8.00
N ALA A 435 26.44 -6.63 -8.11
CA ALA A 435 27.29 -6.12 -7.03
C ALA A 435 26.49 -4.99 -6.40
N LYS A 436 26.83 -4.57 -5.19
CA LYS A 436 26.07 -3.52 -4.56
C LYS A 436 27.01 -2.60 -3.83
N LEU A 437 27.43 -1.56 -4.54
CA LEU A 437 28.39 -0.59 -4.05
C LEU A 437 27.85 0.80 -3.85
N PHE A 438 28.60 1.58 -3.11
CA PHE A 438 28.29 2.97 -2.95
C PHE A 438 29.58 3.65 -2.51
N LEU A 439 29.83 4.79 -3.11
CA LEU A 439 31.02 5.56 -2.86
C LEU A 439 30.58 6.89 -2.31
N ILE A 440 31.27 7.33 -1.25
CA ILE A 440 30.94 8.59 -0.59
C ILE A 440 32.20 9.37 -0.50
N SER A 441 32.12 10.63 -0.89
CA SER A 441 33.27 11.50 -0.84
C SER A 441 32.97 12.61 0.12
N ARG A 442 33.96 12.99 0.92
CA ARG A 442 33.72 14.08 1.84
C ARG A 442 34.99 14.84 2.16
N LYS A 443 34.86 16.16 2.07
CA LYS A 443 35.94 17.08 2.34
C LYS A 443 36.28 16.92 3.82
N GLU A 444 37.42 16.32 4.09
CA GLU A 444 37.85 16.17 5.47
C GLU A 444 39.03 17.11 5.59
N ASN A 445 38.70 18.38 5.88
CA ASN A 445 39.65 19.47 6.01
C ASN A 445 40.68 19.50 4.88
N GLY A 446 40.32 20.23 3.84
CA GLY A 446 41.19 20.36 2.70
C GLY A 446 41.04 19.24 1.70
N GLU A 447 41.49 18.05 2.07
CA GLU A 447 41.43 16.91 1.18
C GLU A 447 40.06 16.28 1.05
N VAL A 448 39.88 15.58 -0.06
CA VAL A 448 38.64 14.87 -0.33
C VAL A 448 38.95 13.43 0.07
N VAL A 449 38.05 12.81 0.82
CA VAL A 449 38.25 11.44 1.26
C VAL A 449 37.06 10.58 0.90
N ARG A 450 37.32 9.52 0.14
CA ARG A 450 36.27 8.61 -0.30
C ARG A 450 36.12 7.36 0.59
N TYR A 451 34.87 7.04 0.90
CA TYR A 451 34.53 5.88 1.70
C TYR A 451 33.67 5.00 0.82
N ALA A 452 34.05 3.75 0.64
CA ALA A 452 33.24 2.90 -0.19
C ALA A 452 32.59 1.78 0.57
N HIS A 453 31.54 1.23 -0.03
CA HIS A 453 30.82 0.08 0.52
C HIS A 453 30.85 -0.96 -0.59
N ILE A 454 31.23 -2.17 -0.23
CA ILE A 454 31.25 -3.25 -1.19
C ILE A 454 30.45 -4.33 -0.54
N GLY A 455 29.29 -4.60 -1.13
CA GLY A 455 28.40 -5.60 -0.60
C GLY A 455 28.25 -6.77 -1.54
N THR A 456 28.57 -7.95 -1.02
CA THR A 456 28.50 -9.20 -1.77
C THR A 456 27.09 -9.49 -2.28
N GLY A 457 26.07 -9.18 -1.48
CA GLY A 457 24.70 -9.41 -1.90
C GLY A 457 24.11 -8.06 -2.19
N ASN A 458 22.78 -7.95 -2.34
CA ASN A 458 22.15 -6.64 -2.63
C ASN A 458 21.58 -5.86 -1.43
N PHE A 459 21.30 -4.57 -1.67
CA PHE A 459 20.77 -3.66 -0.65
C PHE A 459 19.41 -4.05 -0.07
N ASN A 460 18.83 -5.12 -0.60
CA ASN A 460 17.52 -5.58 -0.12
C ASN A 460 17.55 -5.74 1.42
N GLU A 461 16.75 -4.93 2.10
CA GLU A 461 16.67 -4.99 3.56
C GLU A 461 15.90 -6.25 3.94
N LYS A 462 15.41 -6.95 2.91
CA LYS A 462 14.70 -8.22 3.04
C LYS A 462 15.75 -9.33 2.85
N THR A 463 16.71 -9.07 1.95
CA THR A 463 17.80 -10.01 1.63
C THR A 463 18.81 -10.21 2.75
N ALA A 464 19.08 -9.16 3.51
CA ALA A 464 20.01 -9.26 4.64
C ALA A 464 19.55 -10.33 5.67
N ARG A 465 18.22 -10.48 5.86
CA ARG A 465 17.63 -11.41 6.87
C ARG A 465 17.39 -12.92 6.58
N LEU A 466 17.35 -13.30 5.32
CA LEU A 466 17.17 -14.70 4.97
C LEU A 466 18.52 -15.09 4.37
N TYR A 467 19.30 -14.09 3.97
CA TYR A 467 20.59 -14.31 3.35
C TYR A 467 21.74 -14.00 4.28
N THR A 468 22.89 -14.57 3.97
CA THR A 468 24.08 -14.29 4.75
C THR A 468 24.98 -13.56 3.78
N ASP A 469 25.23 -12.28 4.02
CA ASP A 469 26.11 -11.54 3.12
C ASP A 469 27.11 -10.66 3.81
N TYR A 470 28.12 -10.26 3.06
CA TYR A 470 29.14 -9.41 3.61
C TYR A 470 28.88 -7.98 3.22
N SER A 471 29.56 -7.11 3.93
CA SER A 471 29.45 -5.69 3.71
C SER A 471 30.77 -5.14 4.24
N LEU A 472 31.59 -4.67 3.33
CA LEU A 472 32.89 -4.09 3.67
C LEU A 472 32.74 -2.58 3.61
N LEU A 473 33.25 -1.89 4.62
CA LEU A 473 33.20 -0.44 4.67
C LEU A 473 34.65 0.02 4.80
N THR A 474 35.11 0.84 3.86
CA THR A 474 36.51 1.27 3.94
C THR A 474 36.82 2.67 3.41
N ALA A 475 37.97 3.17 3.83
CA ALA A 475 38.44 4.47 3.40
C ALA A 475 39.80 4.25 2.78
N ASP A 476 40.21 2.99 2.70
CA ASP A 476 41.49 2.61 2.10
C ASP A 476 41.46 3.03 0.63
N ALA A 477 42.33 3.95 0.26
CA ALA A 477 42.39 4.43 -1.11
C ALA A 477 42.59 3.31 -2.14
N ARG A 478 43.40 2.31 -1.80
CA ARG A 478 43.64 1.19 -2.71
C ARG A 478 42.33 0.58 -3.20
N ILE A 479 41.37 0.48 -2.29
CA ILE A 479 40.07 -0.08 -2.61
C ILE A 479 39.11 1.02 -3.04
N THR A 480 39.22 2.17 -2.40
CA THR A 480 38.40 3.34 -2.71
C THR A 480 38.46 3.74 -4.19
N ASN A 481 39.67 3.91 -4.72
CA ASN A 481 39.84 4.30 -6.12
C ASN A 481 39.24 3.29 -7.06
N GLU A 482 39.38 2.03 -6.70
CA GLU A 482 38.89 0.94 -7.51
C GLU A 482 37.37 0.95 -7.64
N VAL A 483 36.67 1.35 -6.58
CA VAL A 483 35.22 1.42 -6.62
C VAL A 483 34.84 2.59 -7.51
N ARG A 484 35.55 3.68 -7.31
CA ARG A 484 35.36 4.88 -8.08
C ARG A 484 35.45 4.49 -9.55
N ARG A 485 36.48 3.73 -9.88
CA ARG A 485 36.65 3.26 -11.25
C ARG A 485 35.44 2.46 -11.70
N VAL A 486 35.00 1.54 -10.85
CA VAL A 486 33.86 0.73 -11.20
C VAL A 486 32.69 1.59 -11.67
N PHE A 487 32.32 2.58 -10.87
CA PHE A 487 31.21 3.45 -11.21
C PHE A 487 31.46 4.15 -12.53
N ASN A 488 32.71 4.51 -12.78
CA ASN A 488 33.03 5.16 -14.05
C ASN A 488 32.84 4.15 -15.16
N PHE A 489 33.33 2.94 -14.93
CA PHE A 489 33.19 1.89 -15.91
C PHE A 489 31.72 1.73 -16.30
N ILE A 490 30.84 1.80 -15.31
CA ILE A 490 29.41 1.66 -15.55
C ILE A 490 28.85 2.79 -16.42
N GLU A 491 29.19 4.03 -16.06
CA GLU A 491 28.72 5.19 -16.80
C GLU A 491 29.27 5.24 -18.22
N ASN A 492 30.57 5.00 -18.36
CA ASN A 492 31.20 4.98 -19.68
C ASN A 492 32.05 3.72 -19.83
N PRO A 493 31.42 2.60 -20.23
CA PRO A 493 32.09 1.32 -20.43
C PRO A 493 32.81 1.26 -21.78
N TYR A 494 32.52 2.24 -22.63
CA TYR A 494 33.14 2.32 -23.96
C TYR A 494 34.60 2.67 -23.80
N ARG A 495 34.92 3.24 -22.66
CA ARG A 495 36.28 3.64 -22.34
C ARG A 495 37.05 2.51 -21.70
N PRO A 496 38.31 2.33 -22.13
CA PRO A 496 39.11 1.25 -21.57
C PRO A 496 39.28 1.47 -20.05
N VAL A 497 39.33 0.37 -19.31
CA VAL A 497 39.45 0.43 -17.85
C VAL A 497 40.20 -0.78 -17.31
N THR A 498 40.96 -0.56 -16.24
CA THR A 498 41.73 -1.63 -15.61
C THR A 498 41.61 -1.58 -14.10
N PHE A 499 41.60 -2.76 -13.46
CA PHE A 499 41.53 -2.84 -12.00
C PHE A 499 42.71 -3.59 -11.42
N ASP A 500 43.33 -3.02 -10.39
CA ASP A 500 44.48 -3.65 -9.74
C ASP A 500 44.14 -4.44 -8.47
N TYR A 501 42.94 -4.31 -7.94
CA TYR A 501 42.60 -5.05 -6.73
C TYR A 501 41.28 -5.76 -6.80
N LEU A 502 40.28 -5.12 -7.42
CA LEU A 502 38.97 -5.72 -7.54
C LEU A 502 38.90 -6.69 -8.70
N MET A 503 38.05 -7.69 -8.57
CA MET A 503 37.83 -8.65 -9.62
C MET A 503 36.54 -8.12 -10.20
N VAL A 504 36.55 -7.67 -11.44
CA VAL A 504 35.30 -7.14 -11.98
C VAL A 504 34.79 -7.85 -13.21
N SER A 505 33.59 -8.40 -13.09
CA SER A 505 32.95 -9.09 -14.20
C SER A 505 32.16 -8.08 -15.04
N PRO A 506 32.31 -8.14 -16.37
CA PRO A 506 33.15 -9.15 -17.02
C PRO A 506 34.42 -8.54 -17.61
N GLN A 507 35.10 -7.68 -16.84
CA GLN A 507 36.32 -7.07 -17.34
C GLN A 507 37.47 -8.06 -17.16
N ASN A 508 37.86 -8.37 -15.92
CA ASN A 508 38.94 -9.36 -15.75
C ASN A 508 38.44 -10.75 -15.38
N SER A 509 37.93 -10.94 -14.17
CA SER A 509 37.43 -12.24 -13.74
C SER A 509 38.26 -13.42 -14.25
N ARG A 510 37.82 -13.99 -15.37
CA ARG A 510 38.47 -15.12 -16.00
C ARG A 510 39.99 -15.01 -15.88
N ARG A 511 40.52 -13.90 -16.38
CA ARG A 511 41.96 -13.70 -16.33
C ARG A 511 42.41 -13.72 -14.87
N LEU A 512 41.83 -12.85 -14.06
CA LEU A 512 42.18 -12.74 -12.64
C LEU A 512 42.05 -14.03 -11.83
N LEU A 513 41.15 -14.92 -12.24
CA LEU A 513 40.98 -16.17 -11.54
C LEU A 513 41.94 -17.20 -12.08
N TYR A 514 41.94 -17.38 -13.40
CA TYR A 514 42.84 -18.34 -14.02
C TYR A 514 44.22 -18.11 -13.45
N GLU A 515 44.64 -16.85 -13.47
CA GLU A 515 45.94 -16.45 -12.97
C GLU A 515 46.23 -16.82 -11.53
N MET A 516 45.23 -16.75 -10.66
CA MET A 516 45.48 -17.10 -9.28
C MET A 516 45.60 -18.59 -9.11
N VAL A 517 44.76 -19.34 -9.81
CA VAL A 517 44.79 -20.79 -9.77
C VAL A 517 46.11 -21.26 -10.37
N ASP A 518 46.48 -20.66 -11.50
CA ASP A 518 47.70 -21.03 -12.17
C ASP A 518 48.91 -20.83 -11.27
N ARG A 519 48.84 -19.88 -10.34
CA ARG A 519 49.99 -19.66 -9.45
C ARG A 519 50.08 -20.73 -8.38
N GLU A 520 48.94 -21.14 -7.82
CA GLU A 520 48.97 -22.18 -6.80
C GLU A 520 49.52 -23.42 -7.48
N ILE A 521 49.02 -23.72 -8.69
CA ILE A 521 49.49 -24.86 -9.45
C ILE A 521 51.01 -24.79 -9.56
N ALA A 522 51.52 -23.60 -9.82
CA ALA A 522 52.97 -23.40 -9.94
C ALA A 522 53.69 -23.73 -8.64
N ASN A 523 53.23 -23.15 -7.53
CA ASN A 523 53.84 -23.39 -6.23
C ASN A 523 53.72 -24.85 -5.83
N ALA A 524 52.68 -25.52 -6.31
CA ALA A 524 52.49 -26.93 -6.00
C ALA A 524 53.48 -27.79 -6.78
N GLN A 525 53.82 -27.35 -7.99
CA GLN A 525 54.76 -28.09 -8.83
C GLN A 525 56.16 -27.76 -8.39
N GLN A 526 56.25 -27.14 -7.22
CA GLN A 526 57.52 -26.77 -6.63
C GLN A 526 57.53 -27.20 -5.17
N GLY A 527 56.54 -28.03 -4.83
CA GLY A 527 56.41 -28.55 -3.48
C GLY A 527 56.08 -27.54 -2.37
N LEU A 528 55.79 -26.29 -2.74
CA LEU A 528 55.47 -25.28 -1.75
C LEU A 528 54.03 -25.46 -1.29
N PRO A 529 53.62 -24.76 -0.23
CA PRO A 529 52.25 -24.87 0.27
C PRO A 529 51.26 -24.15 -0.65
N SER A 530 50.30 -24.90 -1.17
CA SER A 530 49.31 -24.32 -2.07
C SER A 530 47.93 -24.69 -1.57
N GLY A 531 46.93 -23.93 -2.01
CA GLY A 531 45.57 -24.21 -1.59
C GLY A 531 44.52 -23.37 -2.29
N ILE A 532 43.40 -23.98 -2.61
CA ILE A 532 42.29 -23.27 -3.24
C ILE A 532 41.07 -23.64 -2.40
N THR A 533 40.45 -22.61 -1.83
CA THR A 533 39.27 -22.83 -0.99
C THR A 533 38.16 -21.90 -1.42
N LEU A 534 37.15 -22.48 -2.06
CA LEU A 534 36.02 -21.71 -2.53
C LEU A 534 34.74 -22.01 -1.77
N LYS A 535 33.94 -20.96 -1.61
CA LYS A 535 32.63 -21.04 -0.97
C LYS A 535 31.73 -20.36 -2.00
N LEU A 536 31.02 -21.16 -2.79
CA LEU A 536 30.17 -20.64 -3.83
C LEU A 536 28.74 -21.18 -3.73
N ASN A 537 27.86 -20.63 -4.55
CA ASN A 537 26.49 -21.11 -4.60
C ASN A 537 26.41 -22.13 -5.73
N ASN A 538 27.27 -21.94 -6.73
CA ASN A 538 27.32 -22.83 -7.88
C ASN A 538 28.68 -22.83 -8.54
N LEU A 539 29.18 -24.03 -8.82
CA LEU A 539 30.47 -24.19 -9.46
C LEU A 539 30.15 -24.91 -10.75
N VAL A 540 30.01 -24.16 -11.83
CA VAL A 540 29.66 -24.77 -13.10
C VAL A 540 30.53 -24.46 -14.30
N ASP A 541 30.90 -23.21 -14.48
CA ASP A 541 31.72 -22.82 -15.61
C ASP A 541 32.76 -23.86 -16.02
N LYS A 542 32.64 -24.35 -17.26
CA LYS A 542 33.54 -25.34 -17.85
C LYS A 542 34.99 -24.96 -17.53
N GLY A 543 35.45 -23.89 -18.15
CA GLY A 543 36.82 -23.44 -17.95
C GLY A 543 37.32 -23.41 -16.51
N LEU A 544 36.55 -22.81 -15.61
CA LEU A 544 36.97 -22.73 -14.22
C LEU A 544 37.08 -24.12 -13.61
N VAL A 545 36.14 -25.01 -13.95
CA VAL A 545 36.20 -26.36 -13.41
C VAL A 545 37.48 -27.06 -13.87
N ASP A 546 37.73 -27.08 -15.18
CA ASP A 546 38.94 -27.72 -15.65
C ASP A 546 40.16 -27.08 -14.98
N ARG A 547 40.13 -25.77 -14.79
CA ARG A 547 41.25 -25.08 -14.14
C ARG A 547 41.48 -25.69 -12.76
N LEU A 548 40.40 -26.09 -12.10
CA LEU A 548 40.50 -26.70 -10.78
C LEU A 548 41.04 -28.11 -10.89
N TYR A 549 40.48 -28.88 -11.83
CA TYR A 549 40.94 -30.24 -12.06
C TYR A 549 42.46 -30.19 -12.19
N ALA A 550 42.94 -29.19 -12.93
CA ALA A 550 44.36 -29.00 -13.14
C ALA A 550 45.06 -28.75 -11.80
N ALA A 551 44.54 -27.82 -11.02
CA ALA A 551 45.15 -27.53 -9.75
C ALA A 551 45.29 -28.82 -8.93
N SER A 552 44.23 -29.60 -8.86
CA SER A 552 44.24 -30.85 -8.11
C SER A 552 45.34 -31.81 -8.59
N SER A 553 45.40 -32.02 -9.89
CA SER A 553 46.37 -32.90 -10.49
C SER A 553 47.80 -32.40 -10.36
N SER A 554 47.99 -31.13 -10.05
CA SER A 554 49.33 -30.57 -9.89
C SER A 554 49.70 -30.58 -8.43
N GLY A 555 48.89 -31.26 -7.64
CA GLY A 555 49.15 -31.36 -6.22
C GLY A 555 48.47 -30.32 -5.34
N VAL A 556 47.80 -29.34 -5.95
CA VAL A 556 47.10 -28.31 -5.15
C VAL A 556 45.83 -28.83 -4.51
N PRO A 557 45.67 -28.59 -3.20
CA PRO A 557 44.53 -28.98 -2.37
C PRO A 557 43.38 -28.02 -2.62
N VAL A 558 42.18 -28.56 -2.81
CA VAL A 558 41.04 -27.71 -3.09
C VAL A 558 39.83 -28.07 -2.22
N ASN A 559 39.34 -27.09 -1.47
CA ASN A 559 38.18 -27.32 -0.61
C ASN A 559 37.02 -26.48 -1.08
N LEU A 560 35.98 -27.16 -1.53
CA LEU A 560 34.80 -26.49 -2.01
C LEU A 560 33.63 -26.56 -1.06
N LEU A 561 32.87 -25.49 -1.05
CA LEU A 561 31.66 -25.43 -0.25
C LEU A 561 30.64 -24.80 -1.17
N VAL A 562 29.90 -25.63 -1.90
CA VAL A 562 28.89 -25.18 -2.85
C VAL A 562 27.50 -25.62 -2.36
N ARG A 563 26.59 -24.67 -2.13
CA ARG A 563 25.27 -25.08 -1.65
C ARG A 563 24.35 -25.51 -2.77
N GLY A 564 24.59 -24.99 -3.97
CA GLY A 564 23.75 -25.37 -5.09
C GLY A 564 24.35 -26.35 -6.09
N MET A 565 24.42 -25.92 -7.34
CA MET A 565 24.94 -26.74 -8.40
C MET A 565 26.44 -26.88 -8.36
N CYS A 566 26.91 -28.04 -8.79
CA CYS A 566 28.33 -28.32 -8.81
C CYS A 566 28.66 -29.35 -9.89
N SER A 567 28.88 -28.88 -11.11
CA SER A 567 29.22 -29.75 -12.23
C SER A 567 30.58 -30.44 -12.06
N LEU A 568 31.33 -30.04 -11.04
CA LEU A 568 32.62 -30.66 -10.81
C LEU A 568 32.44 -31.91 -9.98
N ILE A 569 33.08 -32.99 -10.44
CA ILE A 569 33.05 -34.27 -9.76
C ILE A 569 34.29 -34.39 -8.91
N PRO A 570 34.12 -34.45 -7.59
CA PRO A 570 35.30 -34.57 -6.72
C PRO A 570 35.69 -36.04 -6.59
N ASN A 571 36.98 -36.29 -6.37
CA ASN A 571 37.55 -37.63 -6.20
C ASN A 571 37.57 -38.49 -7.45
N LEU A 572 38.21 -37.98 -8.50
CA LEU A 572 38.32 -38.73 -9.74
C LEU A 572 39.77 -39.11 -9.96
N GLU A 573 40.05 -40.39 -9.77
CA GLU A 573 41.39 -40.96 -9.93
C GLU A 573 42.20 -40.27 -11.03
N GLY A 574 43.18 -39.46 -10.62
CA GLY A 574 44.01 -38.78 -11.59
C GLY A 574 43.49 -37.45 -12.07
N ILE A 575 42.24 -37.15 -11.76
CA ILE A 575 41.60 -35.89 -12.16
C ILE A 575 41.42 -34.94 -10.96
N SER A 576 40.63 -35.37 -9.98
CA SER A 576 40.36 -34.57 -8.80
C SER A 576 40.56 -35.34 -7.50
N ASP A 577 41.76 -35.92 -7.34
CA ASP A 577 42.09 -36.69 -6.14
C ASP A 577 42.29 -35.85 -4.89
N ASN A 578 42.56 -34.56 -5.08
CA ASN A 578 42.78 -33.65 -3.96
C ASN A 578 41.68 -32.62 -3.84
N ILE A 579 40.47 -32.97 -4.22
CA ILE A 579 39.40 -31.99 -4.12
C ILE A 579 38.25 -32.48 -3.27
N ARG A 580 38.12 -31.88 -2.09
CA ARG A 580 37.06 -32.22 -1.14
C ARG A 580 35.98 -31.16 -1.19
N ALA A 581 34.75 -31.57 -1.47
CA ALA A 581 33.66 -30.63 -1.56
C ALA A 581 32.39 -31.02 -0.81
N ILE A 582 31.82 -30.07 -0.08
CA ILE A 582 30.57 -30.30 0.65
C ILE A 582 29.56 -29.19 0.41
N SER A 583 28.32 -29.46 0.82
CA SER A 583 27.22 -28.51 0.68
C SER A 583 26.48 -28.36 2.00
N ILE A 584 26.24 -27.12 2.42
CA ILE A 584 25.51 -26.89 3.66
C ILE A 584 24.22 -26.17 3.35
N VAL A 585 23.11 -26.86 3.59
CA VAL A 585 21.79 -26.29 3.36
C VAL A 585 21.19 -26.20 4.75
N ASP A 586 21.02 -24.98 5.24
CA ASP A 586 20.48 -24.73 6.56
C ASP A 586 19.41 -23.63 6.45
N ARG A 587 19.03 -23.04 7.57
CA ARG A 587 18.02 -21.98 7.59
C ARG A 587 18.31 -20.89 6.57
N TYR A 588 19.39 -20.17 6.80
CA TYR A 588 19.80 -19.05 5.95
C TYR A 588 20.25 -19.43 4.55
N LEU A 589 20.28 -18.43 3.68
CA LEU A 589 20.70 -18.61 2.29
C LEU A 589 22.06 -17.95 2.06
N GLU A 590 23.03 -18.73 1.57
CA GLU A 590 24.37 -18.23 1.28
C GLU A 590 24.26 -17.28 0.08
N HIS A 591 24.65 -16.01 0.28
CA HIS A 591 24.61 -15.08 -0.84
C HIS A 591 25.99 -14.56 -1.13
N ASP A 592 26.85 -14.89 -0.18
CA ASP A 592 28.26 -14.57 -0.11
C ASP A 592 29.09 -15.68 -0.71
N ARG A 593 29.82 -15.36 -1.79
CA ARG A 593 30.85 -16.25 -2.27
C ARG A 593 32.24 -15.76 -1.95
N VAL A 594 33.07 -16.68 -1.43
CA VAL A 594 34.42 -16.35 -1.08
C VAL A 594 35.39 -17.07 -1.97
N TYR A 595 36.56 -16.49 -2.05
CA TYR A 595 37.70 -17.09 -2.79
C TYR A 595 38.90 -17.05 -1.83
N ILE A 596 39.60 -18.11 -1.59
CA ILE A 596 40.81 -18.06 -0.73
C ILE A 596 41.95 -18.82 -1.39
N PHE A 597 43.06 -18.14 -1.63
CA PHE A 597 44.20 -18.78 -2.25
C PHE A 597 45.36 -18.74 -1.27
N GLU A 598 46.13 -19.81 -1.21
CA GLU A 598 47.27 -19.88 -0.30
C GLU A 598 48.31 -18.83 -0.67
N ASN A 599 48.57 -18.68 -1.97
CA ASN A 599 49.53 -17.71 -2.48
C ASN A 599 50.80 -17.76 -1.65
N GLY A 600 51.51 -18.86 -1.76
CA GLY A 600 52.73 -19.02 -0.98
C GLY A 600 52.31 -19.24 0.45
N GLY A 601 52.50 -18.22 1.29
CA GLY A 601 52.11 -18.32 2.68
C GLY A 601 51.19 -17.17 3.01
N ASP A 602 51.34 -16.10 2.22
CA ASP A 602 50.54 -14.90 2.37
C ASP A 602 49.21 -15.13 1.64
N LYS A 603 48.23 -15.64 2.38
CA LYS A 603 46.91 -15.93 1.81
C LYS A 603 46.14 -14.73 1.27
N LYS A 604 45.53 -14.91 0.10
CA LYS A 604 44.71 -13.87 -0.48
C LYS A 604 43.27 -14.31 -0.22
N VAL A 605 42.47 -13.42 0.37
CA VAL A 605 41.08 -13.73 0.69
C VAL A 605 40.11 -12.77 0.01
N TYR A 606 39.32 -13.26 -0.94
CA TYR A 606 38.34 -12.43 -1.63
C TYR A 606 36.91 -12.66 -1.18
N LEU A 607 36.16 -11.58 -1.15
CA LEU A 607 34.74 -11.62 -0.81
C LEU A 607 34.10 -11.26 -2.15
N SER A 608 33.36 -12.19 -2.73
CA SER A 608 32.75 -11.93 -4.02
C SER A 608 31.24 -12.04 -4.03
N SER A 609 30.66 -11.70 -5.17
CA SER A 609 29.23 -11.78 -5.34
C SER A 609 28.92 -12.73 -6.48
N ALA A 610 29.98 -13.22 -7.13
CA ALA A 610 29.84 -14.11 -8.27
C ALA A 610 30.17 -15.57 -8.06
N ASP A 611 29.32 -16.42 -8.62
CA ASP A 611 29.51 -17.86 -8.56
C ASP A 611 30.41 -18.19 -9.74
N TRP A 612 31.04 -19.36 -9.69
CA TRP A 612 31.87 -19.77 -10.79
C TRP A 612 30.96 -20.41 -11.81
N MET A 613 30.24 -19.53 -12.50
CA MET A 613 29.31 -19.88 -13.57
C MET A 613 29.62 -18.90 -14.70
N THR A 614 29.55 -19.39 -15.93
CA THR A 614 29.85 -18.56 -17.08
C THR A 614 29.16 -17.20 -17.06
N ARG A 615 27.86 -17.17 -16.82
CA ARG A 615 27.15 -15.89 -16.80
C ARG A 615 27.66 -14.92 -15.73
N ASN A 616 28.34 -15.43 -14.70
CA ASN A 616 28.84 -14.55 -13.65
C ASN A 616 30.25 -14.06 -13.87
N ILE A 617 30.94 -14.67 -14.83
CA ILE A 617 32.30 -14.31 -15.11
C ILE A 617 32.39 -13.45 -16.36
N ASP A 618 31.54 -13.74 -17.33
CA ASP A 618 31.55 -13.04 -18.61
C ASP A 618 30.37 -12.22 -19.06
N TYR A 619 29.21 -12.30 -18.40
CA TYR A 619 28.08 -11.53 -18.91
C TYR A 619 27.40 -10.53 -17.95
N ARG A 620 27.71 -10.60 -16.67
CA ARG A 620 27.11 -9.67 -15.71
C ARG A 620 28.19 -8.85 -15.01
N ILE A 621 27.76 -7.78 -14.33
CA ILE A 621 28.69 -6.95 -13.56
C ILE A 621 28.78 -7.52 -12.14
N GLU A 622 29.95 -8.09 -11.84
CA GLU A 622 30.19 -8.68 -10.54
C GLU A 622 31.41 -8.03 -9.93
N VAL A 623 31.51 -8.10 -8.61
CA VAL A 623 32.63 -7.51 -7.90
C VAL A 623 33.08 -8.38 -6.74
N ALA A 624 34.39 -8.65 -6.71
CA ALA A 624 35.00 -9.45 -5.65
C ALA A 624 36.09 -8.57 -5.05
N THR A 625 36.20 -8.55 -3.74
CA THR A 625 37.19 -7.71 -3.09
C THR A 625 38.22 -8.43 -2.28
N PRO A 626 39.48 -8.01 -2.37
CA PRO A 626 40.49 -8.68 -1.58
C PRO A 626 40.46 -8.01 -0.20
N LEU A 627 40.83 -8.75 0.85
CA LEU A 627 40.81 -8.17 2.17
C LEU A 627 42.20 -7.73 2.58
N LEU A 628 42.54 -6.49 2.23
CA LEU A 628 43.84 -5.94 2.55
C LEU A 628 44.11 -5.87 4.06
N ASP A 629 43.07 -5.72 4.87
CA ASP A 629 43.27 -5.67 6.31
C ASP A 629 43.40 -7.07 6.89
N PRO A 630 44.59 -7.42 7.39
CA PRO A 630 44.80 -8.76 7.97
C PRO A 630 43.83 -9.11 9.10
N ARG A 631 43.31 -8.11 9.79
CA ARG A 631 42.37 -8.40 10.87
C ARG A 631 41.12 -8.96 10.28
N LEU A 632 40.57 -8.27 9.29
CA LEU A 632 39.36 -8.73 8.62
C LEU A 632 39.62 -10.02 7.84
N LYS A 633 40.82 -10.13 7.27
CA LYS A 633 41.19 -11.30 6.51
C LYS A 633 41.09 -12.52 7.45
N GLN A 634 41.49 -12.32 8.69
CA GLN A 634 41.45 -13.38 9.68
C GLN A 634 40.03 -13.82 10.05
N ARG A 635 39.17 -12.84 10.29
CA ARG A 635 37.79 -13.11 10.67
C ARG A 635 37.10 -13.99 9.61
N VAL A 636 37.25 -13.61 8.35
CA VAL A 636 36.65 -14.39 7.28
C VAL A 636 37.20 -15.82 7.33
N LEU A 637 38.50 -15.94 7.61
CA LEU A 637 39.15 -17.23 7.69
C LEU A 637 38.60 -18.12 8.81
N ASP A 638 38.23 -17.50 9.94
CA ASP A 638 37.67 -18.25 11.06
C ASP A 638 36.30 -18.78 10.64
N ILE A 639 35.46 -17.87 10.16
CA ILE A 639 34.13 -18.20 9.69
C ILE A 639 34.19 -19.35 8.69
N ILE A 640 35.07 -19.25 7.71
CA ILE A 640 35.22 -20.34 6.74
C ILE A 640 35.63 -21.62 7.47
N ASP A 641 36.29 -21.50 8.62
CA ASP A 641 36.69 -22.67 9.39
C ASP A 641 35.49 -23.31 10.08
N ILE A 642 34.66 -22.48 10.69
CA ILE A 642 33.48 -22.97 11.35
C ILE A 642 32.64 -23.71 10.32
N LEU A 643 32.51 -23.10 9.16
CA LEU A 643 31.74 -23.68 8.08
C LEU A 643 32.23 -25.08 7.73
N PHE A 644 33.48 -25.19 7.27
CA PHE A 644 34.04 -26.50 6.93
C PHE A 644 34.18 -27.44 8.12
N SER A 645 33.80 -26.96 9.30
CA SER A 645 33.89 -27.78 10.52
C SER A 645 32.51 -28.27 10.92
N ASP A 646 31.52 -27.97 10.08
CA ASP A 646 30.14 -28.37 10.32
C ASP A 646 30.02 -29.87 10.28
N THR A 647 29.15 -30.41 11.13
CA THR A 647 28.91 -31.84 11.22
C THR A 647 27.47 -32.07 11.60
N VAL A 648 26.59 -31.24 11.06
CA VAL A 648 25.17 -31.33 11.34
C VAL A 648 24.34 -31.09 10.08
N LYS A 649 24.81 -30.17 9.24
CA LYS A 649 24.11 -29.82 8.00
C LYS A 649 24.95 -30.08 6.76
N ALA A 650 26.25 -30.25 6.93
CA ALA A 650 27.15 -30.51 5.83
C ALA A 650 26.87 -31.86 5.15
N ARG A 651 26.90 -31.84 3.83
CA ARG A 651 26.66 -33.03 3.04
C ARG A 651 27.78 -33.19 2.02
N TYR A 652 28.01 -34.42 1.60
CA TYR A 652 29.07 -34.66 0.66
C TYR A 652 28.59 -34.44 -0.76
N ILE A 653 29.51 -34.06 -1.62
CA ILE A 653 29.21 -33.90 -3.02
C ILE A 653 29.96 -35.06 -3.66
N ASP A 654 29.26 -35.93 -4.35
CA ASP A 654 29.90 -37.09 -4.98
C ASP A 654 29.40 -37.28 -6.41
N LYS A 655 30.10 -38.11 -7.18
CA LYS A 655 29.66 -38.33 -8.55
C LYS A 655 28.40 -39.21 -8.56
N GLU A 656 27.90 -39.51 -7.36
CA GLU A 656 26.71 -40.33 -7.17
C GLU A 656 25.52 -39.49 -6.71
N LEU A 657 25.76 -38.21 -6.48
CA LEU A 657 24.71 -37.29 -6.02
C LEU A 657 23.94 -37.86 -4.85
N SER A 658 24.67 -38.55 -3.98
CA SER A 658 24.07 -39.19 -2.82
C SER A 658 23.60 -38.26 -1.71
N ASN A 659 24.17 -37.06 -1.63
CA ASN A 659 23.80 -36.12 -0.57
C ASN A 659 23.94 -36.76 0.82
N ARG A 660 24.98 -37.56 1.02
CA ARG A 660 25.20 -38.19 2.33
C ARG A 660 25.67 -37.08 3.26
N TYR A 661 25.39 -37.21 4.56
CA TYR A 661 25.79 -36.21 5.54
C TYR A 661 27.22 -36.44 6.04
N VAL A 662 28.02 -35.36 6.10
CA VAL A 662 29.38 -35.47 6.60
C VAL A 662 29.24 -36.03 8.00
N PRO A 663 29.89 -37.18 8.28
CA PRO A 663 29.84 -37.86 9.57
C PRO A 663 30.74 -37.17 10.58
N ARG A 664 30.29 -37.06 11.82
CA ARG A 664 31.14 -36.44 12.80
C ARG A 664 32.06 -37.52 13.37
N GLY A 665 33.33 -37.43 13.03
CA GLY A 665 34.26 -38.41 13.55
C GLY A 665 34.36 -38.14 15.04
N ASN A 666 35.57 -38.27 15.59
CA ASN A 666 35.75 -37.99 17.00
C ASN A 666 35.77 -36.48 17.18
N ARG A 667 35.41 -35.76 16.11
CA ARG A 667 35.39 -34.31 16.14
C ARG A 667 34.10 -33.79 16.77
N ARG A 668 34.11 -32.51 17.11
CA ARG A 668 32.98 -31.86 17.75
C ARG A 668 31.76 -31.71 16.89
N LYS A 669 30.61 -31.61 17.55
CA LYS A 669 29.34 -31.44 16.87
C LYS A 669 29.17 -29.94 16.63
N VAL A 670 29.26 -29.54 15.36
CA VAL A 670 29.12 -28.13 15.00
C VAL A 670 28.01 -27.88 13.98
N ARG A 671 27.32 -26.76 14.14
CA ARG A 671 26.29 -26.35 13.20
C ARG A 671 26.68 -24.91 12.81
N ALA A 672 27.56 -24.81 11.82
CA ALA A 672 28.08 -23.54 11.35
C ALA A 672 27.16 -22.36 11.54
N GLN A 673 26.07 -22.34 10.79
CA GLN A 673 25.15 -21.22 10.86
C GLN A 673 24.78 -20.78 12.28
N LEU A 674 25.03 -21.62 13.26
CA LEU A 674 24.73 -21.27 14.64
C LEU A 674 26.01 -20.86 15.35
N ALA A 675 27.07 -21.58 15.04
CA ALA A 675 28.37 -21.31 15.60
C ALA A 675 28.79 -19.95 15.10
N ILE A 676 28.50 -19.65 13.84
CA ILE A 676 28.87 -18.36 13.26
C ILE A 676 28.27 -17.25 14.13
N TYR A 677 27.07 -17.47 14.65
CA TYR A 677 26.43 -16.46 15.47
C TYR A 677 27.20 -16.22 16.76
N ASP A 678 27.63 -17.29 17.41
CA ASP A 678 28.37 -17.17 18.64
C ASP A 678 29.72 -16.52 18.39
N TYR A 679 30.28 -16.76 17.21
CA TYR A 679 31.56 -16.16 16.84
C TYR A 679 31.39 -14.65 16.75
N ILE A 680 30.39 -14.21 15.99
CA ILE A 680 30.12 -12.79 15.86
C ILE A 680 29.76 -12.26 17.25
N LYS A 681 28.80 -12.90 17.89
CA LYS A 681 28.35 -12.49 19.22
C LYS A 681 29.54 -12.23 20.17
N SER A 682 30.56 -13.07 20.09
CA SER A 682 31.71 -12.91 20.94
C SER A 682 32.53 -11.69 20.51
N LEU A 683 32.43 -11.29 19.26
CA LEU A 683 33.19 -10.13 18.80
C LEU A 683 32.56 -8.83 19.27
N GLU A 684 31.28 -8.87 19.62
CA GLU A 684 30.61 -7.66 20.04
C GLU A 684 30.49 -7.55 21.55
N GLN A 685 31.35 -8.25 22.28
CA GLN A 685 31.34 -8.18 23.73
C GLN A 685 32.18 -6.97 24.11
N PRO A 686 31.68 -6.13 25.04
CA PRO A 686 32.36 -4.91 25.50
C PRO A 686 33.89 -5.03 25.61
N GLU A 687 34.59 -4.18 24.86
CA GLU A 687 36.06 -4.17 24.86
C GLU A 687 36.59 -3.81 26.26
N GLY B 1 -26.89 48.85 1.73
CA GLY B 1 -27.03 48.03 2.98
C GLY B 1 -27.67 48.77 4.14
N GLN B 2 -28.69 48.15 4.75
CA GLN B 2 -29.40 48.74 5.88
C GLN B 2 -29.83 47.70 6.91
N GLU B 3 -30.90 46.96 6.62
CA GLU B 3 -31.43 45.93 7.53
C GLU B 3 -31.31 44.53 6.93
N LYS B 4 -30.14 43.92 7.09
CA LYS B 4 -29.87 42.58 6.56
C LYS B 4 -31.10 41.75 6.26
N LEU B 5 -31.29 41.46 4.98
CA LEU B 5 -32.41 40.65 4.56
C LEU B 5 -31.98 39.18 4.59
N TYR B 6 -30.68 38.92 4.49
CA TYR B 6 -30.13 37.57 4.51
C TYR B 6 -28.87 37.62 5.37
N ILE B 7 -28.22 36.48 5.60
CA ILE B 7 -26.99 36.44 6.39
C ILE B 7 -25.84 36.00 5.51
N GLU B 8 -24.71 36.69 5.60
CA GLU B 8 -23.57 36.31 4.79
C GLU B 8 -23.19 34.86 5.08
N LYS B 9 -23.17 34.02 4.05
CA LYS B 9 -22.85 32.60 4.23
C LYS B 9 -21.51 32.36 4.93
N GLU B 10 -20.54 33.23 4.68
CA GLU B 10 -19.23 33.08 5.33
C GLU B 10 -19.32 33.28 6.83
N LEU B 11 -20.24 34.14 7.26
CA LEU B 11 -20.41 34.36 8.69
C LEU B 11 -21.23 33.20 9.25
N SER B 12 -22.20 32.73 8.47
CA SER B 12 -23.05 31.62 8.88
C SER B 12 -22.17 30.42 9.10
N TRP B 13 -21.12 30.30 8.28
CA TRP B 13 -20.22 29.17 8.40
C TRP B 13 -19.40 29.24 9.65
N LEU B 14 -18.91 30.43 9.98
CA LEU B 14 -18.11 30.57 11.19
C LEU B 14 -18.95 30.08 12.36
N SER B 15 -20.22 30.49 12.36
CA SER B 15 -21.16 30.09 13.41
C SER B 15 -21.32 28.57 13.41
N PHE B 16 -21.30 27.98 12.22
CA PHE B 16 -21.43 26.55 12.10
C PHE B 16 -20.27 25.82 12.77
N ASN B 17 -19.04 26.24 12.47
CA ASN B 17 -17.87 25.59 13.05
C ASN B 17 -17.85 25.84 14.56
N GLU B 18 -18.51 26.91 14.98
CA GLU B 18 -18.58 27.23 16.40
C GLU B 18 -19.47 26.17 17.07
N ARG B 19 -20.53 25.75 16.37
CA ARG B 19 -21.42 24.72 16.89
C ARG B 19 -20.55 23.48 17.08
N VAL B 20 -19.59 23.29 16.16
CA VAL B 20 -18.70 22.15 16.23
C VAL B 20 -17.88 22.24 17.50
N LEU B 21 -17.41 23.43 17.82
CA LEU B 21 -16.61 23.67 19.03
C LEU B 21 -17.45 23.34 20.26
N GLN B 22 -18.75 23.67 20.21
CA GLN B 22 -19.66 23.37 21.31
C GLN B 22 -19.62 21.89 21.61
N GLU B 23 -19.22 21.08 20.62
CA GLU B 23 -19.13 19.64 20.86
C GLU B 23 -17.92 19.34 21.72
N ALA B 24 -16.86 20.13 21.55
CA ALA B 24 -15.63 19.97 22.32
C ALA B 24 -15.86 20.38 23.77
N ALA B 25 -16.77 21.32 23.97
CA ALA B 25 -17.10 21.81 25.28
C ALA B 25 -18.13 20.92 25.96
N ASP B 26 -19.17 20.56 25.20
CA ASP B 26 -20.26 19.72 25.68
C ASP B 26 -19.73 18.56 26.51
N LYS B 27 -19.92 18.65 27.82
CA LYS B 27 -19.45 17.62 28.73
C LYS B 27 -20.17 16.29 28.58
N SER B 28 -21.30 16.29 27.87
CA SER B 28 -22.06 15.06 27.67
C SER B 28 -21.32 14.11 26.73
N ASN B 29 -20.28 14.62 26.08
CA ASN B 29 -19.51 13.79 25.17
C ASN B 29 -18.29 13.29 25.93
N PRO B 30 -17.85 12.05 25.65
CA PRO B 30 -16.68 11.47 26.32
C PRO B 30 -15.47 12.36 26.14
N LEU B 31 -14.55 12.35 27.10
CA LEU B 31 -13.37 13.20 27.03
C LEU B 31 -12.55 13.13 25.76
N ILE B 32 -12.13 11.94 25.36
CA ILE B 32 -11.34 11.80 24.14
C ILE B 32 -12.11 12.24 22.89
N GLU B 33 -13.41 12.01 22.88
CA GLU B 33 -14.21 12.42 21.74
C GLU B 33 -14.15 13.93 21.62
N ARG B 34 -14.16 14.61 22.76
CA ARG B 34 -14.10 16.06 22.77
C ARG B 34 -12.76 16.61 22.28
N MET B 35 -11.70 15.87 22.57
CA MET B 35 -10.36 16.25 22.13
C MET B 35 -10.36 16.23 20.63
N ARG B 36 -10.78 15.09 20.11
CA ARG B 36 -10.84 14.86 18.68
C ARG B 36 -11.70 15.90 17.99
N PHE B 37 -12.72 16.40 18.69
CA PHE B 37 -13.55 17.41 18.06
C PHE B 37 -12.69 18.61 17.79
N LEU B 38 -11.89 19.01 18.77
CA LEU B 38 -10.98 20.14 18.59
C LEU B 38 -10.24 20.00 17.27
N GLY B 39 -9.92 18.76 16.91
CA GLY B 39 -9.23 18.52 15.65
C GLY B 39 -10.16 18.80 14.48
N ILE B 40 -11.41 18.37 14.61
CA ILE B 40 -12.39 18.59 13.57
C ILE B 40 -12.51 20.08 13.36
N TYR B 41 -12.71 20.79 14.46
CA TYR B 41 -12.84 22.23 14.47
C TYR B 41 -11.69 22.89 13.72
N SER B 42 -10.46 22.46 14.03
CA SER B 42 -9.25 22.98 13.40
C SER B 42 -9.15 22.64 11.93
N ASN B 43 -9.44 21.37 11.59
CA ASN B 43 -9.37 20.96 10.21
C ASN B 43 -10.39 21.72 9.38
N ASN B 44 -11.49 22.12 10.02
CA ASN B 44 -12.52 22.84 9.30
C ASN B 44 -12.03 24.23 8.99
N LEU B 45 -11.62 24.96 10.01
CA LEU B 45 -11.11 26.32 9.85
C LEU B 45 -9.96 26.32 8.86
N ASP B 46 -9.22 25.22 8.83
CA ASP B 46 -8.11 25.06 7.90
C ASP B 46 -8.64 25.11 6.46
N GLU B 47 -9.70 24.35 6.19
CA GLU B 47 -10.30 24.30 4.87
C GLU B 47 -11.03 25.60 4.58
N PHE B 48 -11.42 26.29 5.65
CA PHE B 48 -12.14 27.54 5.51
C PHE B 48 -11.25 28.56 4.81
N TYR B 49 -9.99 28.64 5.23
CA TYR B 49 -9.05 29.57 4.65
C TYR B 49 -8.53 29.15 3.29
N LYS B 50 -8.37 27.84 3.12
CA LYS B 50 -7.87 27.31 1.88
C LYS B 50 -8.87 27.46 0.75
N VAL B 51 -10.15 27.35 1.08
CA VAL B 51 -11.18 27.41 0.06
C VAL B 51 -12.18 28.56 0.19
N ARG B 52 -13.28 28.36 0.94
CA ARG B 52 -14.29 29.40 1.08
C ARG B 52 -13.80 30.83 1.28
N PHE B 53 -12.79 31.02 2.10
CA PHE B 53 -12.26 32.35 2.33
C PHE B 53 -11.49 32.87 1.12
N ALA B 54 -10.74 31.98 0.47
CA ALA B 54 -9.99 32.35 -0.72
C ALA B 54 -10.99 32.72 -1.81
N GLU B 55 -12.13 32.04 -1.80
CA GLU B 55 -13.18 32.27 -2.77
C GLU B 55 -13.77 33.66 -2.56
N LEU B 56 -14.09 33.98 -1.30
CA LEU B 56 -14.67 35.28 -0.97
C LEU B 56 -13.71 36.40 -1.40
N LYS B 57 -12.42 36.22 -1.13
CA LYS B 57 -11.42 37.22 -1.53
C LYS B 57 -11.64 37.57 -2.99
N ARG B 58 -11.49 36.58 -3.86
CA ARG B 58 -11.65 36.75 -5.29
C ARG B 58 -12.91 37.52 -5.66
N ARG B 59 -14.05 37.10 -5.12
CA ARG B 59 -15.31 37.77 -5.42
C ARG B 59 -15.22 39.24 -5.10
N ILE B 60 -14.67 39.54 -3.94
CA ILE B 60 -14.51 40.91 -3.50
C ILE B 60 -13.53 41.62 -4.43
N ILE B 61 -12.57 40.88 -4.95
CA ILE B 61 -11.62 41.44 -5.89
C ILE B 61 -12.32 41.61 -7.24
N ILE B 62 -12.91 40.53 -7.75
CA ILE B 62 -13.65 40.59 -9.01
C ILE B 62 -14.60 41.77 -8.98
N SER B 63 -15.10 42.07 -7.78
CA SER B 63 -15.98 43.20 -7.61
C SER B 63 -15.14 44.43 -7.98
N GLU B 64 -14.07 44.66 -7.22
CA GLU B 64 -13.14 45.77 -7.45
C GLU B 64 -12.80 46.03 -8.92
N GLU B 65 -11.66 45.48 -9.38
CA GLU B 65 -11.16 45.60 -10.77
C GLU B 65 -11.76 46.70 -11.61
N GLN B 66 -13.10 46.67 -11.74
CA GLN B 66 -13.86 47.64 -12.51
C GLN B 66 -15.14 48.09 -11.79
N GLY B 67 -15.74 47.22 -10.97
CA GLY B 67 -16.96 47.63 -10.27
C GLY B 67 -17.41 46.86 -9.04
N SER B 68 -16.69 47.03 -7.92
CA SER B 68 -17.03 46.35 -6.65
C SER B 68 -18.21 47.01 -5.94
N ASN B 69 -19.29 46.24 -5.73
CA ASN B 69 -20.48 46.78 -5.10
C ASN B 69 -21.15 45.99 -3.95
N SER B 70 -20.36 45.66 -2.93
CA SER B 70 -20.84 44.94 -1.74
C SER B 70 -19.93 45.39 -0.60
N HIS B 71 -20.48 45.64 0.60
CA HIS B 71 -19.66 46.09 1.73
C HIS B 71 -18.69 45.02 2.20
N SER B 72 -17.87 44.61 1.23
CA SER B 72 -16.83 43.58 1.32
C SER B 72 -15.78 43.69 2.44
N ARG B 73 -15.12 44.84 2.55
CA ARG B 73 -14.09 45.02 3.58
C ARG B 73 -14.70 45.18 4.98
N HIS B 74 -16.02 45.36 5.03
CA HIS B 74 -16.77 45.50 6.27
C HIS B 74 -17.10 44.08 6.73
N LEU B 75 -17.15 43.18 5.76
CA LEU B 75 -17.43 41.78 5.98
C LEU B 75 -16.10 41.10 6.36
N LEU B 76 -15.06 41.41 5.60
CA LEU B 76 -13.73 40.86 5.87
C LEU B 76 -13.46 41.05 7.35
N GLY B 77 -13.62 42.29 7.81
CA GLY B 77 -13.41 42.62 9.19
C GLY B 77 -14.25 41.75 10.11
N LYS B 78 -15.57 41.76 9.92
CA LYS B 78 -16.46 40.93 10.71
C LYS B 78 -15.91 39.51 10.69
N ILE B 79 -15.47 39.05 9.52
CA ILE B 79 -14.94 37.70 9.43
C ILE B 79 -13.80 37.43 10.40
N GLN B 80 -12.72 38.20 10.30
CA GLN B 80 -11.60 37.95 11.17
C GLN B 80 -11.85 38.34 12.60
N SER B 81 -12.91 39.09 12.85
CA SER B 81 -13.23 39.48 14.22
C SER B 81 -13.90 38.31 14.91
N ARG B 82 -14.69 37.55 14.14
CA ARG B 82 -15.36 36.37 14.68
C ARG B 82 -14.29 35.29 14.85
N VAL B 83 -13.33 35.24 13.93
CA VAL B 83 -12.27 34.24 13.98
C VAL B 83 -11.34 34.44 15.16
N LEU B 84 -10.90 35.68 15.36
CA LEU B 84 -10.01 35.96 16.48
C LEU B 84 -10.71 35.62 17.78
N LYS B 85 -11.93 36.10 17.91
CA LYS B 85 -12.77 35.85 19.08
C LYS B 85 -12.90 34.35 19.32
N ALA B 86 -12.96 33.59 18.24
CA ALA B 86 -13.08 32.16 18.33
C ALA B 86 -11.76 31.57 18.79
N ASP B 87 -10.68 31.97 18.12
CA ASP B 87 -9.36 31.45 18.47
C ASP B 87 -9.10 31.56 19.97
N GLN B 88 -9.50 32.68 20.56
CA GLN B 88 -9.28 32.86 21.99
C GLN B 88 -10.20 31.91 22.76
N GLU B 89 -11.36 31.60 22.20
CA GLU B 89 -12.30 30.68 22.83
C GLU B 89 -11.75 29.27 22.70
N PHE B 90 -11.14 28.97 21.56
CA PHE B 90 -10.56 27.67 21.33
C PHE B 90 -9.53 27.46 22.42
N ASP B 91 -8.67 28.46 22.60
CA ASP B 91 -7.62 28.40 23.60
C ASP B 91 -8.15 28.08 25.00
N GLY B 92 -9.29 28.66 25.36
CA GLY B 92 -9.88 28.38 26.66
C GLY B 92 -10.16 26.89 26.79
N LEU B 93 -10.98 26.36 25.90
CA LEU B 93 -11.32 24.95 25.90
C LEU B 93 -10.11 24.04 26.02
N TYR B 94 -9.16 24.17 25.10
CA TYR B 94 -7.99 23.32 25.12
C TYR B 94 -7.37 23.28 26.51
N ASN B 95 -7.35 24.43 27.18
CA ASN B 95 -6.77 24.49 28.51
C ASN B 95 -7.59 23.70 29.49
N GLU B 96 -8.89 23.97 29.46
CA GLU B 96 -9.85 23.31 30.30
C GLU B 96 -9.76 21.80 30.12
N LEU B 97 -9.72 21.37 28.86
CA LEU B 97 -9.64 19.96 28.52
C LEU B 97 -8.32 19.35 28.98
N LEU B 98 -7.25 20.11 28.88
CA LEU B 98 -5.94 19.62 29.31
C LEU B 98 -6.03 19.28 30.78
N LEU B 99 -6.65 20.19 31.53
CA LEU B 99 -6.83 20.01 32.97
C LEU B 99 -7.64 18.77 33.20
N GLU B 100 -8.79 18.71 32.54
CA GLU B 100 -9.68 17.57 32.68
C GLU B 100 -8.98 16.26 32.35
N MET B 101 -8.15 16.26 31.30
CA MET B 101 -7.44 15.05 30.96
C MET B 101 -6.55 14.59 32.11
N ALA B 102 -5.91 15.55 32.77
CA ALA B 102 -5.03 15.25 33.90
C ALA B 102 -5.81 14.59 35.02
N ARG B 103 -7.03 15.08 35.25
CA ARG B 103 -7.89 14.52 36.30
C ARG B 103 -8.08 13.05 36.02
N ASN B 104 -8.08 12.67 34.74
CA ASN B 104 -8.26 11.29 34.36
C ASN B 104 -6.94 10.56 34.27
N GLN B 105 -5.90 11.18 34.80
CA GLN B 105 -4.58 10.59 34.82
C GLN B 105 -3.79 10.62 33.52
N ILE B 106 -4.19 11.49 32.61
CA ILE B 106 -3.49 11.61 31.33
C ILE B 106 -2.77 12.94 31.37
N PHE B 107 -1.55 12.97 30.86
CA PHE B 107 -0.80 14.21 30.87
C PHE B 107 -0.03 14.49 29.59
N LEU B 108 -0.52 15.45 28.83
CA LEU B 108 0.15 15.85 27.61
C LEU B 108 1.18 16.87 28.11
N ILE B 109 2.44 16.44 28.23
CA ILE B 109 3.51 17.29 28.74
C ILE B 109 4.52 17.68 27.66
N ASN B 110 5.36 18.68 27.94
CA ASN B 110 6.34 19.14 26.95
C ASN B 110 7.78 18.71 27.28
N GLU B 111 8.71 18.96 26.37
CA GLU B 111 10.10 18.55 26.56
C GLU B 111 10.76 19.12 27.82
N ARG B 112 10.32 20.30 28.24
CA ARG B 112 10.89 20.94 29.42
C ARG B 112 10.34 20.31 30.71
N GLN B 113 9.18 19.66 30.63
CA GLN B 113 8.57 19.05 31.80
C GLN B 113 8.91 17.57 31.99
N LEU B 114 9.86 17.05 31.23
CA LEU B 114 10.23 15.65 31.35
C LEU B 114 10.96 15.38 32.68
N SER B 115 11.01 14.11 33.06
CA SER B 115 11.67 13.72 34.30
C SER B 115 13.11 13.39 33.93
N VAL B 116 14.00 13.43 34.91
CA VAL B 116 15.41 13.13 34.66
C VAL B 116 15.58 11.65 34.39
N ASN B 117 14.52 11.03 33.86
CA ASN B 117 14.55 9.62 33.54
C ASN B 117 13.91 9.38 32.17
N GLN B 118 12.77 10.04 31.94
CA GLN B 118 12.07 9.93 30.68
C GLN B 118 12.99 10.52 29.62
N GLN B 119 13.75 11.53 30.02
CA GLN B 119 14.68 12.17 29.11
C GLN B 119 15.54 11.08 28.49
N ASN B 120 16.22 10.34 29.34
CA ASN B 120 17.07 9.27 28.88
C ASN B 120 16.25 8.25 28.13
N TRP B 121 14.96 8.20 28.42
CA TRP B 121 14.10 7.24 27.74
C TRP B 121 13.83 7.68 26.31
N LEU B 122 13.52 8.96 26.14
CA LEU B 122 13.22 9.53 24.83
C LEU B 122 14.39 9.41 23.87
N ARG B 123 15.55 9.89 24.33
CA ARG B 123 16.75 9.84 23.53
C ARG B 123 16.91 8.45 22.93
N HIS B 124 16.75 7.45 23.78
CA HIS B 124 16.86 6.09 23.33
C HIS B 124 15.76 5.82 22.29
N TYR B 125 14.52 6.15 22.66
CA TYR B 125 13.39 5.95 21.77
C TYR B 125 13.68 6.63 20.44
N PHE B 126 14.12 7.88 20.50
CA PHE B 126 14.43 8.64 19.29
C PHE B 126 15.43 7.96 18.38
N LYS B 127 16.59 7.60 18.92
CA LYS B 127 17.62 6.94 18.12
C LYS B 127 17.16 5.61 17.53
N GLN B 128 16.25 4.93 18.23
CA GLN B 128 15.77 3.63 17.78
C GLN B 128 14.51 3.64 16.91
N TYR B 129 13.81 4.77 16.84
CA TYR B 129 12.59 4.80 16.04
C TYR B 129 12.36 6.03 15.19
N LEU B 130 12.67 7.19 15.74
CA LEU B 130 12.42 8.43 15.04
C LEU B 130 13.56 8.89 14.14
N ARG B 131 14.78 8.85 14.67
CA ARG B 131 15.93 9.30 13.93
C ARG B 131 15.88 9.06 12.44
N GLN B 132 15.71 7.81 12.04
CA GLN B 132 15.67 7.45 10.63
C GLN B 132 14.72 8.28 9.77
N HIS B 133 13.74 8.92 10.39
CA HIS B 133 12.77 9.71 9.65
C HIS B 133 13.09 11.18 9.69
N ILE B 134 14.00 11.51 10.59
CA ILE B 134 14.36 12.89 10.77
C ILE B 134 15.74 13.21 10.29
N THR B 135 15.78 13.82 9.11
CA THR B 135 17.00 14.24 8.47
C THR B 135 17.01 15.73 8.19
N PRO B 136 17.95 16.44 8.82
CA PRO B 136 18.08 17.88 8.65
C PRO B 136 18.08 18.29 7.19
N ILE B 137 17.39 19.38 6.90
CA ILE B 137 17.38 19.92 5.56
C ILE B 137 18.22 21.12 5.81
N LEU B 138 19.34 21.23 5.13
CA LEU B 138 20.21 22.36 5.38
C LEU B 138 19.77 23.55 4.54
N ILE B 139 19.73 24.74 5.14
CA ILE B 139 19.29 25.91 4.40
C ILE B 139 20.53 26.60 3.89
N ASN B 140 20.82 26.49 2.60
CA ASN B 140 22.00 27.14 2.02
C ASN B 140 21.52 28.20 1.03
N PRO B 141 22.42 29.10 0.58
CA PRO B 141 22.04 30.15 -0.37
C PRO B 141 21.42 29.65 -1.67
N ASP B 142 21.68 28.40 -2.04
CA ASP B 142 21.16 27.82 -3.27
C ASP B 142 19.98 26.88 -3.02
N THR B 143 19.78 26.51 -1.77
CA THR B 143 18.67 25.63 -1.43
C THR B 143 17.40 26.38 -1.78
N ASP B 144 16.45 25.74 -2.44
CA ASP B 144 15.22 26.44 -2.77
C ASP B 144 14.03 25.73 -2.15
N LEU B 145 13.79 26.04 -0.89
CA LEU B 145 12.67 25.44 -0.16
C LEU B 145 11.47 25.43 -1.09
N VAL B 146 11.31 26.52 -1.83
CA VAL B 146 10.22 26.71 -2.78
C VAL B 146 9.60 25.42 -3.28
N GLN B 147 10.42 24.54 -3.84
CA GLN B 147 9.92 23.29 -4.37
C GLN B 147 9.70 22.20 -3.34
N PHE B 148 10.67 21.31 -3.21
CA PHE B 148 10.57 20.18 -2.28
C PHE B 148 9.89 20.38 -0.93
N LEU B 149 9.76 21.61 -0.46
CA LEU B 149 9.11 21.83 0.84
C LEU B 149 7.65 21.37 0.81
N LYS B 150 7.27 20.50 1.73
CA LYS B 150 5.92 19.95 1.81
C LYS B 150 4.83 20.95 2.19
N ASP B 151 3.72 20.92 1.47
CA ASP B 151 2.63 21.84 1.75
C ASP B 151 1.77 21.35 2.88
N ASP B 152 1.54 22.25 3.83
CA ASP B 152 0.73 22.02 5.02
C ASP B 152 1.38 21.23 6.15
N TYR B 153 2.63 20.80 5.95
CA TYR B 153 3.35 20.07 6.97
C TYR B 153 3.94 21.02 7.99
N THR B 154 4.31 20.50 9.16
CA THR B 154 4.93 21.34 10.17
C THR B 154 6.43 21.14 10.09
N TYR B 155 7.17 22.24 10.15
CA TYR B 155 8.61 22.13 10.11
C TYR B 155 9.21 22.81 11.31
N LEU B 156 10.36 22.31 11.71
CA LEU B 156 11.10 22.87 12.84
C LEU B 156 12.31 23.57 12.25
N ALA B 157 12.37 24.89 12.41
CA ALA B 157 13.50 25.66 11.91
C ALA B 157 14.56 25.62 13.01
N VAL B 158 15.69 24.99 12.73
CA VAL B 158 16.74 24.90 13.72
C VAL B 158 17.80 25.97 13.52
N GLU B 159 18.16 26.60 14.62
CA GLU B 159 19.15 27.65 14.61
C GLU B 159 20.42 27.05 15.19
N ILE B 160 21.48 26.99 14.38
CA ILE B 160 22.76 26.45 14.85
C ILE B 160 23.69 27.62 15.11
N ILE B 161 23.98 27.84 16.40
CA ILE B 161 24.80 28.95 16.84
C ILE B 161 26.23 28.58 17.24
N ARG B 162 27.19 29.27 16.65
CA ARG B 162 28.59 29.03 16.93
C ARG B 162 29.26 30.40 16.88
N GLY B 163 29.45 30.98 18.05
CA GLY B 163 30.05 32.30 18.14
C GLY B 163 29.04 33.30 17.60
N ASP B 164 29.49 34.19 16.73
CA ASP B 164 28.59 35.18 16.15
C ASP B 164 28.08 34.56 14.84
N THR B 165 28.24 33.24 14.74
CA THR B 165 27.79 32.49 13.58
C THR B 165 26.43 31.84 13.78
N ILE B 166 25.64 31.78 12.72
CA ILE B 166 24.33 31.16 12.77
C ILE B 166 24.03 30.41 11.49
N ARG B 167 23.83 29.10 11.62
CA ARG B 167 23.50 28.27 10.47
C ARG B 167 22.05 27.89 10.62
N TYR B 168 21.37 27.69 9.51
CA TYR B 168 19.95 27.34 9.56
C TYR B 168 19.66 25.99 8.88
N ALA B 169 18.80 25.21 9.52
CA ALA B 169 18.42 23.90 9.03
C ALA B 169 16.97 23.58 9.39
N LEU B 170 16.28 22.85 8.51
CA LEU B 170 14.90 22.46 8.75
C LEU B 170 14.72 21.00 9.14
N LEU B 171 13.73 20.74 9.99
CA LEU B 171 13.40 19.40 10.43
C LEU B 171 11.92 19.19 10.21
N GLU B 172 11.56 18.25 9.35
CA GLU B 172 10.17 17.97 9.08
C GLU B 172 9.52 17.09 10.13
N ILE B 173 8.43 17.55 10.73
CA ILE B 173 7.74 16.73 11.71
C ILE B 173 7.08 15.67 10.84
N PRO B 174 7.57 14.43 10.89
CA PRO B 174 7.03 13.33 10.09
C PRO B 174 5.69 12.74 10.54
N SER B 175 4.70 13.60 10.75
CA SER B 175 3.36 13.16 11.19
C SER B 175 2.74 12.03 10.36
N ASP B 176 3.24 11.84 9.15
CA ASP B 176 2.72 10.82 8.27
C ASP B 176 3.25 9.42 8.58
N LYS B 177 4.54 9.34 8.88
CA LYS B 177 5.19 8.06 9.17
C LYS B 177 5.12 7.61 10.64
N VAL B 178 5.19 8.57 11.56
CA VAL B 178 5.18 8.28 13.00
C VAL B 178 3.99 8.94 13.73
N PRO B 179 3.46 8.29 14.79
CA PRO B 179 2.33 8.87 15.54
C PRO B 179 2.72 10.21 16.13
N ARG B 180 1.81 11.18 16.10
CA ARG B 180 2.12 12.49 16.63
C ARG B 180 2.04 12.61 18.16
N PHE B 181 1.68 11.52 18.83
CA PHE B 181 1.63 11.51 20.30
C PHE B 181 2.26 10.23 20.82
N VAL B 182 3.38 10.35 21.52
CA VAL B 182 4.06 9.17 22.06
C VAL B 182 3.88 9.04 23.57
N ASN B 183 3.60 7.84 24.05
CA ASN B 183 3.40 7.60 25.47
C ASN B 183 4.72 7.37 26.21
N LEU B 184 5.01 8.23 27.17
CA LEU B 184 6.23 8.10 27.96
C LEU B 184 6.03 7.14 29.12
N PRO B 185 7.11 6.51 29.59
CA PRO B 185 7.02 5.58 30.72
C PRO B 185 6.65 6.33 32.00
N PRO B 186 5.63 5.85 32.73
CA PRO B 186 5.13 6.43 33.99
C PRO B 186 6.22 6.67 35.01
N GLU B 187 6.44 7.93 35.38
CA GLU B 187 7.48 8.27 36.34
C GLU B 187 7.36 7.52 37.66
N ALA B 188 6.51 8.01 38.57
CA ALA B 188 6.33 7.36 39.86
C ALA B 188 5.00 6.59 39.96
N PRO B 189 3.87 7.28 40.22
CA PRO B 189 2.65 6.46 40.30
C PRO B 189 2.34 5.80 38.95
N ARG B 190 2.21 4.48 38.97
CA ARG B 190 1.89 3.71 37.76
C ARG B 190 0.55 4.13 37.17
N ARG B 191 -0.16 4.97 37.92
CA ARG B 191 -1.47 5.47 37.52
C ARG B 191 -1.38 6.43 36.34
N ARG B 192 -0.48 7.40 36.46
CA ARG B 192 -0.28 8.41 35.43
C ARG B 192 -0.08 7.86 34.03
N LYS B 193 -0.57 8.63 33.07
CA LYS B 193 -0.47 8.31 31.65
C LYS B 193 0.12 9.55 31.01
N PRO B 194 1.46 9.63 30.96
CA PRO B 194 2.15 10.77 30.37
C PRO B 194 2.50 10.61 28.90
N MET B 195 2.20 11.62 28.10
CA MET B 195 2.54 11.58 26.70
C MET B 195 3.09 12.91 26.20
N ILE B 196 3.89 12.84 25.15
CA ILE B 196 4.51 14.02 24.62
C ILE B 196 4.28 14.11 23.12
N LEU B 197 4.32 15.33 22.60
CA LEU B 197 4.14 15.55 21.18
C LEU B 197 5.43 15.22 20.44
N LEU B 198 5.29 14.58 19.28
CA LEU B 198 6.46 14.24 18.47
C LEU B 198 7.28 15.49 18.21
N ASP B 199 6.59 16.62 18.04
CA ASP B 199 7.25 17.89 17.79
C ASP B 199 8.23 18.18 18.94
N ASN B 200 7.77 17.96 20.17
CA ASN B 200 8.57 18.21 21.35
C ASN B 200 9.64 17.18 21.64
N ILE B 201 9.60 16.03 20.97
CA ILE B 201 10.64 15.04 21.20
C ILE B 201 11.85 15.55 20.44
N LEU B 202 11.60 16.03 19.21
CA LEU B 202 12.65 16.58 18.37
C LEU B 202 13.25 17.76 19.07
N ARG B 203 12.38 18.66 19.50
CA ARG B 203 12.76 19.85 20.22
C ARG B 203 13.72 19.44 21.31
N TYR B 204 13.42 18.31 21.95
CA TYR B 204 14.26 17.80 23.03
C TYR B 204 15.55 17.09 22.59
N CYS B 205 15.57 16.56 21.37
CA CYS B 205 16.74 15.85 20.87
C CYS B 205 17.62 16.62 19.89
N LEU B 206 17.26 17.88 19.64
CA LEU B 206 18.04 18.71 18.73
C LEU B 206 19.53 18.42 18.77
N ASP B 207 20.06 18.22 19.97
CA ASP B 207 21.50 17.98 20.11
C ASP B 207 21.94 16.65 19.52
N ASP B 208 21.13 15.62 19.73
CA ASP B 208 21.45 14.32 19.20
C ASP B 208 21.23 14.30 17.70
N ILE B 209 20.44 15.23 17.18
CA ILE B 209 20.25 15.25 15.74
C ILE B 209 21.40 15.94 15.02
N PHE B 210 22.02 16.95 15.64
CA PHE B 210 23.08 17.70 14.99
C PHE B 210 24.52 17.60 15.48
N LYS B 211 24.73 17.19 16.72
CA LYS B 211 26.09 17.13 17.24
C LYS B 211 27.05 16.27 16.43
N GLY B 212 26.52 15.28 15.76
CA GLY B 212 27.37 14.41 14.98
C GLY B 212 28.21 15.08 13.91
N PHE B 213 27.70 16.14 13.28
CA PHE B 213 28.42 16.83 12.21
C PHE B 213 28.50 18.33 12.35
N PHE B 214 28.00 18.88 13.42
CA PHE B 214 28.05 20.33 13.57
C PHE B 214 28.66 20.76 14.88
N ASP B 215 29.35 21.88 14.84
CA ASP B 215 29.96 22.45 16.02
C ASP B 215 29.13 23.69 16.32
N TYR B 216 28.67 23.82 17.57
CA TYR B 216 27.85 24.96 17.95
C TYR B 216 27.79 25.13 19.47
N ASP B 217 27.53 26.36 19.90
CA ASP B 217 27.43 26.70 21.32
C ASP B 217 26.00 26.41 21.74
N ALA B 218 25.09 26.56 20.80
CA ALA B 218 23.69 26.34 21.09
C ALA B 218 22.83 26.00 19.87
N LEU B 219 21.68 25.37 20.14
CA LEU B 219 20.73 25.00 19.11
C LEU B 219 19.34 25.46 19.53
N ASN B 220 18.64 26.15 18.62
CA ASN B 220 17.29 26.62 18.92
C ASN B 220 16.36 26.12 17.82
N ALA B 221 15.13 25.79 18.16
CA ALA B 221 14.17 25.31 17.17
C ALA B 221 12.91 26.12 17.30
N TYR B 222 12.31 26.40 16.15
CA TYR B 222 11.07 27.17 16.10
C TYR B 222 10.22 26.54 15.02
N SER B 223 8.94 26.37 15.30
CA SER B 223 8.07 25.73 14.32
C SER B 223 7.49 26.70 13.32
N MET B 224 7.22 26.20 12.13
CA MET B 224 6.63 27.00 11.08
C MET B 224 5.84 26.09 10.16
N LYS B 225 4.90 26.68 9.43
CA LYS B 225 4.03 25.94 8.53
C LYS B 225 3.62 26.82 7.35
N MET B 226 3.57 26.22 6.17
CA MET B 226 3.22 26.95 4.95
C MET B 226 2.03 26.32 4.23
N THR B 227 1.07 27.15 3.82
CA THR B 227 -0.13 26.67 3.14
C THR B 227 -0.48 27.48 1.91
N ARG B 228 -0.95 26.79 0.87
CA ARG B 228 -1.32 27.44 -0.38
C ARG B 228 -2.84 27.45 -0.51
N ASP B 229 -3.38 28.48 -1.14
CA ASP B 229 -4.82 28.58 -1.34
C ASP B 229 -5.23 27.56 -2.40
N ALA B 230 -6.47 27.07 -2.33
CA ALA B 230 -6.97 26.08 -3.27
C ALA B 230 -6.98 26.60 -4.72
N GLU B 231 -7.35 25.73 -5.66
CA GLU B 231 -7.37 26.11 -7.07
C GLU B 231 -8.68 26.73 -7.56
N TYR B 232 -8.55 27.79 -8.35
CA TYR B 232 -9.68 28.53 -8.91
C TYR B 232 -9.99 28.11 -10.36
N ASP B 233 -11.15 28.52 -10.86
CA ASP B 233 -11.56 28.23 -12.25
C ASP B 233 -13.02 28.58 -12.64
N LEU B 234 -13.98 28.27 -11.77
CA LEU B 234 -15.41 28.52 -12.06
C LEU B 234 -15.93 29.95 -11.88
N VAL B 235 -15.09 30.97 -11.97
CA VAL B 235 -15.57 32.35 -11.79
C VAL B 235 -15.63 33.16 -13.09
N HIS B 236 -15.12 32.59 -14.19
CA HIS B 236 -15.12 33.30 -15.46
C HIS B 236 -16.37 33.05 -16.29
N GLU B 237 -17.25 32.19 -15.79
CA GLU B 237 -18.50 31.85 -16.49
C GLU B 237 -19.57 32.92 -16.27
N MET B 238 -19.11 34.15 -15.99
CA MET B 238 -19.99 35.27 -15.76
C MET B 238 -19.28 36.52 -16.23
N GLU B 239 -17.96 36.47 -16.19
CA GLU B 239 -17.14 37.59 -16.61
C GLU B 239 -17.32 37.83 -18.11
N ALA B 240 -18.56 38.05 -18.52
CA ALA B 240 -18.85 38.32 -19.91
C ALA B 240 -17.96 39.48 -20.30
N SER B 241 -18.50 40.70 -20.19
CA SER B 241 -17.74 41.90 -20.51
C SER B 241 -16.65 42.17 -19.46
N LEU B 242 -16.67 41.41 -18.37
CA LEU B 242 -15.67 41.55 -17.30
C LEU B 242 -14.34 40.95 -17.71
N MET B 243 -14.26 39.62 -17.68
CA MET B 243 -13.05 38.89 -18.05
C MET B 243 -12.49 39.46 -19.33
N GLU B 244 -13.38 39.96 -20.18
CA GLU B 244 -12.97 40.53 -21.45
C GLU B 244 -12.26 41.86 -21.22
N LEU B 245 -12.90 42.78 -20.49
CA LEU B 245 -12.29 44.08 -20.22
C LEU B 245 -11.18 43.94 -19.17
N MET B 246 -11.38 43.00 -18.26
CA MET B 246 -10.44 42.71 -17.18
C MET B 246 -8.98 42.86 -17.60
N SER B 247 -8.24 43.71 -16.90
CA SER B 247 -6.84 43.96 -17.23
C SER B 247 -5.89 42.85 -16.77
N SER B 248 -4.83 42.65 -17.55
CA SER B 248 -3.82 41.63 -17.29
C SER B 248 -3.23 41.75 -15.89
N SER B 249 -3.30 42.96 -15.32
CA SER B 249 -2.78 43.20 -13.98
C SER B 249 -3.69 42.55 -12.95
N LEU B 250 -4.93 42.29 -13.34
CA LEU B 250 -5.89 41.67 -12.44
C LEU B 250 -6.00 40.17 -12.68
N LYS B 251 -5.79 39.75 -13.92
CA LYS B 251 -5.88 38.32 -14.24
C LYS B 251 -4.69 37.68 -13.54
N GLN B 252 -3.57 38.40 -13.54
CA GLN B 252 -2.37 37.89 -12.90
C GLN B 252 -2.54 37.97 -11.38
N ARG B 253 -3.18 39.04 -10.91
CA ARG B 253 -3.40 39.21 -9.48
C ARG B 253 -4.62 38.43 -9.00
N LEU B 254 -5.21 37.63 -9.87
CA LEU B 254 -6.38 36.85 -9.49
C LEU B 254 -6.15 35.37 -9.65
N THR B 255 -5.36 35.02 -10.66
CA THR B 255 -5.04 33.63 -10.93
C THR B 255 -4.00 33.17 -9.92
N ALA B 256 -2.89 33.91 -9.86
CA ALA B 256 -1.82 33.61 -8.94
C ALA B 256 -2.39 33.26 -7.56
N GLU B 257 -2.16 32.02 -7.12
CA GLU B 257 -2.64 31.52 -5.83
C GLU B 257 -1.60 31.78 -4.74
N PRO B 258 -1.90 32.73 -3.81
CA PRO B 258 -1.02 33.11 -2.72
C PRO B 258 -0.52 31.99 -1.82
N VAL B 259 0.35 32.36 -0.87
CA VAL B 259 0.95 31.41 0.07
C VAL B 259 0.94 31.99 1.48
N ARG B 260 0.46 31.21 2.44
CA ARG B 260 0.42 31.64 3.83
C ARG B 260 1.55 31.02 4.62
N PHE B 261 2.35 31.88 5.24
CA PHE B 261 3.48 31.46 6.02
C PHE B 261 3.26 31.71 7.50
N VAL B 262 3.20 30.66 8.32
CA VAL B 262 3.00 30.83 9.75
C VAL B 262 4.25 30.41 10.53
N TYR B 263 4.68 31.25 11.45
CA TYR B 263 5.86 30.95 12.24
C TYR B 263 5.71 31.24 13.73
N GLN B 264 6.41 30.46 14.54
CA GLN B 264 6.41 30.64 15.99
C GLN B 264 6.78 32.09 16.27
N ARG B 265 6.05 32.73 17.17
CA ARG B 265 6.26 34.14 17.55
C ARG B 265 7.67 34.65 17.81
N ASP B 266 8.47 33.85 18.50
CA ASP B 266 9.81 34.27 18.88
C ASP B 266 10.93 33.84 17.95
N MET B 267 10.58 33.48 16.72
CA MET B 267 11.61 33.10 15.77
C MET B 267 12.35 34.37 15.48
N PRO B 268 13.68 34.35 15.64
CA PRO B 268 14.52 35.53 15.39
C PRO B 268 14.17 36.12 14.02
N ASN B 269 13.97 37.43 13.96
CA ASN B 269 13.59 38.05 12.70
C ASN B 269 14.52 37.70 11.53
N ALA B 270 15.78 37.42 11.81
CA ALA B 270 16.72 37.05 10.76
C ALA B 270 16.27 35.78 10.04
N LEU B 271 15.81 34.80 10.81
CA LEU B 271 15.36 33.51 10.29
C LEU B 271 14.03 33.68 9.56
N VAL B 272 13.13 34.50 10.12
CA VAL B 272 11.87 34.74 9.45
C VAL B 272 12.21 35.25 8.06
N GLU B 273 13.13 36.22 8.01
CA GLU B 273 13.58 36.82 6.76
C GLU B 273 14.17 35.81 5.80
N VAL B 274 15.02 34.95 6.33
CA VAL B 274 15.64 33.91 5.52
C VAL B 274 14.56 33.15 4.77
N LEU B 275 13.52 32.76 5.50
CA LEU B 275 12.40 32.02 4.92
C LEU B 275 11.50 32.85 4.01
N ARG B 276 11.28 34.12 4.36
CA ARG B 276 10.44 35.00 3.54
C ARG B 276 10.96 34.90 2.11
N GLU B 277 12.28 34.85 1.98
CA GLU B 277 12.90 34.77 0.68
C GLU B 277 12.84 33.38 0.08
N LYS B 278 13.45 32.41 0.76
CA LYS B 278 13.47 31.04 0.29
C LYS B 278 12.08 30.57 -0.11
N LEU B 279 11.05 31.16 0.49
CA LEU B 279 9.69 30.78 0.19
C LEU B 279 8.97 31.74 -0.74
N THR B 280 9.72 32.40 -1.62
CA THR B 280 9.19 33.33 -2.61
C THR B 280 8.02 34.17 -2.10
N ILE B 281 8.00 34.46 -0.81
CA ILE B 281 6.92 35.23 -0.24
C ILE B 281 6.83 36.62 -0.86
N SER B 282 6.11 36.68 -1.97
CA SER B 282 5.90 37.92 -2.74
C SER B 282 4.82 38.81 -2.14
N ARG B 283 4.26 39.67 -2.97
CA ARG B 283 3.23 40.60 -2.54
C ARG B 283 1.97 39.93 -2.01
N TYR B 284 1.19 39.36 -2.90
CA TYR B 284 -0.06 38.71 -2.54
C TYR B 284 0.08 37.60 -1.49
N ASP B 285 1.32 37.21 -1.18
CA ASP B 285 1.57 36.17 -0.19
C ASP B 285 1.44 36.68 1.25
N SER B 286 1.00 35.82 2.15
CA SER B 286 0.78 36.16 3.55
C SER B 286 1.80 35.61 4.57
N ILE B 287 2.27 36.47 5.48
CA ILE B 287 3.24 36.08 6.49
C ILE B 287 2.64 36.34 7.88
N VAL B 288 2.47 35.30 8.68
CA VAL B 288 1.86 35.46 10.00
C VAL B 288 2.52 34.69 11.14
N PRO B 289 2.88 35.40 12.22
CA PRO B 289 3.52 34.82 13.40
C PRO B 289 2.49 34.27 14.36
N GLY B 290 2.91 33.28 15.16
CA GLY B 290 2.00 32.75 16.15
C GLY B 290 2.07 31.29 16.52
N GLY B 291 2.24 31.02 17.81
CA GLY B 291 2.23 29.66 18.29
C GLY B 291 3.37 28.70 18.09
N ARG B 292 3.46 27.75 19.02
CA ARG B 292 4.49 26.73 19.03
C ARG B 292 4.03 25.52 18.23
N TYR B 293 2.72 25.36 18.10
CA TYR B 293 2.15 24.23 17.36
C TYR B 293 1.12 24.66 16.34
N HIS B 294 1.08 23.92 15.24
CA HIS B 294 0.15 24.15 14.16
C HIS B 294 -0.41 22.78 13.88
N ASN B 295 -1.31 22.69 12.92
CA ASN B 295 -1.89 21.39 12.62
C ASN B 295 -2.62 20.81 13.82
N PHE B 296 -3.51 21.57 14.45
CA PHE B 296 -4.26 21.02 15.56
C PHE B 296 -5.16 19.94 14.98
N LYS B 297 -5.32 19.96 13.66
CA LYS B 297 -6.14 18.96 12.99
C LYS B 297 -5.71 17.56 13.44
N ASP B 298 -4.41 17.38 13.70
CA ASP B 298 -3.88 16.09 14.12
C ASP B 298 -4.53 15.55 15.41
N PHE B 299 -5.38 16.36 16.04
CA PHE B 299 -6.07 15.96 17.26
C PHE B 299 -7.29 15.10 16.94
N ILE B 300 -7.57 14.93 15.65
CA ILE B 300 -8.69 14.11 15.26
C ILE B 300 -8.33 12.65 15.47
N ASN B 301 -7.07 12.40 15.79
CA ASN B 301 -6.60 11.04 16.03
C ASN B 301 -5.99 10.92 17.41
N PHE B 302 -6.25 11.90 18.26
CA PHE B 302 -5.69 11.84 19.61
C PHE B 302 -6.00 10.44 20.14
N PRO B 303 -4.98 9.70 20.54
CA PRO B 303 -5.23 8.35 21.04
C PRO B 303 -5.99 8.39 22.36
N ASN B 304 -6.55 7.25 22.75
CA ASN B 304 -7.25 7.18 24.03
C ASN B 304 -6.53 6.23 24.97
N VAL B 305 -5.87 6.81 25.95
CA VAL B 305 -5.11 6.06 26.90
C VAL B 305 -5.87 5.85 28.21
N GLY B 306 -7.18 6.06 28.16
CA GLY B 306 -8.02 5.87 29.34
C GLY B 306 -8.95 4.70 29.10
N LYS B 307 -9.98 4.56 29.94
CA LYS B 307 -10.93 3.46 29.76
C LYS B 307 -11.99 3.85 28.73
N ALA B 308 -12.47 2.85 27.99
CA ALA B 308 -13.47 3.05 26.93
C ALA B 308 -14.41 4.23 27.13
N ASN B 309 -14.77 4.48 28.38
CA ASN B 309 -15.67 5.59 28.73
C ASN B 309 -15.31 6.89 28.04
N LEU B 310 -14.01 7.16 27.93
CA LEU B 310 -13.50 8.37 27.30
C LEU B 310 -13.69 8.45 25.80
N VAL B 311 -14.19 7.37 25.20
CA VAL B 311 -14.43 7.31 23.76
C VAL B 311 -15.87 6.89 23.49
N ASN B 312 -16.39 7.29 22.34
CA ASN B 312 -17.75 6.93 21.96
C ASN B 312 -17.80 5.44 21.67
N LYS B 313 -18.91 4.82 22.04
CA LYS B 313 -19.14 3.39 21.82
C LYS B 313 -19.67 3.20 20.38
N PRO B 314 -18.96 2.40 19.56
CA PRO B 314 -19.37 2.15 18.18
C PRO B 314 -20.62 1.26 18.03
N LEU B 315 -21.62 1.78 17.32
CA LEU B 315 -22.86 1.03 17.09
C LEU B 315 -22.59 0.08 15.92
N PRO B 316 -23.01 -1.20 16.04
CA PRO B 316 -22.78 -2.14 14.95
C PRO B 316 -23.73 -1.81 13.80
N ARG B 317 -23.23 -1.82 12.57
CA ARG B 317 -24.09 -1.52 11.43
C ARG B 317 -25.04 -2.72 11.27
N LEU B 318 -26.34 -2.43 11.14
CA LEU B 318 -27.39 -3.45 11.04
C LEU B 318 -27.73 -4.01 9.66
N ARG B 319 -28.06 -5.29 9.61
CA ARG B 319 -28.45 -5.91 8.34
C ARG B 319 -29.94 -5.59 8.19
N HIS B 320 -30.35 -5.28 6.97
CA HIS B 320 -31.76 -5.00 6.72
C HIS B 320 -32.39 -6.36 6.47
N ILE B 321 -32.88 -6.94 7.56
CA ILE B 321 -33.50 -8.25 7.52
C ILE B 321 -34.30 -8.63 6.29
N TRP B 322 -34.95 -7.64 5.68
CA TRP B 322 -35.72 -7.89 4.47
C TRP B 322 -34.87 -8.65 3.42
N PHE B 323 -33.63 -8.25 3.22
CA PHE B 323 -32.80 -8.93 2.23
C PHE B 323 -32.54 -10.38 2.58
N ASP B 324 -32.80 -10.75 3.82
CA ASP B 324 -32.54 -12.12 4.25
C ASP B 324 -33.72 -13.09 4.20
N LYS B 325 -34.96 -12.57 4.19
CA LYS B 325 -36.14 -13.42 4.15
C LYS B 325 -35.93 -14.63 3.23
N ALA B 326 -36.14 -15.83 3.77
CA ALA B 326 -35.95 -17.06 3.03
C ALA B 326 -36.79 -17.17 1.74
N GLN B 327 -37.87 -16.41 1.65
CA GLN B 327 -38.71 -16.44 0.46
C GLN B 327 -38.02 -15.75 -0.72
N PHE B 328 -36.90 -15.10 -0.46
CA PHE B 328 -36.15 -14.42 -1.51
C PHE B 328 -34.95 -15.27 -1.87
N ARG B 329 -34.83 -15.61 -3.15
CA ARG B 329 -33.69 -16.42 -3.59
C ARG B 329 -32.47 -15.52 -3.63
N ASN B 330 -32.67 -14.26 -4.02
CA ASN B 330 -31.57 -13.31 -4.08
C ASN B 330 -32.02 -11.86 -3.97
N GLY B 331 -31.05 -10.97 -4.02
CA GLY B 331 -31.33 -9.54 -3.89
C GLY B 331 -32.35 -8.95 -4.84
N PHE B 332 -32.34 -9.43 -6.08
CA PHE B 332 -33.27 -8.91 -7.05
C PHE B 332 -34.71 -9.27 -6.69
N ASP B 333 -34.92 -10.36 -5.98
CA ASP B 333 -36.28 -10.70 -5.63
C ASP B 333 -36.76 -9.81 -4.49
N ALA B 334 -35.86 -9.49 -3.56
CA ALA B 334 -36.22 -8.66 -2.44
C ALA B 334 -36.65 -7.27 -2.91
N ILE B 335 -35.96 -6.75 -3.91
CA ILE B 335 -36.26 -5.43 -4.43
C ILE B 335 -37.45 -5.42 -5.39
N ARG B 336 -37.58 -6.47 -6.20
CA ARG B 336 -38.70 -6.55 -7.12
C ARG B 336 -39.97 -6.56 -6.30
N GLU B 337 -39.90 -7.21 -5.15
CA GLU B 337 -41.00 -7.33 -4.22
C GLU B 337 -41.41 -6.00 -3.62
N ARG B 338 -40.45 -5.27 -3.09
CA ARG B 338 -40.73 -3.99 -2.48
C ARG B 338 -39.58 -3.03 -2.57
N ASP B 339 -39.88 -1.75 -2.73
CA ASP B 339 -38.84 -0.73 -2.78
C ASP B 339 -38.10 -0.84 -1.45
N VAL B 340 -36.79 -0.82 -1.51
CA VAL B 340 -35.96 -0.92 -0.30
C VAL B 340 -35.21 0.37 0.01
N LEU B 341 -35.38 0.88 1.22
CA LEU B 341 -34.71 2.11 1.64
C LEU B 341 -33.75 1.88 2.80
N LEU B 342 -32.45 2.01 2.58
CA LEU B 342 -31.47 1.83 3.64
C LEU B 342 -30.95 3.15 4.18
N TYR B 343 -30.71 3.25 5.49
CA TYR B 343 -30.19 4.50 6.05
C TYR B 343 -28.87 4.21 6.76
N TYR B 344 -27.81 4.79 6.22
CA TYR B 344 -26.48 4.64 6.80
C TYR B 344 -26.30 5.75 7.85
N PRO B 345 -25.43 5.53 8.84
CA PRO B 345 -24.62 4.34 9.11
C PRO B 345 -25.32 3.26 9.92
N TYR B 346 -26.60 3.43 10.18
CA TYR B 346 -27.33 2.45 10.97
C TYR B 346 -27.35 1.09 10.27
N HIS B 347 -27.34 1.11 8.94
CA HIS B 347 -27.35 -0.10 8.11
C HIS B 347 -25.98 -0.32 7.48
N THR B 348 -25.67 -1.55 7.07
CA THR B 348 -24.39 -1.80 6.41
C THR B 348 -24.46 -1.45 4.94
N PHE B 349 -23.36 -0.95 4.39
CA PHE B 349 -23.33 -0.61 2.97
C PHE B 349 -23.24 -1.97 2.31
N GLU B 350 -22.91 -2.97 3.13
CA GLU B 350 -22.74 -4.33 2.68
C GLU B 350 -23.83 -4.91 1.76
N HIS B 351 -25.03 -4.34 1.78
CA HIS B 351 -26.08 -4.86 0.90
C HIS B 351 -25.81 -4.41 -0.53
N VAL B 352 -25.71 -3.11 -0.76
CA VAL B 352 -25.44 -2.60 -2.10
C VAL B 352 -24.22 -3.31 -2.65
N LEU B 353 -23.24 -3.56 -1.79
CA LEU B 353 -22.03 -4.25 -2.23
C LEU B 353 -22.27 -5.72 -2.55
N GLU B 354 -23.23 -6.36 -1.86
CA GLU B 354 -23.56 -7.74 -2.15
C GLU B 354 -24.31 -7.79 -3.49
N LEU B 355 -25.28 -6.89 -3.66
CA LEU B 355 -26.07 -6.81 -4.88
C LEU B 355 -25.16 -6.68 -6.09
N LEU B 356 -24.27 -5.71 -6.07
CA LEU B 356 -23.35 -5.49 -7.18
C LEU B 356 -22.51 -6.72 -7.48
N ARG B 357 -22.16 -7.47 -6.45
CA ARG B 357 -21.33 -8.64 -6.66
C ARG B 357 -22.13 -9.72 -7.33
N GLN B 358 -23.44 -9.69 -7.13
CA GLN B 358 -24.32 -10.69 -7.75
C GLN B 358 -24.48 -10.36 -9.22
N ALA B 359 -24.89 -9.14 -9.51
CA ALA B 359 -25.08 -8.69 -10.88
C ALA B 359 -23.87 -8.99 -11.75
N SER B 360 -22.71 -9.15 -11.13
CA SER B 360 -21.50 -9.44 -11.90
C SER B 360 -21.40 -10.87 -12.44
N PHE B 361 -22.23 -11.77 -11.94
CA PHE B 361 -22.17 -13.15 -12.45
C PHE B 361 -23.54 -13.80 -12.60
N ASP B 362 -24.59 -13.05 -12.26
CA ASP B 362 -25.92 -13.61 -12.43
C ASP B 362 -26.24 -13.68 -13.92
N PRO B 363 -26.41 -14.89 -14.43
CA PRO B 363 -26.71 -15.14 -15.84
C PRO B 363 -27.82 -14.23 -16.41
N SER B 364 -28.82 -13.91 -15.59
CA SER B 364 -29.89 -13.07 -16.11
C SER B 364 -29.53 -11.58 -16.22
N VAL B 365 -28.45 -11.15 -15.55
CA VAL B 365 -28.03 -9.76 -15.60
C VAL B 365 -27.44 -9.46 -16.97
N LEU B 366 -28.05 -8.52 -17.68
CA LEU B 366 -27.61 -8.17 -19.01
C LEU B 366 -26.60 -7.03 -19.06
N ALA B 367 -26.88 -5.95 -18.34
CA ALA B 367 -26.00 -4.80 -18.31
C ALA B 367 -25.99 -4.11 -16.96
N ILE B 368 -25.02 -3.22 -16.76
CA ILE B 368 -24.85 -2.46 -15.53
C ILE B 368 -24.27 -1.10 -15.83
N LYS B 369 -24.97 -0.03 -15.44
CA LYS B 369 -24.46 1.34 -15.63
C LYS B 369 -24.26 1.95 -14.23
N ILE B 370 -23.13 2.63 -14.02
CA ILE B 370 -22.86 3.20 -12.70
C ILE B 370 -21.79 4.27 -12.72
N ASN B 371 -21.89 5.27 -11.82
CA ASN B 371 -20.93 6.36 -11.74
C ASN B 371 -19.91 6.28 -10.57
N ILE B 372 -18.66 6.68 -10.85
CA ILE B 372 -17.55 6.69 -9.88
C ILE B 372 -17.11 8.11 -9.55
N TYR B 373 -17.68 8.67 -8.50
CA TYR B 373 -17.38 10.03 -8.05
C TYR B 373 -16.23 9.92 -7.04
N ARG B 374 -16.52 10.31 -5.80
CA ARG B 374 -15.58 10.27 -4.68
C ARG B 374 -15.85 9.03 -3.79
N VAL B 375 -15.71 7.84 -4.38
CA VAL B 375 -15.93 6.57 -3.67
C VAL B 375 -14.74 6.29 -2.71
N ALA B 376 -14.77 5.17 -2.00
CA ALA B 376 -13.68 4.83 -1.09
C ALA B 376 -12.42 4.45 -1.87
N LYS B 377 -11.25 4.57 -1.23
CA LYS B 377 -9.99 4.22 -1.88
C LYS B 377 -10.02 2.79 -2.45
N ASP B 378 -9.55 2.64 -3.69
CA ASP B 378 -9.51 1.34 -4.39
C ASP B 378 -10.80 0.52 -4.22
N SER B 379 -11.85 0.98 -4.90
CA SER B 379 -13.16 0.35 -4.82
C SER B 379 -13.24 -1.15 -5.12
N ARG B 380 -14.11 -1.80 -4.37
CA ARG B 380 -14.39 -3.22 -4.46
C ARG B 380 -15.51 -3.30 -5.49
N ILE B 381 -16.02 -2.13 -5.87
CA ILE B 381 -17.06 -2.02 -6.86
C ILE B 381 -16.40 -2.12 -8.22
N ILE B 382 -15.22 -1.51 -8.35
CA ILE B 382 -14.47 -1.57 -9.59
C ILE B 382 -14.17 -3.00 -9.99
N ASP B 383 -13.77 -3.81 -9.01
CA ASP B 383 -13.47 -5.22 -9.27
C ASP B 383 -14.70 -5.94 -9.80
N SER B 384 -15.86 -5.57 -9.26
CA SER B 384 -17.12 -6.18 -9.66
C SER B 384 -17.50 -5.85 -11.10
N MET B 385 -17.29 -4.60 -11.48
CA MET B 385 -17.59 -4.17 -12.82
C MET B 385 -16.69 -4.89 -13.80
N ILE B 386 -15.49 -5.24 -13.34
CA ILE B 386 -14.54 -5.97 -14.16
C ILE B 386 -15.05 -7.38 -14.38
N HIS B 387 -15.59 -8.01 -13.34
CA HIS B 387 -16.12 -9.37 -13.48
C HIS B 387 -17.28 -9.39 -14.41
N ALA B 388 -18.18 -8.45 -14.22
CA ALA B 388 -19.34 -8.33 -15.06
C ALA B 388 -18.82 -8.26 -16.49
N ALA B 389 -17.80 -7.45 -16.69
CA ALA B 389 -17.23 -7.33 -18.02
C ALA B 389 -16.80 -8.73 -18.47
N HIS B 390 -15.97 -9.39 -17.68
CA HIS B 390 -15.50 -10.72 -18.02
C HIS B 390 -16.62 -11.74 -18.19
N ASN B 391 -17.78 -11.48 -17.60
CA ASN B 391 -18.91 -12.41 -17.68
C ASN B 391 -19.95 -12.02 -18.73
N GLY B 392 -19.62 -11.02 -19.56
CA GLY B 392 -20.55 -10.57 -20.58
C GLY B 392 -21.05 -9.17 -20.25
N LYS B 393 -22.11 -9.07 -19.45
CA LYS B 393 -22.72 -7.79 -19.05
C LYS B 393 -22.19 -6.54 -19.78
N LYS B 394 -23.08 -5.81 -20.44
CA LYS B 394 -22.66 -4.59 -21.10
C LYS B 394 -22.39 -3.64 -19.92
N VAL B 395 -21.12 -3.47 -19.56
CA VAL B 395 -20.81 -2.61 -18.43
C VAL B 395 -20.42 -1.20 -18.83
N THR B 396 -21.19 -0.24 -18.33
CA THR B 396 -20.96 1.17 -18.60
C THR B 396 -20.58 1.85 -17.28
N VAL B 397 -19.47 2.57 -17.28
CA VAL B 397 -19.05 3.24 -16.07
C VAL B 397 -18.67 4.69 -16.32
N VAL B 398 -19.34 5.59 -15.60
CA VAL B 398 -19.09 7.01 -15.74
C VAL B 398 -18.11 7.45 -14.66
N VAL B 399 -17.01 8.08 -15.06
CA VAL B 399 -16.03 8.55 -14.09
C VAL B 399 -15.86 10.05 -14.22
N GLU B 400 -16.26 10.78 -13.19
CA GLU B 400 -16.08 12.21 -13.22
C GLU B 400 -14.60 12.35 -12.86
N LEU B 401 -13.93 13.30 -13.49
CA LEU B 401 -12.51 13.47 -13.26
C LEU B 401 -12.07 14.65 -12.38
N GLN B 402 -13.02 15.27 -11.67
CA GLN B 402 -12.71 16.40 -10.79
C GLN B 402 -13.76 16.68 -9.72
N ALA B 403 -13.56 16.14 -8.53
CA ALA B 403 -14.47 16.34 -7.40
C ALA B 403 -13.96 17.56 -6.61
N ARG B 404 -14.41 17.74 -5.37
CA ARG B 404 -13.94 18.89 -4.57
C ARG B 404 -12.51 18.71 -4.08
N PHE B 405 -12.21 17.53 -3.54
CA PHE B 405 -10.86 17.24 -3.04
C PHE B 405 -10.41 15.85 -3.51
N ASP B 406 -11.38 14.98 -3.78
CA ASP B 406 -11.09 13.62 -4.27
C ASP B 406 -11.24 13.66 -5.79
N GLU B 407 -10.32 14.39 -6.42
CA GLU B 407 -10.29 14.59 -7.87
C GLU B 407 -9.36 13.65 -8.64
N GLU B 408 -8.04 13.86 -8.47
CA GLU B 408 -7.01 13.05 -9.13
C GLU B 408 -7.08 11.58 -8.73
N ALA B 409 -8.04 11.25 -7.87
CA ALA B 409 -8.24 9.89 -7.39
C ALA B 409 -9.21 9.12 -8.28
N ASN B 410 -9.54 9.71 -9.42
CA ASN B 410 -10.45 9.09 -10.38
C ASN B 410 -9.87 9.24 -11.80
N ILE B 411 -8.59 9.59 -11.89
CA ILE B 411 -7.89 9.75 -13.18
C ILE B 411 -7.14 8.45 -13.51
N HIS B 412 -7.04 7.58 -12.49
CA HIS B 412 -6.39 6.27 -12.61
C HIS B 412 -7.49 5.20 -12.73
N TRP B 413 -8.60 5.47 -12.03
CA TRP B 413 -9.78 4.60 -12.00
C TRP B 413 -10.36 4.38 -13.40
N ALA B 414 -9.52 4.13 -14.41
CA ALA B 414 -10.03 3.94 -15.77
C ALA B 414 -9.21 3.08 -16.72
N LYS B 415 -8.01 3.53 -17.06
CA LYS B 415 -7.15 2.78 -17.97
C LYS B 415 -7.31 1.28 -17.74
N ARG B 416 -7.56 0.92 -16.48
CA ARG B 416 -7.76 -0.46 -16.06
C ARG B 416 -9.01 -1.09 -16.71
N LEU B 417 -10.18 -0.53 -16.41
CA LEU B 417 -11.47 -1.00 -16.92
C LEU B 417 -11.51 -1.28 -18.42
N THR B 418 -11.31 -0.23 -19.22
CA THR B 418 -11.33 -0.34 -20.68
C THR B 418 -10.74 -1.62 -21.21
N GLU B 419 -9.56 -1.95 -20.68
CA GLU B 419 -8.82 -3.14 -21.09
C GLU B 419 -9.63 -4.43 -20.97
N ALA B 420 -10.46 -4.52 -19.93
CA ALA B 420 -11.26 -5.71 -19.68
C ALA B 420 -12.60 -5.79 -20.41
N GLY B 421 -13.05 -4.69 -21.00
CA GLY B 421 -14.32 -4.72 -21.71
C GLY B 421 -15.37 -3.75 -21.20
N VAL B 422 -14.93 -2.76 -20.43
CA VAL B 422 -15.82 -1.77 -19.85
C VAL B 422 -15.92 -0.48 -20.64
N HIS B 423 -17.14 -0.01 -20.88
CA HIS B 423 -17.32 1.25 -21.59
C HIS B 423 -17.19 2.35 -20.53
N VAL B 424 -16.08 3.07 -20.59
CA VAL B 424 -15.82 4.16 -19.66
C VAL B 424 -16.30 5.45 -20.26
N ILE B 425 -16.81 6.35 -19.43
CA ILE B 425 -17.31 7.62 -19.90
C ILE B 425 -16.90 8.71 -18.93
N PHE B 426 -16.13 9.68 -19.41
CA PHE B 426 -15.66 10.76 -18.56
C PHE B 426 -16.53 12.00 -18.57
N SER B 427 -16.62 12.67 -17.43
CA SER B 427 -17.42 13.90 -17.32
C SER B 427 -16.62 15.05 -17.95
N ALA B 428 -17.32 16.11 -18.30
CA ALA B 428 -16.72 17.30 -18.92
C ALA B 428 -15.56 17.87 -18.09
N PRO B 429 -14.96 19.00 -18.54
CA PRO B 429 -13.83 19.61 -17.81
C PRO B 429 -13.96 19.44 -16.28
N GLY B 430 -14.55 20.41 -15.61
CA GLY B 430 -14.74 20.32 -14.17
C GLY B 430 -16.22 20.24 -13.87
N LEU B 431 -16.78 19.04 -13.96
CA LEU B 431 -18.20 18.84 -13.72
C LEU B 431 -18.32 17.86 -12.58
N LYS B 432 -19.22 18.12 -11.64
CA LYS B 432 -19.36 17.22 -10.52
C LYS B 432 -20.65 16.46 -10.46
N ILE B 433 -20.56 15.15 -10.41
CA ILE B 433 -21.73 14.32 -10.33
C ILE B 433 -21.85 13.91 -8.87
N HIS B 434 -22.51 14.76 -8.09
CA HIS B 434 -22.72 14.53 -6.66
C HIS B 434 -23.85 13.53 -6.36
N ALA B 435 -24.31 12.82 -7.38
CA ALA B 435 -25.34 11.81 -7.18
C ALA B 435 -24.59 10.48 -7.33
N LYS B 436 -25.17 9.39 -6.86
CA LYS B 436 -24.48 8.11 -6.94
C LYS B 436 -25.48 7.03 -7.27
N LEU B 437 -25.61 6.80 -8.56
CA LEU B 437 -26.57 5.87 -9.10
C LEU B 437 -25.96 4.67 -9.79
N PHE B 438 -26.78 3.65 -9.98
CA PHE B 438 -26.38 2.50 -10.75
C PHE B 438 -27.66 1.82 -11.19
N LEU B 439 -27.66 1.44 -12.46
CA LEU B 439 -28.79 0.80 -13.11
C LEU B 439 -28.37 -0.58 -13.52
N ILE B 440 -29.24 -1.53 -13.24
CA ILE B 440 -28.99 -2.92 -13.55
C ILE B 440 -30.17 -3.44 -14.30
N SER B 441 -29.89 -4.12 -15.40
CA SER B 441 -30.94 -4.70 -16.23
C SER B 441 -30.76 -6.18 -16.25
N ARG B 442 -31.85 -6.91 -16.15
CA ARG B 442 -31.72 -8.34 -16.21
C ARG B 442 -32.96 -8.98 -16.81
N LYS B 443 -32.70 -9.91 -17.72
CA LYS B 443 -33.72 -10.65 -18.42
C LYS B 443 -34.40 -11.50 -17.37
N GLU B 444 -35.63 -11.16 -17.03
CA GLU B 444 -36.38 -11.93 -16.06
C GLU B 444 -37.47 -12.60 -16.90
N ASN B 445 -37.10 -13.74 -17.46
CA ASN B 445 -37.94 -14.56 -18.34
C ASN B 445 -38.67 -13.71 -19.39
N GLY B 446 -38.01 -13.56 -20.53
CA GLY B 446 -38.60 -12.80 -21.61
C GLY B 446 -38.30 -11.32 -21.51
N GLU B 447 -38.96 -10.66 -20.56
CA GLU B 447 -38.78 -9.23 -20.39
C GLU B 447 -37.49 -8.82 -19.73
N VAL B 448 -37.11 -7.57 -19.99
CA VAL B 448 -35.93 -6.98 -19.40
C VAL B 448 -36.44 -6.18 -18.22
N VAL B 449 -35.81 -6.33 -17.06
CA VAL B 449 -36.23 -5.60 -15.88
C VAL B 449 -35.06 -4.84 -15.28
N ARG B 450 -35.24 -3.53 -15.12
CA ARG B 450 -34.21 -2.66 -14.57
C ARG B 450 -34.38 -2.38 -13.08
N TYR B 451 -33.28 -2.45 -12.37
CA TYR B 451 -33.25 -2.18 -10.94
C TYR B 451 -32.28 -1.03 -10.77
N ALA B 452 -32.72 0.04 -10.14
CA ALA B 452 -31.81 1.15 -9.94
C ALA B 452 -31.48 1.37 -8.49
N HIS B 453 -30.40 2.10 -8.29
CA HIS B 453 -29.92 2.50 -6.97
C HIS B 453 -29.80 4.00 -7.05
N ILE B 454 -30.35 4.68 -6.07
CA ILE B 454 -30.26 6.13 -6.00
C ILE B 454 -29.71 6.40 -4.62
N GLY B 455 -28.48 6.88 -4.59
CA GLY B 455 -27.84 7.15 -3.31
C GLY B 455 -27.59 8.62 -3.14
N THR B 456 -28.15 9.14 -2.06
CA THR B 456 -28.02 10.57 -1.71
C THR B 456 -26.55 11.01 -1.53
N GLY B 457 -25.73 10.16 -0.93
CA GLY B 457 -24.33 10.51 -0.76
C GLY B 457 -23.55 9.66 -1.74
N ASN B 458 -22.23 9.54 -1.61
CA ASN B 458 -21.44 8.72 -2.56
C ASN B 458 -21.07 7.29 -2.10
N PHE B 459 -20.66 6.47 -3.08
CA PHE B 459 -20.29 5.06 -2.87
C PHE B 459 -19.14 4.83 -1.90
N ASN B 460 -18.56 5.92 -1.40
CA ASN B 460 -17.44 5.81 -0.45
C ASN B 460 -17.84 4.88 0.72
N GLU B 461 -17.14 3.75 0.83
CA GLU B 461 -17.42 2.80 1.91
C GLU B 461 -16.89 3.39 3.22
N LYS B 462 -16.24 4.55 3.08
CA LYS B 462 -15.70 5.31 4.20
C LYS B 462 -16.77 6.35 4.58
N THR B 463 -17.46 6.86 3.56
CA THR B 463 -18.53 7.88 3.70
C THR B 463 -19.79 7.35 4.40
N ALA B 464 -20.13 6.09 4.13
CA ALA B 464 -21.30 5.48 4.77
C ALA B 464 -21.19 5.54 6.32
N ARG B 465 -19.97 5.38 6.86
CA ARG B 465 -19.71 5.33 8.33
C ARG B 465 -19.54 6.60 9.21
N LEU B 466 -19.28 7.74 8.59
CA LEU B 466 -19.14 8.99 9.33
C LEU B 466 -20.32 9.81 8.87
N TYR B 467 -20.90 9.40 7.74
CA TYR B 467 -22.03 10.09 7.16
C TYR B 467 -23.33 9.33 7.32
N THR B 468 -24.43 10.06 7.24
CA THR B 468 -25.74 9.45 7.31
C THR B 468 -26.33 9.66 5.94
N ASP B 469 -26.49 8.59 5.16
CA ASP B 469 -27.05 8.74 3.84
C ASP B 469 -28.11 7.74 3.50
N TYR B 470 -28.88 8.05 2.48
CA TYR B 470 -29.92 7.15 2.03
C TYR B 470 -29.44 6.34 0.86
N SER B 471 -30.20 5.31 0.57
CA SER B 471 -29.89 4.41 -0.51
C SER B 471 -31.24 3.76 -0.80
N LEU B 472 -31.79 4.13 -1.95
CA LEU B 472 -33.06 3.60 -2.41
C LEU B 472 -32.77 2.52 -3.46
N LEU B 473 -33.41 1.36 -3.32
CA LEU B 473 -33.24 0.27 -4.27
C LEU B 473 -34.63 -0.03 -4.83
N THR B 474 -34.78 0.05 -6.14
CA THR B 474 -36.11 -0.19 -6.69
C THR B 474 -36.18 -0.80 -8.08
N ALA B 475 -37.34 -1.34 -8.40
CA ALA B 475 -37.56 -1.96 -9.71
C ALA B 475 -38.77 -1.26 -10.31
N ASP B 476 -39.25 -0.24 -9.60
CA ASP B 476 -40.39 0.55 -10.05
C ASP B 476 -39.98 1.24 -11.35
N ALA B 477 -40.67 0.91 -12.45
CA ALA B 477 -40.34 1.51 -13.74
C ALA B 477 -40.40 3.04 -13.73
N ARG B 478 -41.36 3.60 -13.02
CA ARG B 478 -41.48 5.07 -12.95
C ARG B 478 -40.17 5.70 -12.56
N ILE B 479 -39.44 5.06 -11.65
CA ILE B 479 -38.16 5.59 -11.19
C ILE B 479 -37.02 4.99 -12.00
N THR B 480 -37.19 3.73 -12.39
CA THR B 480 -36.21 3.02 -13.19
C THR B 480 -35.88 3.75 -14.49
N ASN B 481 -36.90 4.08 -15.26
CA ASN B 481 -36.72 4.76 -16.53
C ASN B 481 -36.00 6.07 -16.37
N GLU B 482 -36.34 6.76 -15.29
CA GLU B 482 -35.78 8.07 -15.00
C GLU B 482 -34.28 8.00 -14.75
N VAL B 483 -33.81 6.94 -14.12
CA VAL B 483 -32.40 6.81 -13.85
C VAL B 483 -31.70 6.51 -15.17
N ARG B 484 -32.34 5.64 -15.94
CA ARG B 484 -31.85 5.25 -17.26
C ARG B 484 -31.65 6.53 -18.03
N ARG B 485 -32.64 7.42 -17.99
CA ARG B 485 -32.54 8.70 -18.68
C ARG B 485 -31.34 9.48 -18.14
N VAL B 486 -31.20 9.54 -16.82
CA VAL B 486 -30.09 10.26 -16.24
C VAL B 486 -28.75 9.84 -16.87
N PHE B 487 -28.49 8.53 -16.90
CA PHE B 487 -27.26 8.06 -17.48
C PHE B 487 -27.12 8.48 -18.94
N ASN B 488 -28.23 8.49 -19.66
CA ASN B 488 -28.20 8.90 -21.06
C ASN B 488 -27.85 10.35 -21.09
N PHE B 489 -28.50 11.14 -20.24
CA PHE B 489 -28.23 12.56 -20.17
C PHE B 489 -26.73 12.80 -20.00
N ILE B 490 -26.11 12.00 -19.15
CA ILE B 490 -24.68 12.15 -18.91
C ILE B 490 -23.84 11.85 -20.15
N GLU B 491 -24.14 10.73 -20.80
CA GLU B 491 -23.38 10.34 -21.98
C GLU B 491 -23.58 11.32 -23.14
N ASN B 492 -24.82 11.73 -23.36
CA ASN B 492 -25.11 12.68 -24.42
C ASN B 492 -26.03 13.77 -23.85
N PRO B 493 -25.45 14.82 -23.26
CA PRO B 493 -26.17 15.95 -22.67
C PRO B 493 -26.56 16.97 -23.74
N TYR B 494 -25.99 16.81 -24.93
CA TYR B 494 -26.27 17.71 -26.05
C TYR B 494 -27.69 17.47 -26.50
N ARG B 495 -28.20 16.29 -26.19
CA ARG B 495 -29.55 15.92 -26.56
C ARG B 495 -30.55 16.40 -25.52
N PRO B 496 -31.70 16.92 -25.99
CA PRO B 496 -32.70 17.41 -25.06
C PRO B 496 -33.19 16.25 -24.16
N VAL B 497 -33.51 16.55 -22.91
CA VAL B 497 -33.97 15.54 -21.98
C VAL B 497 -34.93 16.10 -20.96
N THR B 498 -35.89 15.27 -20.53
CA THR B 498 -36.88 15.69 -19.55
C THR B 498 -37.11 14.60 -18.50
N PHE B 499 -37.37 15.03 -17.25
CA PHE B 499 -37.64 14.09 -16.17
C PHE B 499 -38.99 14.36 -15.53
N ASP B 500 -39.77 13.29 -15.35
CA ASP B 500 -41.10 13.42 -14.75
C ASP B 500 -41.17 13.10 -13.25
N TYR B 501 -40.10 12.53 -12.69
CA TYR B 501 -40.12 12.22 -11.26
C TYR B 501 -38.88 12.68 -10.51
N LEU B 502 -37.73 12.55 -11.14
CA LEU B 502 -36.48 12.93 -10.52
C LEU B 502 -36.23 14.43 -10.67
N MET B 503 -35.54 14.99 -9.67
CA MET B 503 -35.16 16.40 -9.70
C MET B 503 -33.72 16.29 -10.16
N VAL B 504 -33.41 16.78 -11.35
CA VAL B 504 -32.03 16.64 -11.80
C VAL B 504 -31.31 17.95 -12.03
N SER B 505 -30.23 18.15 -11.29
CA SER B 505 -29.44 19.35 -11.45
C SER B 505 -28.38 19.12 -12.54
N PRO B 506 -28.22 20.11 -13.44
CA PRO B 506 -28.99 21.36 -13.41
C PRO B 506 -30.02 21.42 -14.53
N GLN B 507 -30.76 20.34 -14.76
CA GLN B 507 -31.78 20.34 -15.82
C GLN B 507 -33.02 21.06 -15.28
N ASN B 508 -33.72 20.47 -14.30
CA ASN B 508 -34.87 21.17 -13.76
C ASN B 508 -34.61 21.89 -12.46
N SER B 509 -34.44 21.15 -11.36
CA SER B 509 -34.17 21.78 -10.04
C SER B 509 -34.96 23.05 -9.80
N ARG B 510 -34.31 24.17 -10.07
CA ARG B 510 -34.92 25.48 -9.91
C ARG B 510 -36.39 25.45 -10.24
N ARG B 511 -36.69 25.05 -11.48
CA ARG B 511 -38.08 25.00 -11.92
C ARG B 511 -38.86 24.07 -11.01
N LEU B 512 -38.38 22.84 -10.87
CA LEU B 512 -39.04 21.83 -10.05
C LEU B 512 -39.24 22.21 -8.59
N LEU B 513 -38.34 23.03 -8.06
CA LEU B 513 -38.44 23.46 -6.68
C LEU B 513 -39.36 24.66 -6.58
N TYR B 514 -39.09 25.68 -7.38
CA TYR B 514 -39.90 26.89 -7.37
C TYR B 514 -41.37 26.45 -7.45
N GLU B 515 -41.64 25.60 -8.44
CA GLU B 515 -42.98 25.09 -8.65
C GLU B 515 -43.62 24.40 -7.46
N MET B 516 -42.84 23.67 -6.66
CA MET B 516 -43.44 23.01 -5.51
C MET B 516 -43.77 23.99 -4.40
N VAL B 517 -42.86 24.92 -4.18
CA VAL B 517 -43.03 25.95 -3.17
C VAL B 517 -44.21 26.83 -3.59
N ASP B 518 -44.24 27.18 -4.86
CA ASP B 518 -45.30 28.03 -5.37
C ASP B 518 -46.66 27.37 -5.17
N ARG B 519 -46.71 26.05 -5.14
CA ARG B 519 -47.99 25.40 -4.95
C ARG B 519 -48.44 25.45 -3.50
N GLU B 520 -47.51 25.28 -2.56
CA GLU B 520 -47.88 25.35 -1.17
C GLU B 520 -48.39 26.77 -0.94
N ILE B 521 -47.64 27.74 -1.46
CA ILE B 521 -48.02 29.13 -1.34
C ILE B 521 -49.46 29.29 -1.80
N ALA B 522 -49.78 28.66 -2.92
CA ALA B 522 -51.13 28.73 -3.46
C ALA B 522 -52.17 28.15 -2.51
N ASN B 523 -51.93 26.93 -2.02
CA ASN B 523 -52.85 26.28 -1.09
C ASN B 523 -52.98 27.05 0.23
N ALA B 524 -51.92 27.78 0.57
CA ALA B 524 -51.92 28.58 1.80
C ALA B 524 -52.78 29.83 1.61
N GLN B 525 -52.81 30.36 0.38
CA GLN B 525 -53.58 31.56 0.08
C GLN B 525 -55.01 31.14 -0.18
N GLN B 526 -55.31 29.90 0.20
CA GLN B 526 -56.65 29.35 0.07
C GLN B 526 -57.02 28.67 1.37
N GLY B 527 -56.22 28.95 2.39
CA GLY B 527 -56.46 28.39 3.72
C GLY B 527 -56.31 26.88 3.86
N LEU B 528 -55.82 26.20 2.83
CA LEU B 528 -55.63 24.76 2.91
C LEU B 528 -54.37 24.46 3.70
N PRO B 529 -54.14 23.18 4.04
CA PRO B 529 -52.95 22.79 4.78
C PRO B 529 -51.72 22.81 3.89
N SER B 530 -50.74 23.62 4.26
CA SER B 530 -49.51 23.70 3.48
C SER B 530 -48.34 23.49 4.41
N GLY B 531 -47.20 23.14 3.83
CA GLY B 531 -46.01 22.95 4.63
C GLY B 531 -44.74 22.72 3.82
N ILE B 532 -43.63 23.31 4.27
CA ILE B 532 -42.34 23.13 3.60
C ILE B 532 -41.42 22.67 4.72
N THR B 533 -40.85 21.48 4.55
CA THR B 533 -39.94 20.96 5.55
C THR B 533 -38.66 20.47 4.89
N LEU B 534 -37.60 21.24 5.09
CA LEU B 534 -36.31 20.90 4.52
C LEU B 534 -35.28 20.49 5.55
N LYS B 535 -34.43 19.55 5.14
CA LYS B 535 -33.32 19.06 5.94
C LYS B 535 -32.14 19.17 5.00
N LEU B 536 -31.37 20.24 5.15
CA LEU B 536 -30.23 20.49 4.27
C LEU B 536 -28.92 20.69 5.03
N ASN B 537 -27.82 20.75 4.29
CA ASN B 537 -26.53 21.01 4.91
C ASN B 537 -26.30 22.51 4.81
N ASN B 538 -26.87 23.12 3.79
CA ASN B 538 -26.74 24.56 3.59
C ASN B 538 -27.91 25.12 2.80
N LEU B 539 -28.44 26.24 3.31
CA LEU B 539 -29.56 26.91 2.68
C LEU B 539 -29.04 28.30 2.34
N VAL B 540 -28.55 28.47 1.12
CA VAL B 540 -27.98 29.74 0.74
C VAL B 540 -28.52 30.40 -0.51
N ASP B 541 -28.72 29.63 -1.57
CA ASP B 541 -29.20 30.20 -2.82
C ASP B 541 -30.23 31.33 -2.65
N LYS B 542 -29.86 32.51 -3.14
CA LYS B 542 -30.69 33.72 -3.09
C LYS B 542 -32.13 33.37 -3.47
N GLY B 543 -32.33 33.05 -4.74
CA GLY B 543 -33.65 32.72 -5.23
C GLY B 543 -34.46 31.77 -4.36
N LEU B 544 -33.86 30.64 -3.97
CA LEU B 544 -34.57 29.68 -3.15
C LEU B 544 -34.96 30.29 -1.82
N VAL B 545 -34.05 31.06 -1.22
CA VAL B 545 -34.36 31.69 0.06
C VAL B 545 -35.57 32.63 -0.08
N ASP B 546 -35.52 33.57 -1.02
CA ASP B 546 -36.65 34.48 -1.20
C ASP B 546 -37.93 33.69 -1.45
N ARG B 547 -37.82 32.60 -2.21
CA ARG B 547 -38.99 31.76 -2.49
C ARG B 547 -39.60 31.28 -1.17
N LEU B 548 -38.74 31.00 -0.19
CA LEU B 548 -39.19 30.54 1.12
C LEU B 548 -39.82 31.71 1.88
N TYR B 549 -39.14 32.85 1.86
CA TYR B 549 -39.66 34.04 2.53
C TYR B 549 -41.10 34.22 2.04
N ALA B 550 -41.29 34.05 0.74
CA ALA B 550 -42.59 34.19 0.12
C ALA B 550 -43.56 33.18 0.72
N ALA B 551 -43.16 31.91 0.78
CA ALA B 551 -44.02 30.88 1.33
C ALA B 551 -44.46 31.27 2.74
N SER B 552 -43.51 31.69 3.56
CA SER B 552 -43.84 32.08 4.92
C SER B 552 -44.88 33.20 4.97
N SER B 553 -44.64 34.26 4.21
CA SER B 553 -45.53 35.41 4.17
C SER B 553 -46.91 35.08 3.59
N SER B 554 -47.02 33.97 2.87
CA SER B 554 -48.30 33.58 2.31
C SER B 554 -49.00 32.64 3.25
N GLY B 555 -48.44 32.52 4.45
CA GLY B 555 -49.03 31.65 5.45
C GLY B 555 -48.49 30.23 5.49
N VAL B 556 -47.60 29.88 4.57
CA VAL B 556 -47.04 28.52 4.58
C VAL B 556 -46.01 28.34 5.69
N PRO B 557 -46.14 27.25 6.46
CA PRO B 557 -45.27 26.87 7.58
C PRO B 557 -44.00 26.24 7.02
N VAL B 558 -42.84 26.65 7.54
CA VAL B 558 -41.60 26.10 7.03
C VAL B 558 -40.68 25.67 8.17
N ASN B 559 -40.26 24.41 8.13
CA ASN B 559 -39.36 23.86 9.15
C ASN B 559 -38.05 23.46 8.54
N LEU B 560 -37.02 24.19 8.92
CA LEU B 560 -35.69 23.94 8.41
C LEU B 560 -34.79 23.24 9.39
N LEU B 561 -33.94 22.37 8.85
CA LEU B 561 -32.96 21.66 9.64
C LEU B 561 -31.70 21.74 8.80
N VAL B 562 -30.90 22.78 9.03
CA VAL B 562 -29.65 23.02 8.31
C VAL B 562 -28.46 22.89 9.28
N ARG B 563 -27.54 21.96 9.01
CA ARG B 563 -26.42 21.78 9.93
C ARG B 563 -25.30 22.77 9.65
N GLY B 564 -25.21 23.25 8.42
CA GLY B 564 -24.14 24.19 8.09
C GLY B 564 -24.58 25.62 7.92
N MET B 565 -24.33 26.16 6.74
CA MET B 565 -24.67 27.54 6.43
C MET B 565 -26.14 27.76 6.21
N CYS B 566 -26.60 28.94 6.61
CA CYS B 566 -28.00 29.28 6.46
C CYS B 566 -28.19 30.80 6.32
N SER B 567 -28.06 31.30 5.10
CA SER B 567 -28.20 32.73 4.82
C SER B 567 -29.61 33.24 5.10
N LEU B 568 -30.55 32.32 5.35
CA LEU B 568 -31.93 32.73 5.63
C LEU B 568 -32.08 33.08 7.10
N ILE B 569 -32.70 34.23 7.36
CA ILE B 569 -32.93 34.70 8.72
C ILE B 569 -34.34 34.32 9.10
N PRO B 570 -34.49 33.44 10.09
CA PRO B 570 -35.82 33.04 10.51
C PRO B 570 -36.39 34.05 11.51
N ASN B 571 -37.71 34.19 11.51
CA ASN B 571 -38.43 35.12 12.40
C ASN B 571 -38.23 36.59 12.12
N LEU B 572 -38.55 37.00 10.89
CA LEU B 572 -38.45 38.39 10.51
C LEU B 572 -39.84 38.96 10.27
N GLU B 573 -40.29 39.78 11.22
CA GLU B 573 -41.60 40.44 11.19
C GLU B 573 -42.07 40.76 9.77
N GLY B 574 -43.02 39.98 9.28
CA GLY B 574 -43.55 40.20 7.95
C GLY B 574 -42.78 39.53 6.82
N ILE B 575 -41.61 38.97 7.14
CA ILE B 575 -40.80 38.28 6.14
C ILE B 575 -40.81 36.78 6.37
N SER B 576 -40.32 36.35 7.53
CA SER B 576 -40.26 34.94 7.88
C SER B 576 -40.83 34.62 9.26
N ASP B 577 -42.08 35.02 9.49
CA ASP B 577 -42.76 34.82 10.77
C ASP B 577 -43.17 33.38 11.02
N ASN B 578 -43.27 32.61 9.94
CA ASN B 578 -43.63 31.21 10.05
C ASN B 578 -42.49 30.25 9.69
N ILE B 579 -41.25 30.66 9.90
CA ILE B 579 -40.14 29.79 9.56
C ILE B 579 -39.31 29.44 10.77
N ARG B 580 -39.41 28.20 11.21
CA ARG B 580 -38.65 27.71 12.36
C ARG B 580 -37.47 26.88 11.87
N ALA B 581 -36.26 27.26 12.25
CA ALA B 581 -35.06 26.54 11.81
C ALA B 581 -34.04 26.19 12.89
N ILE B 582 -33.58 24.94 12.88
CA ILE B 582 -32.56 24.52 13.84
C ILE B 582 -31.42 23.77 13.16
N SER B 583 -30.34 23.55 13.91
CA SER B 583 -29.16 22.86 13.43
C SER B 583 -28.75 21.79 14.42
N ILE B 584 -28.50 20.58 13.93
CA ILE B 584 -28.05 19.51 14.80
C ILE B 584 -26.66 19.08 14.38
N VAL B 585 -25.70 19.31 15.26
CA VAL B 585 -24.32 18.93 15.02
C VAL B 585 -24.05 17.86 16.08
N ASP B 586 -23.88 16.62 15.62
CA ASP B 586 -23.66 15.49 16.51
C ASP B 586 -22.49 14.66 15.94
N ARG B 587 -22.34 13.42 16.39
CA ARG B 587 -21.27 12.54 15.93
C ARG B 587 -21.19 12.48 14.42
N TYR B 588 -22.22 11.89 13.83
CA TYR B 588 -22.32 11.69 12.39
C TYR B 588 -22.46 12.97 11.58
N LEU B 589 -22.19 12.86 10.27
CA LEU B 589 -22.28 13.97 9.35
C LEU B 589 -23.49 13.79 8.42
N GLU B 590 -24.38 14.79 8.38
CA GLU B 590 -25.56 14.73 7.52
C GLU B 590 -25.10 14.83 6.05
N HIS B 591 -25.40 13.82 5.24
CA HIS B 591 -25.00 13.85 3.85
C HIS B 591 -26.28 13.56 3.02
N ASP B 592 -27.39 13.51 3.72
CA ASP B 592 -28.69 13.27 3.20
C ASP B 592 -29.53 14.51 3.30
N ARG B 593 -29.85 15.11 2.14
CA ARG B 593 -30.82 16.18 2.29
C ARG B 593 -32.20 15.73 1.84
N VAL B 594 -33.21 15.99 2.67
CA VAL B 594 -34.58 15.70 2.34
C VAL B 594 -35.31 16.98 1.96
N TYR B 595 -36.41 16.82 1.27
CA TYR B 595 -37.36 17.84 0.87
C TYR B 595 -38.77 17.30 1.19
N ILE B 596 -39.66 18.00 1.87
CA ILE B 596 -41.00 17.47 2.16
C ILE B 596 -42.01 18.58 1.94
N PHE B 597 -42.98 18.34 1.07
CA PHE B 597 -44.02 19.33 0.79
C PHE B 597 -45.37 18.75 1.16
N GLU B 598 -46.21 19.55 1.80
CA GLU B 598 -47.54 19.08 2.20
C GLU B 598 -48.35 18.67 0.98
N ASN B 599 -48.30 19.48 -0.07
CA ASN B 599 -49.01 19.20 -1.31
C ASN B 599 -50.45 18.79 -0.99
N GLY B 600 -51.23 19.74 -0.50
CA GLY B 600 -52.58 19.44 -0.13
C GLY B 600 -52.54 18.58 1.12
N GLY B 601 -52.81 17.29 0.96
CA GLY B 601 -52.77 16.39 2.10
C GLY B 601 -51.85 15.25 1.74
N ASP B 602 -51.71 15.02 0.45
CA ASP B 602 -50.86 13.96 -0.08
C ASP B 602 -49.43 14.49 -0.13
N LYS B 603 -48.69 14.28 0.95
CA LYS B 603 -47.32 14.76 1.07
C LYS B 603 -46.32 14.18 0.06
N LYS B 604 -45.48 15.05 -0.49
CA LYS B 604 -44.44 14.61 -1.42
C LYS B 604 -43.15 14.62 -0.60
N VAL B 605 -42.43 13.50 -0.61
CA VAL B 605 -41.19 13.38 0.15
C VAL B 605 -40.00 13.04 -0.75
N TYR B 606 -39.06 13.98 -0.86
CA TYR B 606 -37.87 13.77 -1.69
C TYR B 606 -36.62 13.52 -0.87
N LEU B 607 -35.80 12.61 -1.40
CA LEU B 607 -34.50 12.28 -0.83
C LEU B 607 -33.55 12.87 -1.87
N SER B 608 -32.77 13.87 -1.47
CA SER B 608 -31.86 14.50 -2.42
C SER B 608 -30.42 14.44 -2.00
N SER B 609 -29.55 14.92 -2.88
CA SER B 609 -28.13 14.96 -2.60
C SER B 609 -27.66 16.40 -2.68
N ALA B 610 -28.58 17.28 -3.04
CA ALA B 610 -28.27 18.69 -3.21
C ALA B 610 -28.78 19.65 -2.14
N ASP B 611 -27.90 20.56 -1.73
CA ASP B 611 -28.23 21.60 -0.77
C ASP B 611 -28.85 22.74 -1.57
N TRP B 612 -29.60 23.60 -0.90
CA TRP B 612 -30.19 24.73 -1.58
C TRP B 612 -29.12 25.81 -1.65
N MET B 613 -28.18 25.58 -2.57
CA MET B 613 -27.08 26.47 -2.84
C MET B 613 -27.02 26.54 -4.35
N THR B 614 -26.70 27.72 -4.88
CA THR B 614 -26.64 27.93 -6.31
C THR B 614 -25.86 26.85 -7.06
N ARG B 615 -24.64 26.56 -6.62
CA ARG B 615 -23.85 25.54 -7.31
C ARG B 615 -24.50 24.16 -7.32
N ASN B 616 -25.45 23.90 -6.43
CA ASN B 616 -26.09 22.59 -6.42
C ASN B 616 -27.38 22.53 -7.22
N ILE B 617 -27.87 23.69 -7.64
CA ILE B 617 -29.09 23.74 -8.41
C ILE B 617 -28.80 23.96 -9.87
N ASP B 618 -27.76 24.75 -10.14
CA ASP B 618 -27.41 25.11 -11.51
C ASP B 618 -26.08 24.71 -12.11
N TYR B 619 -25.14 24.20 -11.33
CA TYR B 619 -23.86 23.88 -11.94
C TYR B 619 -23.33 22.45 -11.80
N ARG B 620 -23.94 21.65 -10.93
CA ARG B 620 -23.49 20.26 -10.77
C ARG B 620 -24.60 19.29 -11.08
N ILE B 621 -24.25 18.02 -11.20
CA ILE B 621 -25.23 16.98 -11.44
C ILE B 621 -25.72 16.44 -10.11
N GLU B 622 -26.96 16.78 -9.80
CA GLU B 622 -27.58 16.35 -8.55
C GLU B 622 -28.85 15.55 -8.85
N VAL B 623 -29.22 14.71 -7.90
CA VAL B 623 -30.41 13.90 -8.06
C VAL B 623 -31.21 13.81 -6.77
N ALA B 624 -32.50 14.10 -6.87
CA ALA B 624 -33.42 14.02 -5.74
C ALA B 624 -34.54 13.07 -6.17
N THR B 625 -34.93 12.15 -5.31
CA THR B 625 -35.97 11.19 -5.66
C THR B 625 -37.23 11.25 -4.85
N PRO B 626 -38.38 11.14 -5.50
CA PRO B 626 -39.61 11.18 -4.71
C PRO B 626 -39.83 9.75 -4.20
N LEU B 627 -40.51 9.62 -3.06
CA LEU B 627 -40.75 8.29 -2.52
C LEU B 627 -42.16 7.83 -2.87
N LEU B 628 -42.28 7.18 -4.02
CA LEU B 628 -43.56 6.68 -4.49
C LEU B 628 -44.18 5.64 -3.56
N ASP B 629 -43.34 4.86 -2.86
CA ASP B 629 -43.87 3.88 -1.93
C ASP B 629 -44.26 4.51 -0.60
N PRO B 630 -45.56 4.57 -0.29
CA PRO B 630 -46.01 5.17 0.96
C PRO B 630 -45.39 4.57 2.22
N ARG B 631 -44.95 3.31 2.15
CA ARG B 631 -44.32 2.70 3.30
C ARG B 631 -43.00 3.41 3.58
N LEU B 632 -42.18 3.52 2.55
CA LEU B 632 -40.90 4.19 2.68
C LEU B 632 -41.07 5.69 2.94
N LYS B 633 -42.10 6.26 2.35
CA LYS B 633 -42.39 7.68 2.53
C LYS B 633 -42.63 7.92 4.02
N GLN B 634 -43.28 6.96 4.67
CA GLN B 634 -43.59 7.05 6.09
C GLN B 634 -42.36 7.00 6.98
N ARG B 635 -41.49 6.04 6.71
CA ARG B 635 -40.27 5.86 7.46
C ARG B 635 -39.45 7.15 7.48
N VAL B 636 -39.28 7.75 6.31
CA VAL B 636 -38.51 8.98 6.23
C VAL B 636 -39.19 10.02 7.11
N LEU B 637 -40.52 10.05 7.08
CA LEU B 637 -41.30 11.00 7.85
C LEU B 637 -41.09 10.84 9.35
N ASP B 638 -40.95 9.59 9.82
CA ASP B 638 -40.72 9.32 11.24
C ASP B 638 -39.36 9.85 11.62
N ILE B 639 -38.34 9.45 10.85
CA ILE B 639 -36.98 9.88 11.06
C ILE B 639 -36.91 11.39 11.15
N ILE B 640 -37.54 12.07 10.20
CA ILE B 640 -37.55 13.53 10.23
C ILE B 640 -38.24 14.01 11.51
N ASP B 641 -39.12 13.19 12.07
CA ASP B 641 -39.81 13.56 13.31
C ASP B 641 -38.87 13.47 14.51
N ILE B 642 -38.11 12.38 14.55
CA ILE B 642 -37.16 12.16 15.62
C ILE B 642 -36.20 13.31 15.60
N LEU B 643 -35.75 13.65 14.40
CA LEU B 643 -34.81 14.73 14.23
C LEU B 643 -35.33 16.03 14.83
N PHE B 644 -36.44 16.54 14.30
CA PHE B 644 -37.01 17.78 14.82
C PHE B 644 -37.52 17.67 16.25
N SER B 645 -37.39 16.48 16.83
CA SER B 645 -37.83 16.26 18.21
C SER B 645 -36.63 16.24 19.15
N ASP B 646 -35.45 16.46 18.59
CA ASP B 646 -34.21 16.46 19.34
C ASP B 646 -34.24 17.57 20.38
N THR B 647 -33.65 17.29 21.54
CA THR B 647 -33.58 18.26 22.63
C THR B 647 -32.28 18.03 23.37
N VAL B 648 -31.23 17.72 22.64
CA VAL B 648 -29.92 17.49 23.23
C VAL B 648 -28.80 18.10 22.39
N LYS B 649 -28.98 18.06 21.07
CA LYS B 649 -27.99 18.58 20.14
C LYS B 649 -28.53 19.69 19.24
N ALA B 650 -29.84 19.79 19.18
CA ALA B 650 -30.49 20.82 18.37
C ALA B 650 -30.19 22.24 18.88
N ARG B 651 -29.90 23.13 17.94
CA ARG B 651 -29.60 24.50 18.26
C ARG B 651 -30.45 25.41 17.41
N TYR B 652 -30.71 26.61 17.89
CA TYR B 652 -31.52 27.55 17.16
C TYR B 652 -30.74 28.33 16.14
N ILE B 653 -31.39 28.68 15.06
CA ILE B 653 -30.75 29.49 14.04
C ILE B 653 -31.44 30.84 14.22
N ASP B 654 -30.67 31.88 14.49
CA ASP B 654 -31.25 33.19 14.69
C ASP B 654 -30.45 34.26 13.94
N LYS B 655 -31.02 35.45 13.81
CA LYS B 655 -30.29 36.52 13.11
C LYS B 655 -29.17 37.05 13.99
N GLU B 656 -28.98 36.39 15.14
CA GLU B 656 -27.94 36.75 16.11
C GLU B 656 -26.82 35.73 16.12
N LEU B 657 -26.99 34.66 15.36
CA LEU B 657 -25.99 33.59 15.30
C LEU B 657 -25.58 33.15 16.68
N SER B 658 -26.55 33.11 17.58
CA SER B 658 -26.31 32.73 18.96
C SER B 658 -26.02 31.26 19.22
N ASN B 659 -26.47 30.38 18.34
CA ASN B 659 -26.26 28.95 18.52
C ASN B 659 -26.78 28.48 19.88
N ARG B 660 -27.93 29.01 20.32
CA ARG B 660 -28.50 28.60 21.60
C ARG B 660 -29.07 27.20 21.40
N TYR B 661 -29.10 26.39 22.46
CA TYR B 661 -29.63 25.03 22.38
C TYR B 661 -31.16 24.98 22.52
N VAL B 662 -31.84 24.24 21.66
CA VAL B 662 -33.28 24.10 21.76
C VAL B 662 -33.53 23.54 23.15
N PRO B 663 -34.33 24.27 23.95
CA PRO B 663 -34.66 23.87 25.32
C PRO B 663 -35.70 22.78 25.35
N ARG B 664 -35.54 21.81 26.24
CA ARG B 664 -36.53 20.76 26.32
C ARG B 664 -37.64 21.24 27.24
N GLY B 665 -38.79 21.53 26.64
CA GLY B 665 -39.90 21.98 27.46
C GLY B 665 -40.32 20.78 28.28
N ASN B 666 -41.63 20.62 28.47
CA ASN B 666 -42.11 19.47 29.23
C ASN B 666 -42.02 18.25 28.32
N ARG B 667 -41.37 18.43 27.18
CA ARG B 667 -41.20 17.35 26.21
C ARG B 667 -40.05 16.42 26.60
N ARG B 668 -40.03 15.25 25.97
CA ARG B 668 -39.02 14.23 26.25
C ARG B 668 -37.61 14.61 25.83
N LYS B 669 -36.66 13.97 26.48
CA LYS B 669 -35.26 14.19 26.18
C LYS B 669 -34.90 13.26 25.03
N VAL B 670 -34.64 13.82 23.86
CA VAL B 670 -34.30 13.02 22.69
C VAL B 670 -32.98 13.44 22.06
N ARG B 671 -32.23 12.46 21.56
CA ARG B 671 -30.97 12.70 20.88
C ARG B 671 -31.12 11.94 19.56
N ALA B 672 -31.72 12.64 18.59
CA ALA B 672 -32.01 12.09 17.27
C ALA B 672 -31.05 11.02 16.80
N GLN B 673 -29.81 11.41 16.54
CA GLN B 673 -28.82 10.47 16.05
C GLN B 673 -28.76 9.15 16.83
N LEU B 674 -29.32 9.12 18.03
CA LEU B 674 -29.31 7.89 18.81
C LEU B 674 -30.66 7.23 18.71
N ALA B 675 -31.70 8.06 18.78
CA ALA B 675 -33.06 7.61 18.65
C ALA B 675 -33.22 6.99 17.24
N ILE B 676 -32.60 7.62 16.23
CA ILE B 676 -32.68 7.10 14.87
C ILE B 676 -32.25 5.64 14.87
N TYR B 677 -31.24 5.35 15.68
CA TYR B 677 -30.71 3.99 15.73
C TYR B 677 -31.73 3.01 16.27
N ASP B 678 -32.39 3.38 17.36
CA ASP B 678 -33.38 2.51 17.96
C ASP B 678 -34.57 2.33 17.01
N TYR B 679 -34.85 3.36 16.22
CA TYR B 679 -35.95 3.31 15.26
C TYR B 679 -35.63 2.24 14.21
N ILE B 680 -34.44 2.35 13.62
CA ILE B 680 -34.02 1.37 12.64
C ILE B 680 -33.96 0.00 13.32
N LYS B 681 -33.23 -0.06 14.44
CA LYS B 681 -33.07 -1.30 15.19
C LYS B 681 -34.40 -2.01 15.38
N SER B 682 -35.45 -1.25 15.66
CA SER B 682 -36.75 -1.84 15.87
C SER B 682 -37.35 -2.36 14.56
N LEU B 683 -36.90 -1.83 13.43
CA LEU B 683 -37.42 -2.28 12.14
C LEU B 683 -36.79 -3.58 11.74
N GLU B 684 -35.66 -3.91 12.32
CA GLU B 684 -35.00 -5.15 11.96
C GLU B 684 -35.20 -6.27 12.95
N GLN B 685 -36.28 -6.17 13.74
CA GLN B 685 -36.59 -7.22 14.70
C GLN B 685 -37.37 -8.27 13.92
N PRO B 686 -37.04 -9.57 14.14
CA PRO B 686 -37.69 -10.70 13.46
C PRO B 686 -39.21 -10.57 13.26
N GLU B 687 -39.64 -10.59 11.99
CA GLU B 687 -41.06 -10.47 11.65
C GLU B 687 -41.86 -11.62 12.26
#